data_2MIO
#
_entry.id   2MIO
#
_entity_poly.entity_id   1
_entity_poly.type   'polypeptide(L)'
_entity_poly.pdbx_seq_one_letter_code
;MGHHHHHHSHMIRSRKARAVYPCEAEHSSELSFEIGAIFEDVQTSREPGWLEGTLNGKRGLIPQNYVKLL
;
_entity_poly.pdbx_strand_id   A
#
# COMPACT_ATOMS: atom_id res chain seq x y z
N MET A 1 -15.27 -2.60 -22.60
CA MET A 1 -14.12 -2.55 -21.67
C MET A 1 -12.85 -3.05 -22.38
N GLY A 2 -12.08 -2.11 -22.93
CA GLY A 2 -10.82 -2.41 -23.64
C GLY A 2 -9.75 -1.39 -23.31
N HIS A 3 -9.79 -0.85 -22.08
CA HIS A 3 -8.83 0.16 -21.60
C HIS A 3 -8.47 -0.13 -20.14
N HIS A 4 -7.19 0.01 -19.80
CA HIS A 4 -6.70 -0.18 -18.42
C HIS A 4 -6.53 1.20 -17.75
N HIS A 5 -7.11 1.34 -16.54
CA HIS A 5 -7.03 2.60 -15.74
C HIS A 5 -5.59 2.90 -15.30
N HIS A 6 -4.81 1.84 -15.12
CA HIS A 6 -3.42 1.94 -14.68
C HIS A 6 -2.49 2.20 -15.89
N HIS A 7 -2.31 3.50 -16.18
CA HIS A 7 -1.40 3.99 -17.22
C HIS A 7 -0.08 4.48 -16.60
N HIS A 8 0.91 4.76 -17.45
CA HIS A 8 2.25 5.26 -17.02
C HIS A 8 2.20 6.77 -16.75
N SER A 9 1.31 7.49 -17.47
CA SER A 9 1.14 8.95 -17.32
C SER A 9 0.38 9.31 -16.02
N HIS A 10 -0.25 8.30 -15.38
CA HIS A 10 -1.05 8.48 -14.15
C HIS A 10 -0.68 7.39 -13.13
N MET A 11 -0.09 7.80 -11.97
CA MET A 11 0.28 6.87 -10.87
C MET A 11 -0.09 7.45 -9.49
N ILE A 12 -0.79 8.61 -9.48
CA ILE A 12 -1.25 9.26 -8.24
C ILE A 12 -2.62 8.65 -7.87
N ARG A 13 -2.69 7.96 -6.70
CA ARG A 13 -3.87 7.15 -6.28
C ARG A 13 -3.99 5.87 -7.16
N SER A 14 -4.75 4.87 -6.65
CA SER A 14 -5.14 3.65 -7.40
C SER A 14 -3.93 2.72 -7.63
N ARG A 15 -2.89 2.88 -6.78
CA ARG A 15 -1.60 2.17 -6.93
C ARG A 15 -1.71 0.70 -6.52
N LYS A 16 -0.80 -0.10 -7.09
CA LYS A 16 -0.55 -1.49 -6.69
C LYS A 16 0.88 -1.60 -6.19
N ALA A 17 1.09 -2.48 -5.23
CA ALA A 17 2.43 -2.83 -4.73
C ALA A 17 2.47 -4.33 -4.48
N ARG A 18 3.60 -4.95 -4.84
CA ARG A 18 3.84 -6.36 -4.56
C ARG A 18 4.92 -6.46 -3.50
N ALA A 19 4.59 -7.09 -2.38
CA ALA A 19 5.52 -7.32 -1.27
C ALA A 19 6.71 -8.17 -1.76
N VAL A 20 7.91 -7.58 -1.78
CA VAL A 20 9.15 -8.26 -2.16
C VAL A 20 9.89 -8.80 -0.92
N TYR A 21 9.56 -8.23 0.25
CA TYR A 21 10.03 -8.72 1.56
C TYR A 21 8.80 -8.97 2.47
N PRO A 22 8.82 -10.01 3.36
CA PRO A 22 7.71 -10.27 4.31
C PRO A 22 7.76 -9.33 5.55
N CYS A 23 6.59 -8.80 5.96
CA CYS A 23 6.43 -7.96 7.16
C CYS A 23 5.63 -8.73 8.22
N GLU A 24 6.32 -9.35 9.18
CA GLU A 24 5.69 -9.99 10.34
C GLU A 24 5.49 -8.89 11.41
N ALA A 25 4.37 -8.16 11.31
CA ALA A 25 4.11 -6.95 12.13
C ALA A 25 3.51 -7.32 13.50
N GLU A 26 3.76 -6.45 14.51
CA GLU A 26 3.39 -6.73 15.93
C GLU A 26 2.21 -5.86 16.40
N HIS A 27 1.93 -4.76 15.68
CA HIS A 27 0.85 -3.82 16.01
C HIS A 27 -0.31 -3.96 15.02
N SER A 28 -1.55 -3.70 15.52
CA SER A 28 -2.82 -3.86 14.79
C SER A 28 -2.87 -3.04 13.49
N SER A 29 -2.41 -1.77 13.59
CA SER A 29 -2.42 -0.82 12.46
C SER A 29 -1.55 -1.30 11.31
N GLU A 30 -0.40 -1.90 11.66
CA GLU A 30 0.58 -2.40 10.69
C GLU A 30 0.04 -3.67 10.01
N LEU A 31 0.04 -3.70 8.67
CA LEU A 31 -0.33 -4.90 7.91
C LEU A 31 0.83 -5.92 7.93
N SER A 32 0.49 -7.13 8.36
CA SER A 32 1.37 -8.31 8.24
C SER A 32 1.12 -8.98 6.89
N PHE A 33 2.20 -9.50 6.26
CA PHE A 33 2.14 -10.05 4.91
C PHE A 33 3.43 -10.82 4.56
N GLU A 34 3.33 -11.63 3.51
CA GLU A 34 4.45 -12.39 2.92
C GLU A 34 4.75 -11.86 1.51
N ILE A 35 5.81 -12.40 0.90
CA ILE A 35 6.22 -12.05 -0.47
C ILE A 35 5.15 -12.49 -1.48
N GLY A 36 4.77 -11.57 -2.39
CA GLY A 36 3.77 -11.82 -3.42
C GLY A 36 2.49 -11.02 -3.19
N ALA A 37 2.24 -10.67 -1.91
CA ALA A 37 1.03 -9.96 -1.46
C ALA A 37 0.86 -8.64 -2.21
N ILE A 38 -0.21 -8.56 -3.01
CA ILE A 38 -0.58 -7.34 -3.75
C ILE A 38 -1.46 -6.44 -2.85
N PHE A 39 -1.24 -5.11 -2.92
CA PHE A 39 -1.99 -4.11 -2.13
C PHE A 39 -2.71 -3.15 -3.09
N GLU A 40 -3.98 -2.82 -2.78
CA GLU A 40 -4.82 -1.96 -3.62
C GLU A 40 -4.88 -0.54 -3.04
N ASP A 41 -4.73 0.45 -3.94
CA ASP A 41 -4.62 1.89 -3.61
C ASP A 41 -3.51 2.13 -2.56
N VAL A 42 -2.27 1.95 -2.99
CA VAL A 42 -1.09 2.21 -2.14
C VAL A 42 -0.72 3.69 -2.23
N GLN A 43 -0.74 4.38 -1.10
CA GLN A 43 -0.46 5.82 -1.02
C GLN A 43 0.49 6.07 0.15
N THR A 44 1.09 7.26 0.21
CA THR A 44 2.04 7.63 1.28
C THR A 44 1.30 7.81 2.62
N SER A 45 1.91 7.33 3.72
CA SER A 45 1.36 7.47 5.08
C SER A 45 1.94 8.73 5.76
N ARG A 46 1.39 9.05 6.93
CA ARG A 46 1.88 10.13 7.81
C ARG A 46 3.08 9.65 8.65
N GLU A 47 3.21 8.32 8.79
CA GLU A 47 4.41 7.67 9.37
C GLU A 47 5.55 7.65 8.33
N PRO A 48 6.80 8.11 8.70
CA PRO A 48 7.91 8.30 7.72
C PRO A 48 8.44 6.96 7.15
N GLY A 49 8.36 6.81 5.81
CA GLY A 49 8.80 5.59 5.13
C GLY A 49 7.79 4.46 5.15
N TRP A 50 6.55 4.78 5.59
CA TRP A 50 5.43 3.82 5.61
C TRP A 50 4.40 4.23 4.55
N LEU A 51 3.64 3.26 4.06
CA LEU A 51 2.58 3.44 3.06
C LEU A 51 1.28 2.86 3.63
N GLU A 52 0.13 3.32 3.12
CA GLU A 52 -1.19 2.74 3.46
C GLU A 52 -1.83 2.22 2.18
N GLY A 53 -2.24 0.95 2.23
CA GLY A 53 -2.82 0.23 1.10
C GLY A 53 -3.67 -0.92 1.61
N THR A 54 -4.54 -1.45 0.76
CA THR A 54 -5.57 -2.41 1.19
C THR A 54 -5.08 -3.86 0.93
N LEU A 55 -5.21 -4.72 1.93
CA LEU A 55 -4.74 -6.11 1.90
C LEU A 55 -5.83 -6.98 2.56
N ASN A 56 -6.47 -7.84 1.73
CA ASN A 56 -7.54 -8.79 2.16
C ASN A 56 -8.83 -8.06 2.63
N GLY A 57 -8.89 -6.74 2.37
CA GLY A 57 -10.01 -5.89 2.79
C GLY A 57 -9.64 -4.93 3.92
N LYS A 58 -8.34 -4.85 4.28
CA LYS A 58 -7.86 -4.00 5.40
C LYS A 58 -6.71 -3.07 4.97
N ARG A 59 -6.83 -1.77 5.26
CA ARG A 59 -5.75 -0.80 5.02
C ARG A 59 -4.93 -0.61 6.33
N GLY A 60 -3.64 -0.32 6.20
CA GLY A 60 -2.79 -0.07 7.35
C GLY A 60 -1.35 0.24 6.96
N LEU A 61 -0.46 0.21 7.97
CA LEU A 61 0.96 0.50 7.80
C LEU A 61 1.69 -0.63 7.07
N ILE A 62 2.23 -0.27 5.91
CA ILE A 62 3.01 -1.15 5.04
C ILE A 62 4.43 -0.56 4.96
N PRO A 63 5.51 -1.37 5.20
CA PRO A 63 6.89 -0.91 4.96
C PRO A 63 7.15 -0.72 3.44
N GLN A 64 7.47 0.53 3.06
CA GLN A 64 7.72 0.97 1.67
C GLN A 64 8.87 0.16 1.01
N ASN A 65 9.88 -0.13 1.83
CA ASN A 65 11.07 -0.94 1.47
C ASN A 65 10.70 -2.41 1.21
N TYR A 66 9.63 -2.90 1.87
CA TYR A 66 9.17 -4.31 1.77
C TYR A 66 8.23 -4.52 0.57
N VAL A 67 7.83 -3.42 -0.11
CA VAL A 67 6.91 -3.50 -1.26
C VAL A 67 7.46 -2.74 -2.48
N LYS A 68 7.08 -3.18 -3.68
CA LYS A 68 7.57 -2.59 -4.93
C LYS A 68 6.35 -2.27 -5.82
N LEU A 69 6.11 -0.96 -6.04
CA LEU A 69 4.95 -0.46 -6.80
C LEU A 69 4.93 -1.03 -8.23
N LEU A 70 3.87 -1.78 -8.56
CA LEU A 70 3.71 -2.41 -9.88
C LEU A 70 3.49 -1.32 -10.97
N MET A 1 11.44 21.30 -3.75
CA MET A 1 11.05 19.94 -4.20
C MET A 1 9.53 19.79 -4.15
N GLY A 2 8.99 18.86 -4.97
CA GLY A 2 7.57 18.57 -5.03
C GLY A 2 7.32 17.15 -5.51
N HIS A 3 6.44 16.42 -4.80
CA HIS A 3 6.05 15.04 -5.17
C HIS A 3 5.25 15.01 -6.49
N HIS A 4 4.60 16.15 -6.80
CA HIS A 4 3.80 16.36 -8.02
C HIS A 4 4.65 16.13 -9.30
N HIS A 5 5.89 16.68 -9.29
CA HIS A 5 6.83 16.74 -10.45
C HIS A 5 6.47 17.91 -11.41
N HIS A 6 7.53 18.66 -11.82
CA HIS A 6 7.44 19.79 -12.74
C HIS A 6 7.42 19.24 -14.19
N HIS A 7 6.19 19.06 -14.74
CA HIS A 7 5.90 18.32 -16.00
C HIS A 7 6.21 16.80 -15.84
N HIS A 8 5.73 15.98 -16.81
CA HIS A 8 5.80 14.49 -16.74
C HIS A 8 5.08 14.00 -15.45
N SER A 9 4.08 14.80 -15.00
CA SER A 9 3.39 14.61 -13.73
C SER A 9 2.33 13.49 -13.88
N HIS A 10 2.79 12.25 -13.70
CA HIS A 10 1.96 11.05 -13.73
C HIS A 10 0.99 11.03 -12.55
N MET A 11 -0.30 11.25 -12.84
CA MET A 11 -1.38 11.29 -11.86
C MET A 11 -1.65 9.88 -11.28
N ILE A 12 -1.13 9.65 -10.06
CA ILE A 12 -1.35 8.42 -9.29
C ILE A 12 -2.63 8.59 -8.45
N ARG A 13 -3.65 7.79 -8.74
CA ARG A 13 -4.86 7.65 -7.92
C ARG A 13 -5.06 6.16 -7.63
N SER A 14 -4.92 5.76 -6.36
CA SER A 14 -5.06 4.36 -5.91
C SER A 14 -4.02 3.45 -6.60
N ARG A 15 -2.78 3.43 -6.08
CA ARG A 15 -1.67 2.67 -6.66
C ARG A 15 -1.76 1.17 -6.27
N LYS A 16 -0.96 0.34 -6.95
CA LYS A 16 -0.74 -1.06 -6.58
C LYS A 16 0.69 -1.22 -6.06
N ALA A 17 0.88 -2.21 -5.19
CA ALA A 17 2.20 -2.61 -4.67
C ALA A 17 2.28 -4.13 -4.63
N ARG A 18 3.50 -4.65 -4.51
CA ARG A 18 3.76 -6.09 -4.40
C ARG A 18 4.80 -6.31 -3.31
N ALA A 19 4.43 -7.07 -2.28
CA ALA A 19 5.35 -7.47 -1.23
C ALA A 19 6.48 -8.33 -1.83
N VAL A 20 7.72 -7.86 -1.68
CA VAL A 20 8.92 -8.54 -2.17
C VAL A 20 9.67 -9.22 -1.01
N TYR A 21 9.30 -8.89 0.25
CA TYR A 21 9.84 -9.57 1.46
C TYR A 21 8.66 -9.91 2.40
N PRO A 22 8.73 -11.05 3.18
CA PRO A 22 7.71 -11.35 4.21
C PRO A 22 7.94 -10.56 5.53
N CYS A 23 7.07 -9.59 5.76
CA CYS A 23 7.13 -8.71 6.95
C CYS A 23 6.06 -9.13 7.96
N GLU A 24 6.50 -9.35 9.21
CA GLU A 24 5.60 -9.62 10.35
C GLU A 24 5.28 -8.30 11.05
N ALA A 25 4.00 -8.10 11.39
CA ALA A 25 3.53 -6.88 12.08
C ALA A 25 3.71 -7.04 13.59
N GLU A 26 4.47 -6.13 14.20
CA GLU A 26 4.65 -6.04 15.66
C GLU A 26 3.42 -5.37 16.31
N HIS A 27 2.81 -4.43 15.56
CA HIS A 27 1.63 -3.66 15.99
C HIS A 27 0.44 -4.01 15.10
N SER A 28 -0.78 -3.97 15.66
CA SER A 28 -2.03 -4.22 14.92
C SER A 28 -2.28 -3.15 13.81
N SER A 29 -1.65 -1.98 14.00
CA SER A 29 -1.66 -0.86 13.04
C SER A 29 -0.98 -1.26 11.72
N GLU A 30 0.11 -2.04 11.85
CA GLU A 30 0.94 -2.49 10.73
C GLU A 30 0.28 -3.68 10.03
N LEU A 31 0.51 -3.82 8.73
CA LEU A 31 0.08 -5.00 7.96
C LEU A 31 1.23 -6.00 7.86
N SER A 32 0.90 -7.25 8.17
CA SER A 32 1.79 -8.41 7.98
C SER A 32 1.48 -9.03 6.60
N PHE A 33 2.53 -9.53 5.90
CA PHE A 33 2.42 -9.98 4.50
C PHE A 33 3.61 -10.84 4.09
N GLU A 34 3.47 -11.53 2.94
CA GLU A 34 4.48 -12.43 2.34
C GLU A 34 4.72 -12.05 0.87
N ILE A 35 5.78 -12.60 0.25
CA ILE A 35 6.13 -12.30 -1.16
C ILE A 35 4.99 -12.70 -2.11
N GLY A 36 4.47 -11.70 -2.87
CA GLY A 36 3.36 -11.90 -3.81
C GLY A 36 2.08 -11.20 -3.34
N ALA A 37 2.10 -10.68 -2.10
CA ALA A 37 0.97 -9.93 -1.53
C ALA A 37 0.77 -8.61 -2.27
N ILE A 38 -0.23 -8.57 -3.16
CA ILE A 38 -0.57 -7.35 -3.91
C ILE A 38 -1.48 -6.46 -3.04
N PHE A 39 -1.17 -5.16 -3.00
CA PHE A 39 -1.92 -4.16 -2.24
C PHE A 39 -2.59 -3.19 -3.21
N GLU A 40 -3.86 -2.88 -2.97
CA GLU A 40 -4.58 -1.84 -3.74
C GLU A 40 -4.66 -0.55 -2.92
N ASP A 41 -4.96 0.57 -3.61
CA ASP A 41 -5.23 1.89 -2.97
C ASP A 41 -3.96 2.43 -2.27
N VAL A 42 -2.79 2.00 -2.77
CA VAL A 42 -1.50 2.34 -2.15
C VAL A 42 -1.20 3.84 -2.32
N GLN A 43 -1.02 4.50 -1.18
CA GLN A 43 -0.66 5.92 -1.08
C GLN A 43 0.50 6.02 -0.07
N THR A 44 1.06 7.21 0.08
CA THR A 44 2.03 7.50 1.14
C THR A 44 1.25 8.02 2.37
N SER A 45 1.67 7.64 3.57
CA SER A 45 1.03 8.08 4.82
C SER A 45 1.72 9.35 5.36
N ARG A 46 1.27 9.81 6.53
CA ARG A 46 1.90 10.92 7.28
C ARG A 46 3.31 10.53 7.80
N GLU A 47 3.54 9.21 7.95
CA GLU A 47 4.75 8.66 8.57
C GLU A 47 5.89 8.40 7.54
N PRO A 48 7.19 8.62 7.96
CA PRO A 48 8.37 8.45 7.08
C PRO A 48 8.59 6.98 6.61
N GLY A 49 8.34 6.74 5.32
CA GLY A 49 8.54 5.41 4.71
C GLY A 49 7.38 4.46 4.96
N TRP A 50 6.26 4.99 5.47
CA TRP A 50 5.05 4.21 5.68
C TRP A 50 4.03 4.54 4.58
N LEU A 51 3.35 3.51 4.11
CA LEU A 51 2.34 3.60 3.05
C LEU A 51 1.01 3.13 3.63
N GLU A 52 -0.10 3.53 3.02
CA GLU A 52 -1.43 2.99 3.35
C GLU A 52 -1.98 2.27 2.12
N GLY A 53 -2.29 0.98 2.27
CA GLY A 53 -2.74 0.13 1.18
C GLY A 53 -3.53 -1.05 1.71
N THR A 54 -4.34 -1.65 0.86
CA THR A 54 -5.36 -2.63 1.22
C THR A 54 -4.91 -4.05 0.80
N LEU A 55 -4.84 -4.96 1.79
CA LEU A 55 -4.50 -6.37 1.57
C LEU A 55 -5.70 -7.21 2.01
N ASN A 56 -6.32 -7.92 1.04
CA ASN A 56 -7.45 -8.85 1.30
C ASN A 56 -8.67 -8.11 1.92
N GLY A 57 -8.80 -6.80 1.62
CA GLY A 57 -9.90 -5.97 2.14
C GLY A 57 -9.58 -5.28 3.46
N LYS A 58 -8.30 -5.27 3.85
CA LYS A 58 -7.82 -4.69 5.13
C LYS A 58 -6.71 -3.68 4.87
N ARG A 59 -6.94 -2.41 5.22
CA ARG A 59 -5.99 -1.32 4.96
C ARG A 59 -5.32 -0.88 6.28
N GLY A 60 -4.06 -0.43 6.18
CA GLY A 60 -3.28 0.01 7.33
C GLY A 60 -1.90 0.47 6.91
N LEU A 61 -0.98 0.56 7.88
CA LEU A 61 0.41 0.95 7.62
C LEU A 61 1.20 -0.21 7.02
N ILE A 62 1.89 0.07 5.93
CA ILE A 62 2.74 -0.88 5.23
C ILE A 62 4.16 -0.34 5.28
N PRO A 63 5.16 -1.15 5.74
CA PRO A 63 6.57 -0.77 5.62
C PRO A 63 6.99 -0.83 4.14
N GLN A 64 7.16 0.35 3.54
CA GLN A 64 7.56 0.52 2.11
C GLN A 64 8.84 -0.28 1.76
N ASN A 65 9.71 -0.44 2.77
CA ASN A 65 11.00 -1.16 2.67
C ASN A 65 10.82 -2.65 2.25
N TYR A 66 9.67 -3.24 2.63
CA TYR A 66 9.37 -4.66 2.36
C TYR A 66 8.51 -4.88 1.10
N VAL A 67 8.01 -3.79 0.51
CA VAL A 67 7.19 -3.84 -0.72
C VAL A 67 7.86 -3.07 -1.84
N LYS A 68 7.51 -3.43 -3.07
CA LYS A 68 7.94 -2.73 -4.28
C LYS A 68 6.70 -2.15 -4.95
N LEU A 69 6.66 -0.82 -5.08
CA LEU A 69 5.57 -0.10 -5.74
C LEU A 69 5.57 -0.41 -7.23
N LEU A 70 4.42 -0.84 -7.73
CA LEU A 70 4.24 -1.22 -9.14
C LEU A 70 4.08 0.06 -9.99
N MET A 1 -3.24 4.98 -20.89
CA MET A 1 -2.40 5.90 -21.70
C MET A 1 -0.92 5.53 -21.47
N GLY A 2 -0.04 5.99 -22.39
CA GLY A 2 1.42 5.76 -22.32
C GLY A 2 2.07 6.60 -21.21
N HIS A 3 1.91 6.13 -19.97
CA HIS A 3 2.33 6.83 -18.73
C HIS A 3 1.41 8.04 -18.45
N HIS A 4 1.22 8.37 -17.15
CA HIS A 4 0.43 9.55 -16.72
C HIS A 4 1.04 10.84 -17.31
N HIS A 5 0.39 11.35 -18.38
CA HIS A 5 0.83 12.55 -19.12
C HIS A 5 0.52 13.83 -18.32
N HIS A 6 -0.58 13.78 -17.55
CA HIS A 6 -1.00 14.89 -16.66
C HIS A 6 -0.16 14.88 -15.38
N HIS A 7 0.02 16.06 -14.76
CA HIS A 7 0.81 16.24 -13.51
C HIS A 7 0.22 15.36 -12.38
N HIS A 8 1.09 14.89 -11.46
CA HIS A 8 0.73 13.87 -10.43
C HIS A 8 -0.47 14.31 -9.55
N SER A 9 -1.69 13.98 -10.02
CA SER A 9 -2.94 14.30 -9.34
C SER A 9 -3.18 13.28 -8.24
N HIS A 10 -2.85 13.68 -6.99
CA HIS A 10 -2.88 12.80 -5.80
C HIS A 10 -1.90 11.64 -6.01
N MET A 11 -0.75 11.99 -6.62
CA MET A 11 0.31 11.06 -7.04
C MET A 11 -0.20 10.15 -8.16
N ILE A 12 -0.76 9.00 -7.77
CA ILE A 12 -1.33 7.99 -8.67
C ILE A 12 -2.58 7.39 -7.99
N ARG A 13 -3.76 7.63 -8.59
CA ARG A 13 -5.05 7.10 -8.12
C ARG A 13 -5.07 5.56 -8.19
N SER A 14 -5.41 4.91 -7.05
CA SER A 14 -5.56 3.44 -6.94
C SER A 14 -4.26 2.73 -7.34
N ARG A 15 -3.23 2.88 -6.50
CA ARG A 15 -1.89 2.34 -6.74
C ARG A 15 -1.87 0.84 -6.39
N LYS A 16 -0.98 0.11 -7.05
CA LYS A 16 -0.67 -1.30 -6.72
C LYS A 16 0.78 -1.42 -6.25
N ALA A 17 1.02 -2.35 -5.33
CA ALA A 17 2.36 -2.69 -4.85
C ALA A 17 2.47 -4.21 -4.68
N ARG A 18 3.71 -4.71 -4.60
CA ARG A 18 3.99 -6.12 -4.29
C ARG A 18 5.03 -6.18 -3.19
N ALA A 19 4.69 -6.88 -2.11
CA ALA A 19 5.61 -7.14 -1.01
C ALA A 19 6.73 -8.08 -1.51
N VAL A 20 7.95 -7.56 -1.55
CA VAL A 20 9.14 -8.32 -1.93
C VAL A 20 9.82 -8.90 -0.67
N TYR A 21 9.53 -8.29 0.49
CA TYR A 21 9.96 -8.80 1.81
C TYR A 21 8.70 -9.14 2.65
N PRO A 22 8.72 -10.26 3.43
CA PRO A 22 7.58 -10.62 4.32
C PRO A 22 7.62 -9.82 5.65
N CYS A 23 6.44 -9.59 6.25
CA CYS A 23 6.31 -8.78 7.47
C CYS A 23 5.10 -9.25 8.30
N GLU A 24 5.18 -9.05 9.60
CA GLU A 24 4.05 -9.20 10.52
C GLU A 24 3.75 -7.85 11.17
N ALA A 25 2.55 -7.74 11.77
CA ALA A 25 2.16 -6.55 12.54
C ALA A 25 2.96 -6.49 13.84
N GLU A 26 4.09 -5.77 13.77
CA GLU A 26 5.07 -5.65 14.87
C GLU A 26 4.46 -4.99 16.14
N HIS A 27 3.49 -4.06 15.95
CA HIS A 27 2.77 -3.41 17.08
C HIS A 27 1.26 -3.71 16.96
N SER A 28 0.58 -3.05 15.99
CA SER A 28 -0.88 -3.17 15.81
C SER A 28 -1.33 -2.71 14.42
N SER A 29 -1.04 -1.43 14.09
CA SER A 29 -1.53 -0.75 12.87
C SER A 29 -0.92 -1.31 11.58
N GLU A 30 0.20 -2.03 11.74
CA GLU A 30 0.96 -2.65 10.64
C GLU A 30 0.16 -3.79 10.00
N LEU A 31 0.31 -3.96 8.70
CA LEU A 31 -0.22 -5.12 8.00
C LEU A 31 0.78 -6.26 8.05
N SER A 32 0.26 -7.43 8.35
CA SER A 32 0.95 -8.70 8.18
C SER A 32 0.76 -9.13 6.71
N PHE A 33 1.86 -9.47 6.02
CA PHE A 33 1.85 -9.82 4.60
C PHE A 33 3.01 -10.74 4.22
N GLU A 34 2.94 -11.24 2.98
CA GLU A 34 3.85 -12.27 2.42
C GLU A 34 4.48 -11.76 1.12
N ILE A 35 5.48 -12.49 0.62
CA ILE A 35 6.13 -12.19 -0.67
C ILE A 35 5.16 -12.53 -1.81
N GLY A 36 4.82 -11.52 -2.63
CA GLY A 36 3.87 -11.65 -3.72
C GLY A 36 2.54 -10.98 -3.43
N ALA A 37 2.35 -10.52 -2.16
CA ALA A 37 1.12 -9.86 -1.71
C ALA A 37 0.91 -8.53 -2.47
N ILE A 38 -0.11 -8.50 -3.33
CA ILE A 38 -0.50 -7.31 -4.10
C ILE A 38 -1.45 -6.43 -3.26
N PHE A 39 -1.11 -5.15 -3.11
CA PHE A 39 -1.90 -4.19 -2.33
C PHE A 39 -2.65 -3.23 -3.27
N GLU A 40 -3.90 -2.90 -2.92
CA GLU A 40 -4.76 -2.01 -3.71
C GLU A 40 -4.87 -0.65 -3.03
N ASP A 41 -4.96 0.41 -3.87
CA ASP A 41 -5.11 1.82 -3.43
C ASP A 41 -3.97 2.25 -2.49
N VAL A 42 -2.73 1.88 -2.85
CA VAL A 42 -1.54 2.17 -2.05
C VAL A 42 -1.27 3.70 -2.05
N GLN A 43 -1.14 4.25 -0.85
CA GLN A 43 -0.92 5.69 -0.63
C GLN A 43 0.33 5.86 0.23
N THR A 44 0.77 7.10 0.41
CA THR A 44 1.87 7.42 1.31
C THR A 44 1.30 7.81 2.68
N SER A 45 1.89 7.23 3.73
CA SER A 45 1.50 7.53 5.12
C SER A 45 2.27 8.76 5.63
N ARG A 46 1.72 9.42 6.66
CA ARG A 46 2.36 10.56 7.35
C ARG A 46 3.68 10.12 7.99
N GLU A 47 3.73 8.83 8.37
CA GLU A 47 4.92 8.20 8.96
C GLU A 47 6.01 8.00 7.88
N PRO A 48 7.27 8.50 8.13
CA PRO A 48 8.37 8.43 7.13
C PRO A 48 8.74 6.98 6.79
N GLY A 49 8.62 6.63 5.50
CA GLY A 49 8.96 5.28 5.01
C GLY A 49 7.87 4.25 5.27
N TRP A 50 6.62 4.72 5.42
CA TRP A 50 5.43 3.86 5.53
C TRP A 50 4.41 4.20 4.42
N LEU A 51 3.93 3.18 3.72
CA LEU A 51 2.82 3.28 2.77
C LEU A 51 1.58 2.60 3.40
N GLU A 52 0.38 2.96 2.94
CA GLU A 52 -0.87 2.34 3.40
C GLU A 52 -1.62 1.77 2.20
N GLY A 53 -1.99 0.50 2.28
CA GLY A 53 -2.59 -0.24 1.16
C GLY A 53 -3.56 -1.28 1.65
N THR A 54 -4.41 -1.78 0.75
CA THR A 54 -5.48 -2.74 1.09
C THR A 54 -5.06 -4.16 0.67
N LEU A 55 -5.05 -5.07 1.65
CA LEU A 55 -4.71 -6.49 1.46
C LEU A 55 -5.80 -7.33 2.13
N ASN A 56 -6.49 -8.17 1.34
CA ASN A 56 -7.57 -9.08 1.81
C ASN A 56 -8.73 -8.29 2.46
N GLY A 57 -8.90 -7.03 2.02
CA GLY A 57 -9.94 -6.13 2.51
C GLY A 57 -9.54 -5.29 3.71
N LYS A 58 -8.22 -5.20 3.99
CA LYS A 58 -7.70 -4.52 5.19
C LYS A 58 -6.63 -3.49 4.84
N ARG A 59 -6.79 -2.26 5.33
CA ARG A 59 -5.85 -1.16 5.10
C ARG A 59 -5.04 -0.94 6.41
N GLY A 60 -3.75 -0.59 6.26
CA GLY A 60 -2.90 -0.27 7.41
C GLY A 60 -1.48 0.08 7.00
N LEU A 61 -0.62 0.27 8.02
CA LEU A 61 0.77 0.65 7.84
C LEU A 61 1.58 -0.50 7.23
N ILE A 62 2.21 -0.20 6.12
CA ILE A 62 3.06 -1.12 5.39
C ILE A 62 4.47 -0.51 5.35
N PRO A 63 5.53 -1.28 5.76
CA PRO A 63 6.92 -0.85 5.53
C PRO A 63 7.19 -0.67 4.01
N GLN A 64 7.49 0.59 3.63
CA GLN A 64 7.70 1.03 2.24
C GLN A 64 8.81 0.24 1.54
N ASN A 65 9.90 0.01 2.30
CA ASN A 65 11.05 -0.81 1.86
C ASN A 65 10.62 -2.24 1.46
N TYR A 66 9.66 -2.81 2.20
CA TYR A 66 9.23 -4.21 2.01
C TYR A 66 8.36 -4.40 0.77
N VAL A 67 7.86 -3.30 0.19
CA VAL A 67 7.00 -3.36 -1.01
C VAL A 67 7.63 -2.61 -2.18
N LYS A 68 7.14 -2.90 -3.39
CA LYS A 68 7.57 -2.27 -4.65
C LYS A 68 6.35 -1.90 -5.49
N LEU A 69 6.20 -0.60 -5.78
CA LEU A 69 5.05 -0.07 -6.54
C LEU A 69 5.08 -0.54 -8.00
N LEU A 70 4.02 -1.24 -8.42
CA LEU A 70 3.94 -1.93 -9.71
C LEU A 70 3.26 -1.01 -10.76
N MET A 1 -11.95 29.47 -19.65
CA MET A 1 -11.12 29.11 -18.47
C MET A 1 -11.59 27.77 -17.88
N GLY A 2 -10.62 26.95 -17.42
CA GLY A 2 -10.90 25.63 -16.86
C GLY A 2 -9.64 24.80 -16.71
N HIS A 3 -9.66 23.55 -17.21
CA HIS A 3 -8.49 22.66 -17.23
C HIS A 3 -8.45 21.89 -18.55
N HIS A 4 -8.00 22.58 -19.62
CA HIS A 4 -7.85 22.00 -20.97
C HIS A 4 -6.63 21.06 -21.01
N HIS A 5 -5.64 21.31 -20.15
CA HIS A 5 -4.47 20.43 -19.97
C HIS A 5 -4.88 19.21 -19.08
N HIS A 6 -5.69 18.32 -19.67
CA HIS A 6 -6.24 17.12 -19.01
C HIS A 6 -6.45 16.04 -20.06
N HIS A 7 -5.78 14.89 -19.90
CA HIS A 7 -5.82 13.77 -20.86
C HIS A 7 -6.46 12.54 -20.20
N HIS A 8 -5.87 12.10 -19.08
CA HIS A 8 -6.27 10.89 -18.36
C HIS A 8 -6.20 11.13 -16.84
N SER A 9 -7.33 10.92 -16.15
CA SER A 9 -7.48 11.21 -14.72
C SER A 9 -6.69 10.21 -13.85
N HIS A 10 -5.55 10.68 -13.30
CA HIS A 10 -4.73 9.89 -12.37
C HIS A 10 -4.83 10.49 -10.96
N MET A 11 -5.26 9.65 -10.00
CA MET A 11 -5.40 10.07 -8.58
C MET A 11 -4.14 9.65 -7.80
N ILE A 12 -4.03 10.11 -6.53
CA ILE A 12 -2.87 9.76 -5.65
C ILE A 12 -3.16 8.47 -4.83
N ARG A 13 -4.08 7.65 -5.34
CA ARG A 13 -4.50 6.36 -4.76
C ARG A 13 -4.37 5.22 -5.77
N SER A 14 -3.94 5.60 -6.99
CA SER A 14 -3.96 4.75 -8.18
C SER A 14 -2.69 3.87 -8.30
N ARG A 15 -2.02 3.61 -7.16
CA ARG A 15 -0.80 2.77 -7.11
C ARG A 15 -1.12 1.47 -6.40
N LYS A 16 -0.54 0.39 -6.90
CA LYS A 16 -0.51 -0.92 -6.23
C LYS A 16 0.91 -1.23 -5.80
N ALA A 17 1.07 -2.28 -4.99
CA ALA A 17 2.39 -2.74 -4.52
C ALA A 17 2.39 -4.27 -4.44
N ARG A 18 3.52 -4.89 -4.77
CA ARG A 18 3.74 -6.32 -4.55
C ARG A 18 4.86 -6.47 -3.52
N ALA A 19 4.54 -7.13 -2.40
CA ALA A 19 5.50 -7.39 -1.33
C ALA A 19 6.66 -8.25 -1.85
N VAL A 20 7.86 -7.66 -1.86
CA VAL A 20 9.09 -8.32 -2.32
C VAL A 20 9.86 -8.89 -1.12
N TYR A 21 9.63 -8.29 0.05
CA TYR A 21 10.10 -8.81 1.35
C TYR A 21 8.88 -8.95 2.30
N PRO A 22 8.89 -9.93 3.24
CA PRO A 22 7.77 -10.11 4.20
C PRO A 22 7.80 -9.07 5.35
N CYS A 23 6.64 -8.83 5.98
CA CYS A 23 6.53 -8.03 7.20
C CYS A 23 5.81 -8.83 8.27
N GLU A 24 6.47 -9.01 9.41
CA GLU A 24 5.85 -9.61 10.61
C GLU A 24 5.37 -8.46 11.52
N ALA A 25 4.25 -7.84 11.11
CA ALA A 25 3.68 -6.67 11.80
C ALA A 25 3.17 -7.06 13.19
N GLU A 26 3.56 -6.26 14.20
CA GLU A 26 3.27 -6.54 15.62
C GLU A 26 1.98 -5.85 16.07
N HIS A 27 1.54 -4.83 15.31
CA HIS A 27 0.35 -4.02 15.62
C HIS A 27 -0.75 -4.30 14.58
N SER A 28 -2.02 -4.21 15.02
CA SER A 28 -3.20 -4.39 14.17
C SER A 28 -3.43 -3.16 13.27
N SER A 29 -2.80 -2.03 13.65
CA SER A 29 -2.78 -0.80 12.82
C SER A 29 -1.94 -1.01 11.54
N GLU A 30 -1.02 -1.99 11.61
CA GLU A 30 -0.13 -2.35 10.48
C GLU A 30 -0.76 -3.46 9.63
N LEU A 31 -0.03 -3.90 8.59
CA LEU A 31 -0.35 -5.08 7.78
C LEU A 31 0.82 -6.05 7.82
N SER A 32 0.54 -7.25 8.29
CA SER A 32 1.45 -8.40 8.21
C SER A 32 1.22 -9.07 6.85
N PHE A 33 2.30 -9.49 6.21
CA PHE A 33 2.26 -10.00 4.83
C PHE A 33 3.50 -10.83 4.49
N GLU A 34 3.38 -11.59 3.38
CA GLU A 34 4.42 -12.47 2.86
C GLU A 34 4.83 -12.01 1.45
N ILE A 35 5.90 -12.60 0.90
CA ILE A 35 6.40 -12.29 -0.45
C ILE A 35 5.36 -12.68 -1.51
N GLY A 36 4.81 -11.67 -2.21
CA GLY A 36 3.82 -11.87 -3.29
C GLY A 36 2.54 -11.08 -3.06
N ALA A 37 2.34 -10.64 -1.79
CA ALA A 37 1.16 -9.90 -1.35
C ALA A 37 0.90 -8.66 -2.20
N ILE A 38 -0.18 -8.69 -2.98
CA ILE A 38 -0.65 -7.52 -3.74
C ILE A 38 -1.48 -6.60 -2.82
N PHE A 39 -1.26 -5.29 -2.96
CA PHE A 39 -1.99 -4.25 -2.22
C PHE A 39 -2.62 -3.30 -3.23
N GLU A 40 -3.84 -2.86 -2.95
CA GLU A 40 -4.60 -1.93 -3.80
C GLU A 40 -4.93 -0.67 -2.99
N ASP A 41 -5.00 0.50 -3.66
CA ASP A 41 -5.24 1.82 -3.01
C ASP A 41 -4.03 2.17 -2.11
N VAL A 42 -2.83 1.81 -2.61
CA VAL A 42 -1.55 2.11 -1.96
C VAL A 42 -1.26 3.60 -2.10
N GLN A 43 -1.25 4.28 -0.96
CA GLN A 43 -1.01 5.72 -0.85
C GLN A 43 0.13 5.92 0.16
N THR A 44 0.63 7.14 0.26
CA THR A 44 1.67 7.49 1.24
C THR A 44 1.00 7.72 2.62
N SER A 45 1.69 7.36 3.72
CA SER A 45 1.14 7.50 5.08
C SER A 45 1.55 8.88 5.68
N ARG A 46 1.65 8.97 7.01
CA ARG A 46 2.16 10.15 7.72
C ARG A 46 3.66 9.98 8.05
N GLU A 47 4.06 8.72 8.33
CA GLU A 47 5.43 8.36 8.76
C GLU A 47 6.32 8.04 7.55
N PRO A 48 7.56 8.64 7.44
CA PRO A 48 8.49 8.39 6.31
C PRO A 48 8.94 6.90 6.26
N GLY A 49 8.70 6.26 5.11
CA GLY A 49 9.04 4.85 4.91
C GLY A 49 7.87 3.92 5.17
N TRP A 50 6.69 4.49 5.48
CA TRP A 50 5.43 3.72 5.65
C TRP A 50 4.42 4.14 4.58
N LEU A 51 3.53 3.22 4.24
CA LEU A 51 2.46 3.40 3.23
C LEU A 51 1.15 2.88 3.82
N GLU A 52 0.02 3.35 3.30
CA GLU A 52 -1.30 2.83 3.67
C GLU A 52 -1.96 2.22 2.42
N GLY A 53 -2.30 0.94 2.51
CA GLY A 53 -2.80 0.18 1.35
C GLY A 53 -3.69 -0.96 1.82
N THR A 54 -4.42 -1.61 0.89
CA THR A 54 -5.40 -2.64 1.22
C THR A 54 -4.85 -4.04 0.93
N LEU A 55 -4.82 -4.90 1.96
CA LEU A 55 -4.45 -6.31 1.85
C LEU A 55 -5.66 -7.16 2.22
N ASN A 56 -6.10 -8.02 1.29
CA ASN A 56 -7.32 -8.88 1.39
C ASN A 56 -8.59 -8.01 1.35
N GLY A 57 -8.75 -7.16 2.36
CA GLY A 57 -9.79 -6.12 2.40
C GLY A 57 -9.59 -5.19 3.60
N LYS A 58 -8.31 -4.96 3.99
CA LYS A 58 -7.95 -4.14 5.18
C LYS A 58 -6.88 -3.08 4.85
N ARG A 59 -7.08 -1.82 5.33
CA ARG A 59 -6.03 -0.78 5.26
C ARG A 59 -5.14 -0.89 6.51
N GLY A 60 -3.82 -0.73 6.32
CA GLY A 60 -2.87 -0.66 7.43
C GLY A 60 -1.52 -0.13 7.01
N LEU A 61 -0.62 -0.01 8.00
CA LEU A 61 0.77 0.45 7.79
C LEU A 61 1.59 -0.64 7.10
N ILE A 62 2.18 -0.26 5.99
CA ILE A 62 3.01 -1.13 5.16
C ILE A 62 4.43 -0.54 5.13
N PRO A 63 5.48 -1.36 5.46
CA PRO A 63 6.87 -0.95 5.24
C PRO A 63 7.15 -0.83 3.72
N GLN A 64 7.42 0.41 3.28
CA GLN A 64 7.70 0.76 1.87
C GLN A 64 8.91 -0.01 1.31
N ASN A 65 9.88 -0.28 2.20
CA ASN A 65 11.10 -1.06 1.89
C ASN A 65 10.77 -2.51 1.49
N TYR A 66 9.65 -3.04 2.01
CA TYR A 66 9.26 -4.44 1.82
C TYR A 66 8.32 -4.63 0.63
N VAL A 67 7.87 -3.52 0.01
CA VAL A 67 6.92 -3.57 -1.12
C VAL A 67 7.41 -2.76 -2.33
N LYS A 68 7.09 -3.25 -3.53
CA LYS A 68 7.53 -2.66 -4.79
C LYS A 68 6.31 -2.03 -5.50
N LEU A 69 6.37 -0.71 -5.72
CA LEU A 69 5.24 0.06 -6.28
C LEU A 69 5.07 -0.24 -7.78
N LEU A 70 3.97 -0.91 -8.10
CA LEU A 70 3.58 -1.23 -9.48
C LEU A 70 3.21 0.07 -10.25
N MET A 1 -18.29 -0.03 -18.65
CA MET A 1 -17.96 1.19 -17.89
C MET A 1 -16.96 2.05 -18.70
N GLY A 2 -17.45 3.22 -19.20
CA GLY A 2 -16.66 4.13 -20.03
C GLY A 2 -15.63 4.93 -19.23
N HIS A 3 -14.34 4.81 -19.63
CA HIS A 3 -13.22 5.51 -18.97
C HIS A 3 -12.29 6.12 -20.03
N HIS A 4 -11.92 7.38 -19.79
CA HIS A 4 -10.94 8.12 -20.61
C HIS A 4 -9.82 8.65 -19.70
N HIS A 5 -8.66 8.96 -20.35
CA HIS A 5 -7.42 9.44 -19.69
C HIS A 5 -6.82 8.36 -18.78
N HIS A 6 -7.11 7.07 -19.09
CA HIS A 6 -6.58 5.90 -18.35
C HIS A 6 -5.56 5.16 -19.23
N HIS A 7 -4.37 5.75 -19.38
CA HIS A 7 -3.26 5.15 -20.16
C HIS A 7 -1.93 5.22 -19.36
N HIS A 8 -2.06 5.43 -18.03
CA HIS A 8 -0.94 5.41 -17.06
C HIS A 8 0.16 6.47 -17.39
N SER A 9 -0.24 7.60 -18.01
CA SER A 9 0.71 8.70 -18.31
C SER A 9 1.15 9.40 -17.00
N HIS A 10 0.15 9.93 -16.28
CA HIS A 10 0.31 10.58 -14.96
C HIS A 10 -0.95 10.33 -14.11
N MET A 11 -1.46 9.07 -14.16
CA MET A 11 -2.57 8.58 -13.32
C MET A 11 -2.24 8.85 -11.84
N ILE A 12 -3.08 9.61 -11.14
CA ILE A 12 -2.96 9.82 -9.69
C ILE A 12 -3.79 8.75 -8.95
N ARG A 13 -3.31 8.38 -7.74
CA ARG A 13 -4.00 7.44 -6.82
C ARG A 13 -4.09 6.00 -7.43
N SER A 14 -4.66 5.05 -6.64
CA SER A 14 -5.11 3.72 -7.09
C SER A 14 -3.91 2.85 -7.53
N ARG A 15 -2.80 2.96 -6.76
CA ARG A 15 -1.57 2.20 -6.99
C ARG A 15 -1.71 0.78 -6.45
N LYS A 16 -0.91 -0.12 -7.00
CA LYS A 16 -0.70 -1.44 -6.41
C LYS A 16 0.69 -1.51 -5.80
N ALA A 17 0.95 -2.59 -5.09
CA ALA A 17 2.28 -2.96 -4.61
C ALA A 17 2.37 -4.48 -4.56
N ARG A 18 3.58 -5.01 -4.73
CA ARG A 18 3.84 -6.43 -4.57
C ARG A 18 4.90 -6.56 -3.50
N ALA A 19 4.58 -7.30 -2.45
CA ALA A 19 5.52 -7.61 -1.38
C ALA A 19 6.71 -8.37 -1.98
N VAL A 20 7.87 -7.73 -1.95
CA VAL A 20 9.14 -8.31 -2.42
C VAL A 20 9.92 -8.89 -1.23
N TYR A 21 9.58 -8.41 -0.03
CA TYR A 21 10.10 -8.94 1.24
C TYR A 21 8.90 -9.18 2.18
N PRO A 22 8.96 -10.18 3.10
CA PRO A 22 7.86 -10.41 4.08
C PRO A 22 7.91 -9.39 5.25
N CYS A 23 6.82 -9.34 6.05
CA CYS A 23 6.70 -8.39 7.17
C CYS A 23 5.86 -9.00 8.28
N GLU A 24 6.49 -9.21 9.45
CA GLU A 24 5.80 -9.66 10.66
C GLU A 24 5.37 -8.43 11.46
N ALA A 25 4.12 -7.99 11.25
CA ALA A 25 3.54 -6.83 11.96
C ALA A 25 3.36 -7.17 13.45
N GLU A 26 3.78 -6.24 14.32
CA GLU A 26 3.63 -6.40 15.78
C GLU A 26 2.42 -5.59 16.29
N HIS A 27 1.96 -4.61 15.49
CA HIS A 27 0.80 -3.76 15.83
C HIS A 27 -0.31 -3.94 14.78
N SER A 28 -1.57 -3.74 15.21
CA SER A 28 -2.78 -4.00 14.40
C SER A 28 -2.92 -3.04 13.21
N SER A 29 -2.39 -1.81 13.36
CA SER A 29 -2.37 -0.78 12.30
C SER A 29 -1.53 -1.25 11.11
N GLU A 30 -0.41 -1.93 11.43
CA GLU A 30 0.53 -2.45 10.43
C GLU A 30 -0.07 -3.69 9.74
N LEU A 31 0.31 -3.87 8.47
CA LEU A 31 -0.09 -5.04 7.67
C LEU A 31 1.01 -6.10 7.73
N SER A 32 0.60 -7.33 8.09
CA SER A 32 1.49 -8.50 8.14
C SER A 32 1.30 -9.30 6.84
N PHE A 33 2.41 -9.74 6.22
CA PHE A 33 2.38 -10.30 4.86
C PHE A 33 3.64 -11.11 4.53
N GLU A 34 3.56 -11.75 3.35
CA GLU A 34 4.62 -12.56 2.76
C GLU A 34 4.88 -12.07 1.32
N ILE A 35 5.96 -12.56 0.71
CA ILE A 35 6.37 -12.20 -0.66
C ILE A 35 5.30 -12.62 -1.68
N GLY A 36 4.72 -11.63 -2.37
CA GLY A 36 3.67 -11.86 -3.37
C GLY A 36 2.37 -11.15 -3.02
N ALA A 37 2.26 -10.69 -1.75
CA ALA A 37 1.10 -9.96 -1.24
C ALA A 37 0.85 -8.69 -2.09
N ILE A 38 -0.24 -8.73 -2.85
CA ILE A 38 -0.67 -7.61 -3.69
C ILE A 38 -1.53 -6.64 -2.85
N PHE A 39 -1.11 -5.37 -2.83
CA PHE A 39 -1.82 -4.27 -2.15
C PHE A 39 -2.52 -3.42 -3.21
N GLU A 40 -3.62 -2.76 -2.85
CA GLU A 40 -4.38 -1.88 -3.75
C GLU A 40 -4.65 -0.52 -3.09
N ASP A 41 -4.67 0.52 -3.94
CA ASP A 41 -4.72 1.95 -3.54
C ASP A 41 -3.63 2.28 -2.51
N VAL A 42 -2.38 2.00 -2.89
CA VAL A 42 -1.20 2.23 -2.03
C VAL A 42 -0.80 3.72 -2.09
N GLN A 43 -0.85 4.36 -0.93
CA GLN A 43 -0.63 5.81 -0.77
C GLN A 43 0.60 6.02 0.12
N THR A 44 1.06 7.27 0.26
CA THR A 44 2.11 7.62 1.21
C THR A 44 1.44 8.13 2.48
N SER A 45 1.84 7.59 3.63
CA SER A 45 1.26 7.95 4.94
C SER A 45 2.14 8.99 5.64
N ARG A 46 1.57 9.66 6.65
CA ARG A 46 2.25 10.73 7.41
C ARG A 46 3.39 10.17 8.28
N GLU A 47 3.32 8.85 8.57
CA GLU A 47 4.40 8.13 9.26
C GLU A 47 5.65 8.04 8.35
N PRO A 48 6.88 8.41 8.85
CA PRO A 48 8.13 8.42 8.04
C PRO A 48 8.52 7.00 7.52
N GLY A 49 8.45 6.84 6.19
CA GLY A 49 8.83 5.58 5.51
C GLY A 49 7.72 4.54 5.54
N TRP A 50 6.48 4.98 5.79
CA TRP A 50 5.30 4.11 5.78
C TRP A 50 4.33 4.52 4.67
N LEU A 51 3.89 3.51 3.92
CA LEU A 51 2.82 3.61 2.92
C LEU A 51 1.50 3.21 3.61
N GLU A 52 0.37 3.56 3.01
CA GLU A 52 -0.94 3.22 3.55
C GLU A 52 -1.84 2.73 2.40
N GLY A 53 -2.32 1.49 2.51
CA GLY A 53 -2.94 0.77 1.39
C GLY A 53 -3.64 -0.48 1.87
N THR A 54 -4.40 -1.12 0.99
CA THR A 54 -5.33 -2.20 1.36
C THR A 54 -4.75 -3.58 1.01
N LEU A 55 -4.78 -4.49 1.99
CA LEU A 55 -4.28 -5.86 1.86
C LEU A 55 -5.40 -6.83 2.27
N ASN A 56 -5.97 -7.56 1.27
CA ASN A 56 -6.95 -8.65 1.49
C ASN A 56 -8.27 -8.13 2.11
N GLY A 57 -8.57 -6.83 1.87
CA GLY A 57 -9.75 -6.16 2.41
C GLY A 57 -9.50 -5.46 3.74
N LYS A 58 -8.21 -5.38 4.15
CA LYS A 58 -7.80 -4.74 5.42
C LYS A 58 -6.73 -3.69 5.12
N ARG A 59 -7.05 -2.42 5.36
CA ARG A 59 -6.18 -1.29 5.03
C ARG A 59 -5.41 -0.82 6.28
N GLY A 60 -4.13 -0.46 6.10
CA GLY A 60 -3.27 0.00 7.19
C GLY A 60 -1.89 0.40 6.71
N LEU A 61 -0.95 0.49 7.65
CA LEU A 61 0.45 0.86 7.38
C LEU A 61 1.20 -0.30 6.73
N ILE A 62 1.92 0.02 5.66
CA ILE A 62 2.77 -0.90 4.91
C ILE A 62 4.22 -0.42 5.03
N PRO A 63 5.22 -1.31 5.41
CA PRO A 63 6.65 -0.99 5.26
C PRO A 63 7.01 -0.90 3.76
N GLN A 64 7.36 0.34 3.31
CA GLN A 64 7.59 0.66 1.89
C GLN A 64 8.72 -0.19 1.28
N ASN A 65 9.75 -0.46 2.09
CA ASN A 65 10.96 -1.21 1.68
C ASN A 65 10.59 -2.65 1.28
N TYR A 66 9.62 -3.21 2.02
CA TYR A 66 9.19 -4.62 1.86
C TYR A 66 8.22 -4.82 0.69
N VAL A 67 7.80 -3.73 0.04
CA VAL A 67 6.89 -3.77 -1.12
C VAL A 67 7.45 -2.99 -2.31
N LYS A 68 6.89 -3.25 -3.50
CA LYS A 68 7.32 -2.60 -4.75
C LYS A 68 6.08 -2.09 -5.48
N LEU A 69 5.95 -0.76 -5.62
CA LEU A 69 4.75 -0.11 -6.19
C LEU A 69 4.55 -0.52 -7.65
N LEU A 70 3.52 -1.36 -7.90
CA LEU A 70 3.11 -1.75 -9.25
C LEU A 70 2.26 -0.61 -9.86
N MET A 1 -20.12 28.76 -4.36
CA MET A 1 -19.28 28.01 -5.33
C MET A 1 -17.88 27.79 -4.76
N GLY A 2 -17.19 26.75 -5.24
CA GLY A 2 -15.82 26.45 -4.84
C GLY A 2 -14.78 27.24 -5.63
N HIS A 3 -13.56 27.33 -5.08
CA HIS A 3 -12.40 27.98 -5.77
C HIS A 3 -11.96 27.14 -6.99
N HIS A 4 -12.22 25.82 -6.89
CA HIS A 4 -12.07 24.84 -7.98
C HIS A 4 -13.19 23.80 -7.82
N HIS A 5 -14.05 23.62 -8.86
CA HIS A 5 -15.28 22.78 -8.75
C HIS A 5 -14.95 21.26 -8.80
N HIS A 6 -14.50 20.75 -7.64
CA HIS A 6 -14.14 19.33 -7.37
C HIS A 6 -13.56 19.27 -5.94
N HIS A 7 -12.87 20.37 -5.55
CA HIS A 7 -12.20 20.51 -4.24
C HIS A 7 -11.16 19.39 -4.07
N HIS A 8 -10.14 19.43 -4.93
CA HIS A 8 -9.08 18.42 -4.98
C HIS A 8 -7.74 19.11 -5.24
N SER A 9 -7.10 19.52 -4.14
CA SER A 9 -5.75 20.11 -4.15
C SER A 9 -4.71 19.05 -4.55
N HIS A 10 -4.87 17.85 -4.00
CA HIS A 10 -4.00 16.70 -4.28
C HIS A 10 -4.44 16.00 -5.57
N MET A 11 -3.47 15.47 -6.32
CA MET A 11 -3.70 14.77 -7.60
C MET A 11 -4.38 13.42 -7.33
N ILE A 12 -5.45 13.13 -8.10
CA ILE A 12 -6.25 11.90 -7.93
C ILE A 12 -5.53 10.73 -8.62
N ARG A 13 -5.11 9.73 -7.82
CA ARG A 13 -4.47 8.51 -8.31
C ARG A 13 -4.48 7.43 -7.21
N SER A 14 -4.49 6.16 -7.65
CA SER A 14 -4.50 5.01 -6.76
C SER A 14 -3.40 4.03 -7.23
N ARG A 15 -2.40 3.79 -6.38
CA ARG A 15 -1.25 2.93 -6.70
C ARG A 15 -1.54 1.48 -6.29
N LYS A 16 -0.72 0.58 -6.81
CA LYS A 16 -0.66 -0.82 -6.37
C LYS A 16 0.78 -1.13 -5.96
N ALA A 17 0.96 -2.26 -5.27
CA ALA A 17 2.28 -2.74 -4.83
C ALA A 17 2.28 -4.25 -4.72
N ARG A 18 3.47 -4.83 -4.60
CA ARG A 18 3.65 -6.26 -4.33
C ARG A 18 4.79 -6.42 -3.36
N ALA A 19 4.48 -7.03 -2.20
CA ALA A 19 5.46 -7.34 -1.18
C ALA A 19 6.59 -8.22 -1.74
N VAL A 20 7.80 -7.68 -1.75
CA VAL A 20 9.02 -8.41 -2.16
C VAL A 20 9.75 -8.96 -0.93
N TYR A 21 9.47 -8.39 0.25
CA TYR A 21 9.97 -8.89 1.54
C TYR A 21 8.76 -9.09 2.49
N PRO A 22 8.72 -10.18 3.29
CA PRO A 22 7.63 -10.40 4.27
C PRO A 22 7.79 -9.50 5.52
N CYS A 23 6.65 -9.16 6.14
CA CYS A 23 6.61 -8.37 7.38
C CYS A 23 5.52 -8.90 8.29
N GLU A 24 5.63 -8.60 9.58
CA GLU A 24 4.65 -8.99 10.59
C GLU A 24 4.08 -7.73 11.27
N ALA A 25 2.86 -7.84 11.81
CA ALA A 25 2.20 -6.72 12.49
C ALA A 25 2.77 -6.56 13.90
N GLU A 26 3.61 -5.52 14.09
CA GLU A 26 4.32 -5.28 15.36
C GLU A 26 3.34 -4.95 16.52
N HIS A 27 2.20 -4.32 16.19
CA HIS A 27 1.14 -4.02 17.19
C HIS A 27 -0.24 -4.45 16.64
N SER A 28 -0.85 -3.62 15.78
CA SER A 28 -2.22 -3.87 15.29
C SER A 28 -2.44 -3.24 13.91
N SER A 29 -2.29 -1.90 13.82
CA SER A 29 -2.61 -1.13 12.59
C SER A 29 -1.72 -1.54 11.39
N GLU A 30 -0.60 -2.21 11.70
CA GLU A 30 0.38 -2.68 10.71
C GLU A 30 -0.18 -3.89 9.97
N LEU A 31 0.14 -4.00 8.67
CA LEU A 31 -0.19 -5.18 7.87
C LEU A 31 0.92 -6.24 7.98
N SER A 32 0.50 -7.45 8.29
CA SER A 32 1.30 -8.66 8.18
C SER A 32 1.12 -9.21 6.75
N PHE A 33 2.22 -9.63 6.12
CA PHE A 33 2.22 -10.05 4.71
C PHE A 33 3.48 -10.86 4.36
N GLU A 34 3.47 -11.43 3.15
CA GLU A 34 4.55 -12.26 2.60
C GLU A 34 4.84 -11.86 1.14
N ILE A 35 5.90 -12.46 0.56
CA ILE A 35 6.30 -12.21 -0.84
C ILE A 35 5.17 -12.63 -1.80
N GLY A 36 4.67 -11.67 -2.60
CA GLY A 36 3.60 -11.91 -3.57
C GLY A 36 2.31 -11.18 -3.23
N ALA A 37 2.23 -10.63 -2.00
CA ALA A 37 1.05 -9.94 -1.50
C ALA A 37 0.81 -8.62 -2.25
N ILE A 38 -0.25 -8.60 -3.06
CA ILE A 38 -0.67 -7.41 -3.82
C ILE A 38 -1.50 -6.48 -2.92
N PHE A 39 -1.20 -5.17 -2.98
CA PHE A 39 -1.89 -4.13 -2.19
C PHE A 39 -2.59 -3.16 -3.14
N GLU A 40 -3.88 -2.88 -2.86
CA GLU A 40 -4.69 -1.92 -3.61
C GLU A 40 -4.72 -0.58 -2.89
N ASP A 41 -4.79 0.50 -3.67
CA ASP A 41 -4.91 1.87 -3.17
C ASP A 41 -3.72 2.19 -2.22
N VAL A 42 -2.52 1.84 -2.69
CA VAL A 42 -1.28 2.14 -1.97
C VAL A 42 -1.04 3.65 -2.00
N GLN A 43 -1.09 4.23 -0.83
CA GLN A 43 -0.97 5.67 -0.63
C GLN A 43 0.20 5.89 0.32
N THR A 44 0.76 7.08 0.36
CA THR A 44 1.81 7.41 1.32
C THR A 44 1.18 7.78 2.67
N SER A 45 1.78 7.29 3.76
CA SER A 45 1.34 7.61 5.12
C SER A 45 2.06 8.89 5.62
N ARG A 46 1.54 9.45 6.71
CA ARG A 46 2.19 10.58 7.40
C ARG A 46 3.45 10.10 8.13
N GLU A 47 3.51 8.80 8.45
CA GLU A 47 4.73 8.14 8.92
C GLU A 47 5.76 8.07 7.76
N PRO A 48 6.99 8.67 7.92
CA PRO A 48 8.06 8.59 6.88
C PRO A 48 8.50 7.14 6.59
N GLY A 49 8.45 6.74 5.32
CA GLY A 49 8.87 5.40 4.89
C GLY A 49 7.76 4.36 5.03
N TRP A 50 6.59 4.78 5.49
CA TRP A 50 5.42 3.90 5.61
C TRP A 50 4.36 4.28 4.57
N LEU A 51 3.73 3.27 4.00
CA LEU A 51 2.62 3.41 3.05
C LEU A 51 1.36 2.81 3.67
N GLU A 52 0.18 3.28 3.26
CA GLU A 52 -1.09 2.65 3.63
C GLU A 52 -1.67 1.96 2.39
N GLY A 53 -1.90 0.65 2.49
CA GLY A 53 -2.34 -0.16 1.37
C GLY A 53 -3.37 -1.17 1.83
N THR A 54 -4.16 -1.71 0.89
CA THR A 54 -5.23 -2.65 1.18
C THR A 54 -4.83 -4.07 0.77
N LEU A 55 -4.85 -4.99 1.73
CA LEU A 55 -4.55 -6.39 1.52
C LEU A 55 -5.85 -7.17 1.69
N ASN A 56 -6.41 -7.64 0.54
CA ASN A 56 -7.70 -8.35 0.44
C ASN A 56 -8.86 -7.35 0.57
N GLY A 57 -9.00 -6.79 1.77
CA GLY A 57 -9.97 -5.72 2.05
C GLY A 57 -9.64 -4.98 3.34
N LYS A 58 -8.33 -4.99 3.73
CA LYS A 58 -7.85 -4.44 5.00
C LYS A 58 -6.73 -3.41 4.74
N ARG A 59 -6.93 -2.19 5.22
CA ARG A 59 -5.96 -1.09 5.07
C ARG A 59 -5.13 -0.97 6.36
N GLY A 60 -3.80 -0.75 6.20
CA GLY A 60 -2.90 -0.56 7.33
C GLY A 60 -1.51 -0.11 6.93
N LEU A 61 -0.61 0.03 7.93
CA LEU A 61 0.76 0.49 7.73
C LEU A 61 1.64 -0.62 7.12
N ILE A 62 2.32 -0.24 6.04
CA ILE A 62 3.22 -1.11 5.29
C ILE A 62 4.63 -0.47 5.29
N PRO A 63 5.70 -1.25 5.62
CA PRO A 63 7.08 -0.82 5.33
C PRO A 63 7.31 -0.73 3.78
N GLN A 64 7.55 0.52 3.31
CA GLN A 64 7.70 0.86 1.86
C GLN A 64 8.82 0.05 1.18
N ASN A 65 9.91 -0.16 1.92
CA ASN A 65 11.08 -0.94 1.45
C ASN A 65 10.69 -2.40 1.14
N TYR A 66 9.72 -2.93 1.89
CA TYR A 66 9.29 -4.35 1.80
C TYR A 66 8.33 -4.60 0.64
N VAL A 67 7.86 -3.52 -0.02
CA VAL A 67 6.97 -3.62 -1.19
C VAL A 67 7.59 -2.93 -2.41
N LYS A 68 7.19 -3.39 -3.60
CA LYS A 68 7.62 -2.85 -4.89
C LYS A 68 6.38 -2.31 -5.60
N LEU A 69 6.33 -0.98 -5.77
CA LEU A 69 5.14 -0.30 -6.35
C LEU A 69 4.90 -0.75 -7.79
N LEU A 70 3.72 -1.36 -8.02
CA LEU A 70 3.25 -1.75 -9.34
C LEU A 70 2.43 -0.58 -9.93
N MET A 1 -20.25 2.93 16.03
CA MET A 1 -20.97 3.39 17.23
C MET A 1 -21.53 4.80 16.98
N GLY A 2 -20.63 5.80 16.93
CA GLY A 2 -21.02 7.20 16.79
C GLY A 2 -20.19 7.90 15.72
N HIS A 3 -20.42 7.48 14.45
CA HIS A 3 -19.80 8.04 13.24
C HIS A 3 -18.27 7.75 13.17
N HIS A 4 -17.88 6.87 12.24
CA HIS A 4 -16.49 6.53 11.95
C HIS A 4 -16.36 6.17 10.46
N HIS A 5 -15.64 7.01 9.70
CA HIS A 5 -15.38 6.78 8.26
C HIS A 5 -14.18 5.86 8.07
N HIS A 6 -14.42 4.70 7.43
CA HIS A 6 -13.39 3.70 7.12
C HIS A 6 -12.39 4.25 6.05
N HIS A 7 -12.91 5.11 5.15
CA HIS A 7 -12.09 5.86 4.18
C HIS A 7 -12.52 7.33 4.18
N HIS A 8 -11.51 8.21 4.25
CA HIS A 8 -11.70 9.67 4.15
C HIS A 8 -11.65 10.07 2.67
N SER A 9 -10.63 9.53 1.98
CA SER A 9 -10.52 9.59 0.52
C SER A 9 -11.57 8.64 -0.09
N HIS A 10 -12.53 9.20 -0.83
CA HIS A 10 -13.68 8.45 -1.39
C HIS A 10 -13.35 7.86 -2.80
N MET A 11 -12.07 7.51 -3.00
CA MET A 11 -11.55 6.99 -4.28
C MET A 11 -10.47 5.93 -4.01
N ILE A 12 -10.54 4.76 -4.68
CA ILE A 12 -9.42 3.81 -4.71
C ILE A 12 -8.60 4.01 -6.01
N ARG A 13 -7.42 4.60 -5.85
CA ARG A 13 -6.46 4.85 -6.94
C ARG A 13 -5.86 3.52 -7.46
N SER A 14 -5.43 3.55 -8.73
CA SER A 14 -4.92 2.36 -9.46
C SER A 14 -3.47 2.01 -9.06
N ARG A 15 -2.89 2.75 -8.09
CA ARG A 15 -1.55 2.43 -7.56
C ARG A 15 -1.63 1.18 -6.71
N LYS A 16 -1.01 0.12 -7.23
CA LYS A 16 -0.94 -1.19 -6.60
C LYS A 16 0.51 -1.44 -6.14
N ALA A 17 0.70 -2.44 -5.28
CA ALA A 17 2.02 -2.81 -4.75
C ALA A 17 2.16 -4.34 -4.70
N ARG A 18 3.39 -4.79 -4.50
CA ARG A 18 3.73 -6.22 -4.35
C ARG A 18 4.79 -6.35 -3.28
N ALA A 19 4.53 -7.21 -2.29
CA ALA A 19 5.49 -7.53 -1.24
C ALA A 19 6.72 -8.22 -1.86
N VAL A 20 7.88 -7.55 -1.80
CA VAL A 20 9.17 -8.10 -2.27
C VAL A 20 9.92 -8.70 -1.06
N TYR A 21 9.56 -8.23 0.15
CA TYR A 21 9.99 -8.83 1.42
C TYR A 21 8.74 -9.04 2.29
N PRO A 22 8.76 -10.04 3.24
CA PRO A 22 7.64 -10.26 4.16
C PRO A 22 7.70 -9.28 5.36
N CYS A 23 6.57 -9.13 6.04
CA CYS A 23 6.42 -8.23 7.18
C CYS A 23 5.55 -8.89 8.24
N GLU A 24 5.90 -8.65 9.49
CA GLU A 24 5.11 -9.01 10.67
C GLU A 24 4.66 -7.72 11.35
N ALA A 25 3.45 -7.74 11.89
CA ALA A 25 2.84 -6.60 12.57
C ALA A 25 2.89 -6.81 14.09
N GLU A 26 3.68 -5.99 14.80
CA GLU A 26 3.71 -6.00 16.27
C GLU A 26 2.62 -5.08 16.84
N HIS A 27 2.10 -4.18 15.99
CA HIS A 27 1.03 -3.22 16.35
C HIS A 27 -0.19 -3.42 15.43
N SER A 28 -1.38 -3.09 15.94
CA SER A 28 -2.68 -3.27 15.27
C SER A 28 -2.71 -2.56 13.89
N SER A 29 -2.10 -1.36 13.84
CA SER A 29 -2.11 -0.50 12.65
C SER A 29 -1.38 -1.15 11.46
N GLU A 30 -0.26 -1.85 11.77
CA GLU A 30 0.62 -2.46 10.74
C GLU A 30 -0.05 -3.66 10.06
N LEU A 31 0.37 -3.93 8.83
CA LEU A 31 -0.04 -5.11 8.06
C LEU A 31 1.04 -6.18 8.14
N SER A 32 0.60 -7.41 8.34
CA SER A 32 1.44 -8.61 8.27
C SER A 32 1.11 -9.32 6.95
N PHE A 33 2.16 -9.70 6.20
CA PHE A 33 2.02 -10.19 4.82
C PHE A 33 3.31 -10.90 4.38
N GLU A 34 3.16 -11.82 3.44
CA GLU A 34 4.27 -12.61 2.87
C GLU A 34 4.62 -12.07 1.47
N ILE A 35 5.77 -12.52 0.92
CA ILE A 35 6.26 -12.12 -0.40
C ILE A 35 5.24 -12.52 -1.49
N GLY A 36 4.75 -11.51 -2.23
CA GLY A 36 3.78 -11.72 -3.32
C GLY A 36 2.42 -11.13 -3.02
N ALA A 37 2.23 -10.63 -1.78
CA ALA A 37 0.99 -9.99 -1.33
C ALA A 37 0.79 -8.67 -2.11
N ILE A 38 -0.27 -8.63 -2.93
CA ILE A 38 -0.62 -7.46 -3.76
C ILE A 38 -1.52 -6.50 -2.95
N PHE A 39 -1.24 -5.19 -3.08
CA PHE A 39 -2.00 -4.12 -2.39
C PHE A 39 -2.67 -3.25 -3.44
N GLU A 40 -3.74 -2.54 -3.04
CA GLU A 40 -4.52 -1.63 -3.92
C GLU A 40 -4.71 -0.28 -3.21
N ASP A 41 -4.72 0.80 -4.03
CA ASP A 41 -4.80 2.21 -3.55
C ASP A 41 -3.73 2.47 -2.47
N VAL A 42 -2.47 2.40 -2.92
CA VAL A 42 -1.32 2.63 -2.07
C VAL A 42 -1.09 4.13 -1.92
N GLN A 43 -1.09 4.61 -0.68
CA GLN A 43 -0.96 6.03 -0.34
C GLN A 43 0.28 6.18 0.55
N THR A 44 0.76 7.40 0.75
CA THR A 44 1.88 7.66 1.66
C THR A 44 1.33 7.92 3.09
N SER A 45 1.96 7.30 4.09
CA SER A 45 1.53 7.42 5.51
C SER A 45 2.03 8.74 6.12
N ARG A 46 1.55 9.03 7.34
CA ARG A 46 2.04 10.15 8.17
C ARG A 46 3.46 9.82 8.69
N GLU A 47 3.76 8.50 8.80
CA GLU A 47 5.11 7.99 9.05
C GLU A 47 5.97 8.17 7.75
N PRO A 48 7.09 8.98 7.79
CA PRO A 48 8.00 9.15 6.63
C PRO A 48 8.74 7.83 6.30
N GLY A 49 8.30 7.14 5.23
CA GLY A 49 8.92 5.87 4.79
C GLY A 49 7.98 4.68 4.93
N TRP A 50 6.73 4.95 5.31
CA TRP A 50 5.66 3.93 5.33
C TRP A 50 4.57 4.29 4.29
N LEU A 51 3.87 3.27 3.80
CA LEU A 51 2.76 3.38 2.84
C LEU A 51 1.52 2.69 3.44
N GLU A 52 0.32 3.06 2.98
CA GLU A 52 -0.95 2.40 3.39
C GLU A 52 -1.65 1.84 2.14
N GLY A 53 -1.98 0.56 2.17
CA GLY A 53 -2.54 -0.15 1.01
C GLY A 53 -3.51 -1.23 1.45
N THR A 54 -4.44 -1.59 0.55
CA THR A 54 -5.54 -2.50 0.85
C THR A 54 -5.16 -3.93 0.42
N LEU A 55 -5.09 -4.84 1.41
CA LEU A 55 -4.74 -6.26 1.21
C LEU A 55 -5.95 -7.11 1.60
N ASN A 56 -6.68 -7.64 0.58
CA ASN A 56 -7.85 -8.52 0.76
C ASN A 56 -8.97 -7.79 1.55
N GLY A 57 -9.02 -6.46 1.35
CA GLY A 57 -9.99 -5.61 2.07
C GLY A 57 -9.51 -5.20 3.45
N LYS A 58 -8.18 -5.22 3.68
CA LYS A 58 -7.58 -4.80 4.97
C LYS A 58 -6.44 -3.81 4.73
N ARG A 59 -6.61 -2.58 5.20
CA ARG A 59 -5.62 -1.51 5.03
C ARG A 59 -4.88 -1.26 6.36
N GLY A 60 -3.61 -0.87 6.25
CA GLY A 60 -2.79 -0.50 7.40
C GLY A 60 -1.42 -0.06 6.98
N LEU A 61 -0.50 0.00 7.95
CA LEU A 61 0.87 0.45 7.76
C LEU A 61 1.71 -0.64 7.09
N ILE A 62 2.32 -0.28 5.99
CA ILE A 62 3.18 -1.13 5.18
C ILE A 62 4.58 -0.51 5.18
N PRO A 63 5.66 -1.29 5.47
CA PRO A 63 7.03 -0.82 5.28
C PRO A 63 7.30 -0.68 3.77
N GLN A 64 7.59 0.57 3.33
CA GLN A 64 7.82 0.92 1.91
C GLN A 64 8.94 0.05 1.28
N ASN A 65 9.97 -0.25 2.10
CA ASN A 65 11.11 -1.09 1.69
C ASN A 65 10.70 -2.55 1.39
N TYR A 66 9.63 -3.02 2.06
CA TYR A 66 9.16 -4.44 1.93
C TYR A 66 8.20 -4.63 0.75
N VAL A 67 7.82 -3.53 0.08
CA VAL A 67 6.94 -3.59 -1.11
C VAL A 67 7.53 -2.79 -2.28
N LYS A 68 7.02 -3.07 -3.48
CA LYS A 68 7.38 -2.37 -4.71
C LYS A 68 6.09 -2.10 -5.50
N LEU A 69 5.89 -0.84 -5.89
CA LEU A 69 4.66 -0.39 -6.54
C LEU A 69 4.59 -0.91 -7.99
N LEU A 70 3.47 -1.58 -8.29
CA LEU A 70 3.19 -2.14 -9.62
C LEU A 70 2.47 -1.07 -10.48
N MET A 1 -3.97 -5.53 -19.61
CA MET A 1 -4.82 -6.25 -20.59
C MET A 1 -5.71 -7.26 -19.84
N GLY A 2 -5.08 -8.12 -19.01
CA GLY A 2 -5.80 -8.99 -18.08
C GLY A 2 -6.24 -8.23 -16.82
N HIS A 3 -7.54 -8.33 -16.48
CA HIS A 3 -8.16 -7.66 -15.32
C HIS A 3 -8.12 -6.12 -15.46
N HIS A 4 -9.22 -5.54 -15.99
CA HIS A 4 -9.32 -4.10 -16.28
C HIS A 4 -9.97 -3.35 -15.10
N HIS A 5 -9.14 -2.61 -14.35
CA HIS A 5 -9.63 -1.70 -13.29
C HIS A 5 -9.78 -0.29 -13.89
N HIS A 6 -10.86 -0.06 -14.64
CA HIS A 6 -11.09 1.22 -15.34
C HIS A 6 -11.49 2.32 -14.33
N HIS A 7 -10.61 3.32 -14.13
CA HIS A 7 -10.98 4.55 -13.41
C HIS A 7 -11.78 5.47 -14.34
N HIS A 8 -12.72 6.24 -13.77
CA HIS A 8 -13.52 7.24 -14.51
C HIS A 8 -12.68 8.49 -14.80
N SER A 9 -11.75 8.81 -13.87
CA SER A 9 -10.96 10.04 -13.90
C SER A 9 -9.52 9.76 -13.41
N HIS A 10 -8.54 10.54 -13.91
CA HIS A 10 -7.09 10.27 -13.74
C HIS A 10 -6.53 10.81 -12.39
N MET A 11 -7.24 10.51 -11.29
CA MET A 11 -6.70 10.68 -9.92
C MET A 11 -5.67 9.57 -9.68
N ILE A 12 -4.43 9.95 -9.31
CA ILE A 12 -3.34 8.98 -9.07
C ILE A 12 -3.62 8.29 -7.71
N ARG A 13 -4.48 7.26 -7.78
CA ARG A 13 -4.92 6.47 -6.63
C ARG A 13 -5.47 5.12 -7.14
N SER A 14 -5.76 4.21 -6.18
CA SER A 14 -6.10 2.80 -6.47
C SER A 14 -4.94 2.14 -7.25
N ARG A 15 -3.73 2.48 -6.82
CA ARG A 15 -2.47 2.04 -7.45
C ARG A 15 -1.96 0.82 -6.68
N LYS A 16 -1.30 -0.13 -7.36
CA LYS A 16 -0.99 -1.44 -6.75
C LYS A 16 0.47 -1.51 -6.27
N ALA A 17 0.75 -2.55 -5.47
CA ALA A 17 2.07 -2.91 -4.97
C ALA A 17 2.14 -4.43 -4.84
N ARG A 18 3.35 -4.94 -4.64
CA ARG A 18 3.58 -6.35 -4.34
C ARG A 18 4.69 -6.45 -3.31
N ALA A 19 4.43 -7.17 -2.22
CA ALA A 19 5.44 -7.52 -1.24
C ALA A 19 6.60 -8.27 -1.92
N VAL A 20 7.78 -7.66 -1.92
CA VAL A 20 9.03 -8.29 -2.37
C VAL A 20 9.86 -8.75 -1.15
N TYR A 21 9.41 -8.35 0.07
CA TYR A 21 9.89 -8.89 1.36
C TYR A 21 8.66 -9.13 2.29
N PRO A 22 8.69 -10.16 3.20
CA PRO A 22 7.62 -10.36 4.21
C PRO A 22 7.69 -9.35 5.38
N CYS A 23 6.55 -9.09 6.01
CA CYS A 23 6.44 -8.19 7.18
C CYS A 23 5.47 -8.79 8.21
N GLU A 24 5.57 -8.31 9.46
CA GLU A 24 4.64 -8.67 10.53
C GLU A 24 4.40 -7.44 11.41
N ALA A 25 3.14 -7.23 11.79
CA ALA A 25 2.71 -6.06 12.56
C ALA A 25 2.91 -6.29 14.07
N GLU A 26 3.56 -5.35 14.76
CA GLU A 26 3.63 -5.36 16.24
C GLU A 26 2.50 -4.47 16.82
N HIS A 27 2.03 -3.50 16.02
CA HIS A 27 0.94 -2.58 16.38
C HIS A 27 -0.25 -2.84 15.42
N SER A 28 -1.48 -2.54 15.91
CA SER A 28 -2.73 -2.80 15.17
C SER A 28 -2.81 -1.96 13.88
N SER A 29 -2.19 -0.76 13.91
CA SER A 29 -2.13 0.16 12.75
C SER A 29 -1.44 -0.46 11.52
N GLU A 30 -0.50 -1.38 11.78
CA GLU A 30 0.39 -1.96 10.75
C GLU A 30 -0.24 -3.19 10.07
N LEU A 31 0.45 -3.74 9.04
CA LEU A 31 0.02 -4.97 8.33
C LEU A 31 1.04 -6.11 8.51
N SER A 32 0.54 -7.32 8.22
CA SER A 32 1.30 -8.58 8.26
C SER A 32 1.05 -9.33 6.94
N PHE A 33 2.14 -9.82 6.30
CA PHE A 33 2.11 -10.38 4.93
C PHE A 33 3.44 -11.08 4.59
N GLU A 34 3.45 -11.71 3.40
CA GLU A 34 4.61 -12.42 2.82
C GLU A 34 4.80 -12.01 1.36
N ILE A 35 5.93 -12.40 0.74
CA ILE A 35 6.26 -12.05 -0.67
C ILE A 35 5.18 -12.56 -1.63
N GLY A 36 4.68 -11.66 -2.49
CA GLY A 36 3.63 -11.97 -3.46
C GLY A 36 2.31 -11.30 -3.12
N ALA A 37 2.23 -10.75 -1.89
CA ALA A 37 1.05 -10.03 -1.39
C ALA A 37 0.79 -8.78 -2.25
N ILE A 38 -0.22 -8.86 -3.10
CA ILE A 38 -0.62 -7.74 -3.96
C ILE A 38 -1.49 -6.77 -3.15
N PHE A 39 -1.05 -5.52 -3.10
CA PHE A 39 -1.77 -4.42 -2.44
C PHE A 39 -2.40 -3.53 -3.50
N GLU A 40 -3.43 -2.78 -3.11
CA GLU A 40 -4.13 -1.81 -3.97
C GLU A 40 -4.35 -0.52 -3.19
N ASP A 41 -4.42 0.61 -3.91
CA ASP A 41 -4.57 1.96 -3.34
C ASP A 41 -3.45 2.26 -2.34
N VAL A 42 -2.21 2.17 -2.83
CA VAL A 42 -1.03 2.47 -2.03
C VAL A 42 -0.89 4.00 -1.90
N GLN A 43 -1.07 4.46 -0.68
CA GLN A 43 -1.06 5.86 -0.29
C GLN A 43 0.13 6.07 0.64
N THR A 44 0.47 7.33 0.92
CA THR A 44 1.57 7.66 1.84
C THR A 44 1.01 7.87 3.25
N SER A 45 1.75 7.40 4.27
CA SER A 45 1.34 7.51 5.69
C SER A 45 1.98 8.74 6.34
N ARG A 46 1.39 9.14 7.50
CA ARG A 46 1.93 10.21 8.37
C ARG A 46 3.35 9.85 8.82
N GLU A 47 3.52 8.53 9.07
CA GLU A 47 4.76 7.93 9.54
C GLU A 47 5.81 7.93 8.39
N PRO A 48 7.10 8.30 8.69
CA PRO A 48 8.14 8.44 7.64
C PRO A 48 8.60 7.06 7.10
N GLY A 49 8.40 6.85 5.78
CA GLY A 49 8.77 5.60 5.11
C GLY A 49 7.77 4.48 5.31
N TRP A 50 6.54 4.84 5.68
CA TRP A 50 5.41 3.91 5.78
C TRP A 50 4.33 4.30 4.75
N LEU A 51 3.65 3.29 4.20
CA LEU A 51 2.60 3.45 3.18
C LEU A 51 1.31 2.76 3.66
N GLU A 52 0.15 3.25 3.23
CA GLU A 52 -1.14 2.61 3.54
C GLU A 52 -1.60 1.85 2.28
N GLY A 53 -1.78 0.52 2.41
CA GLY A 53 -2.10 -0.35 1.27
C GLY A 53 -3.18 -1.34 1.62
N THR A 54 -4.13 -1.55 0.69
CA THR A 54 -5.28 -2.43 0.89
C THR A 54 -4.94 -3.87 0.45
N LEU A 55 -4.98 -4.79 1.42
CA LEU A 55 -4.72 -6.22 1.22
C LEU A 55 -6.05 -6.95 1.45
N ASN A 56 -6.60 -7.54 0.37
CA ASN A 56 -7.97 -8.16 0.31
C ASN A 56 -9.04 -7.06 0.42
N GLY A 57 -9.15 -6.48 1.62
CA GLY A 57 -10.03 -5.34 1.90
C GLY A 57 -9.64 -4.64 3.18
N LYS A 58 -8.32 -4.65 3.49
CA LYS A 58 -7.77 -4.09 4.74
C LYS A 58 -6.58 -3.14 4.46
N ARG A 59 -6.70 -1.89 4.86
CA ARG A 59 -5.62 -0.89 4.77
C ARG A 59 -4.81 -0.91 6.08
N GLY A 60 -3.50 -0.65 5.99
CA GLY A 60 -2.63 -0.51 7.16
C GLY A 60 -1.21 -0.11 6.79
N LEU A 61 -0.33 -0.04 7.80
CA LEU A 61 1.06 0.43 7.61
C LEU A 61 1.94 -0.69 7.01
N ILE A 62 2.56 -0.33 5.89
CA ILE A 62 3.45 -1.18 5.11
C ILE A 62 4.81 -0.49 5.05
N PRO A 63 5.94 -1.23 5.33
CA PRO A 63 7.29 -0.69 5.06
C PRO A 63 7.49 -0.55 3.53
N GLN A 64 7.79 0.69 3.06
CA GLN A 64 7.93 1.01 1.61
C GLN A 64 9.06 0.19 0.94
N ASN A 65 10.06 -0.20 1.75
CA ASN A 65 11.19 -1.06 1.34
C ASN A 65 10.73 -2.49 0.98
N TYR A 66 9.68 -2.95 1.69
CA TYR A 66 9.20 -4.34 1.60
C TYR A 66 8.24 -4.55 0.44
N VAL A 67 7.82 -3.46 -0.24
CA VAL A 67 6.91 -3.54 -1.41
C VAL A 67 7.49 -2.79 -2.62
N LYS A 68 7.20 -3.34 -3.80
CA LYS A 68 7.50 -2.75 -5.10
C LYS A 68 6.16 -2.26 -5.70
N LEU A 69 6.05 -0.96 -5.96
CA LEU A 69 4.83 -0.35 -6.49
C LEU A 69 4.60 -0.78 -7.96
N LEU A 70 3.49 -1.50 -8.18
CA LEU A 70 3.08 -1.97 -9.51
C LEU A 70 2.41 -0.80 -10.27
N MET A 1 11.42 24.53 0.76
CA MET A 1 10.30 23.74 0.21
C MET A 1 10.84 22.72 -0.82
N GLY A 2 10.30 21.48 -0.79
CA GLY A 2 10.67 20.43 -1.75
C GLY A 2 11.52 19.33 -1.13
N HIS A 3 11.54 19.26 0.21
CA HIS A 3 12.18 18.15 0.94
C HIS A 3 11.11 17.16 1.39
N HIS A 4 11.41 15.85 1.23
CA HIS A 4 10.50 14.74 1.57
C HIS A 4 9.21 14.83 0.72
N HIS A 5 9.42 14.91 -0.61
CA HIS A 5 8.34 15.03 -1.63
C HIS A 5 7.60 13.68 -1.82
N HIS A 6 8.17 12.62 -1.22
CA HIS A 6 7.59 11.27 -1.11
C HIS A 6 7.65 10.51 -2.45
N HIS A 7 6.80 10.91 -3.40
CA HIS A 7 6.69 10.24 -4.72
C HIS A 7 7.18 11.18 -5.84
N HIS A 8 8.29 10.78 -6.48
CA HIS A 8 8.83 11.45 -7.67
C HIS A 8 8.09 10.93 -8.92
N SER A 9 6.85 11.42 -9.12
CA SER A 9 5.95 10.97 -10.20
C SER A 9 4.76 11.95 -10.32
N HIS A 10 3.74 11.55 -11.09
CA HIS A 10 2.52 12.33 -11.35
C HIS A 10 1.36 11.37 -11.70
N MET A 11 0.10 11.82 -11.44
CA MET A 11 -1.13 11.00 -11.62
C MET A 11 -1.09 9.74 -10.73
N ILE A 12 -0.75 9.95 -9.44
CA ILE A 12 -0.44 8.88 -8.47
C ILE A 12 -1.73 8.31 -7.80
N ARG A 13 -2.90 8.70 -8.34
CA ARG A 13 -4.24 8.30 -7.81
C ARG A 13 -4.42 6.77 -7.92
N SER A 14 -4.53 6.14 -6.74
CA SER A 14 -4.81 4.69 -6.57
C SER A 14 -3.68 3.83 -7.18
N ARG A 15 -2.60 3.68 -6.41
CA ARG A 15 -1.44 2.84 -6.78
C ARG A 15 -1.64 1.40 -6.33
N LYS A 16 -0.77 0.51 -6.78
CA LYS A 16 -0.65 -0.85 -6.22
C LYS A 16 0.80 -1.12 -5.84
N ALA A 17 1.01 -2.23 -5.12
CA ALA A 17 2.33 -2.69 -4.68
C ALA A 17 2.31 -4.21 -4.55
N ARG A 18 3.49 -4.81 -4.44
CA ARG A 18 3.64 -6.24 -4.19
C ARG A 18 4.79 -6.45 -3.22
N ALA A 19 4.51 -7.21 -2.16
CA ALA A 19 5.51 -7.59 -1.17
C ALA A 19 6.65 -8.38 -1.85
N VAL A 20 7.85 -7.80 -1.84
CA VAL A 20 9.09 -8.45 -2.32
C VAL A 20 9.88 -8.99 -1.11
N TYR A 21 9.55 -8.48 0.08
CA TYR A 21 10.04 -8.97 1.38
C TYR A 21 8.82 -9.21 2.30
N PRO A 22 8.83 -10.28 3.16
CA PRO A 22 7.72 -10.52 4.10
C PRO A 22 7.88 -9.67 5.38
N CYS A 23 6.77 -9.44 6.08
CA CYS A 23 6.74 -8.62 7.30
C CYS A 23 5.67 -9.15 8.25
N GLU A 24 6.00 -9.23 9.55
CA GLU A 24 5.04 -9.53 10.62
C GLU A 24 5.09 -8.38 11.63
N ALA A 25 4.12 -7.46 11.50
CA ALA A 25 3.98 -6.30 12.36
C ALA A 25 3.11 -6.65 13.58
N GLU A 26 3.51 -6.18 14.77
CA GLU A 26 2.85 -6.54 16.05
C GLU A 26 1.61 -5.65 16.29
N HIS A 27 1.59 -4.44 15.70
CA HIS A 27 0.41 -3.54 15.78
C HIS A 27 -0.60 -3.90 14.69
N SER A 28 -1.90 -3.72 15.01
CA SER A 28 -3.02 -4.07 14.13
C SER A 28 -3.15 -3.07 12.96
N SER A 29 -2.81 -1.79 13.24
CA SER A 29 -2.80 -0.71 12.25
C SER A 29 -1.77 -1.03 11.15
N GLU A 30 -0.60 -1.51 11.59
CA GLU A 30 0.47 -2.02 10.72
C GLU A 30 0.08 -3.40 10.15
N LEU A 31 0.44 -3.67 8.88
CA LEU A 31 0.03 -4.90 8.18
C LEU A 31 1.14 -5.95 8.20
N SER A 32 0.70 -7.20 8.27
CA SER A 32 1.55 -8.39 8.16
C SER A 32 1.21 -9.10 6.82
N PHE A 33 2.24 -9.64 6.15
CA PHE A 33 2.14 -10.13 4.77
C PHE A 33 3.35 -11.01 4.39
N GLU A 34 3.17 -11.80 3.33
CA GLU A 34 4.22 -12.65 2.71
C GLU A 34 4.60 -12.10 1.32
N ILE A 35 5.72 -12.61 0.76
CA ILE A 35 6.17 -12.25 -0.59
C ILE A 35 5.12 -12.69 -1.64
N GLY A 36 4.59 -11.71 -2.39
CA GLY A 36 3.56 -11.97 -3.40
C GLY A 36 2.23 -11.32 -3.06
N ALA A 37 2.10 -10.89 -1.79
CA ALA A 37 0.91 -10.21 -1.29
C ALA A 37 0.73 -8.87 -2.04
N ILE A 38 -0.34 -8.79 -2.82
CA ILE A 38 -0.68 -7.59 -3.59
C ILE A 38 -1.43 -6.59 -2.69
N PHE A 39 -1.04 -5.31 -2.81
CA PHE A 39 -1.64 -4.19 -2.07
C PHE A 39 -2.27 -3.24 -3.09
N GLU A 40 -3.44 -2.69 -2.77
CA GLU A 40 -4.23 -1.85 -3.70
C GLU A 40 -4.53 -0.49 -3.05
N ASP A 41 -4.65 0.55 -3.90
CA ASP A 41 -4.88 1.97 -3.48
C ASP A 41 -3.74 2.44 -2.55
N VAL A 42 -2.50 2.06 -2.90
CA VAL A 42 -1.30 2.36 -2.09
C VAL A 42 -1.00 3.87 -2.11
N GLN A 43 -1.02 4.48 -0.93
CA GLN A 43 -0.87 5.93 -0.71
C GLN A 43 0.28 6.14 0.29
N THR A 44 0.63 7.40 0.56
CA THR A 44 1.69 7.73 1.53
C THR A 44 1.06 7.99 2.92
N SER A 45 1.70 7.48 3.97
CA SER A 45 1.26 7.70 5.37
C SER A 45 1.95 8.95 5.95
N ARG A 46 1.51 9.36 7.16
CA ARG A 46 2.16 10.46 7.91
C ARG A 46 3.48 9.97 8.51
N GLU A 47 3.56 8.63 8.74
CA GLU A 47 4.79 7.94 9.18
C GLU A 47 5.81 7.95 8.03
N PRO A 48 7.00 8.63 8.18
CA PRO A 48 8.04 8.70 7.11
C PRO A 48 8.55 7.29 6.68
N GLY A 49 8.31 6.95 5.40
CA GLY A 49 8.75 5.66 4.82
C GLY A 49 7.71 4.55 4.94
N TRP A 50 6.48 4.92 5.36
CA TRP A 50 5.35 3.98 5.45
C TRP A 50 4.26 4.37 4.45
N LEU A 51 3.50 3.37 3.99
CA LEU A 51 2.46 3.53 2.96
C LEU A 51 1.12 2.94 3.47
N GLU A 52 0.00 3.47 2.99
CA GLU A 52 -1.35 2.93 3.28
C GLU A 52 -1.85 2.15 2.08
N GLY A 53 -2.12 0.87 2.27
CA GLY A 53 -2.48 -0.02 1.17
C GLY A 53 -3.39 -1.12 1.63
N THR A 54 -4.21 -1.61 0.72
CA THR A 54 -5.27 -2.57 1.02
C THR A 54 -4.79 -3.98 0.69
N LEU A 55 -4.84 -4.88 1.68
CA LEU A 55 -4.44 -6.27 1.53
C LEU A 55 -5.65 -7.15 1.81
N ASN A 56 -6.25 -7.72 0.74
CA ASN A 56 -7.42 -8.64 0.80
C ASN A 56 -8.69 -7.94 1.35
N GLY A 57 -8.63 -6.61 1.56
CA GLY A 57 -9.71 -5.85 2.22
C GLY A 57 -9.22 -5.06 3.44
N LYS A 58 -8.09 -5.50 4.02
CA LYS A 58 -7.51 -4.90 5.25
C LYS A 58 -6.43 -3.85 4.89
N ARG A 59 -6.69 -2.59 5.23
CA ARG A 59 -5.80 -1.46 4.86
C ARG A 59 -5.08 -0.92 6.10
N GLY A 60 -3.77 -0.61 5.95
CA GLY A 60 -2.97 -0.09 7.05
C GLY A 60 -1.54 0.20 6.66
N LEU A 61 -0.69 0.38 7.69
CA LEU A 61 0.73 0.76 7.56
C LEU A 61 1.56 -0.39 6.98
N ILE A 62 2.18 -0.11 5.84
CA ILE A 62 3.01 -1.06 5.10
C ILE A 62 4.43 -0.48 4.99
N PRO A 63 5.51 -1.27 5.31
CA PRO A 63 6.89 -0.84 5.06
C PRO A 63 7.17 -0.76 3.54
N GLN A 64 7.41 0.48 3.08
CA GLN A 64 7.68 0.83 1.67
C GLN A 64 8.85 0.01 1.06
N ASN A 65 9.87 -0.22 1.89
CA ASN A 65 11.10 -0.97 1.53
C ASN A 65 10.78 -2.45 1.21
N TYR A 66 9.76 -3.00 1.87
CA TYR A 66 9.38 -4.43 1.75
C TYR A 66 8.44 -4.68 0.58
N VAL A 67 8.00 -3.61 -0.09
CA VAL A 67 7.07 -3.69 -1.25
C VAL A 67 7.65 -3.00 -2.48
N LYS A 68 7.06 -3.28 -3.64
CA LYS A 68 7.45 -2.68 -4.92
C LYS A 68 6.18 -2.26 -5.68
N LEU A 69 6.05 -0.95 -5.94
CA LEU A 69 4.84 -0.34 -6.50
C LEU A 69 4.52 -0.87 -7.92
N LEU A 70 3.43 -1.64 -8.01
CA LEU A 70 2.85 -2.13 -9.28
C LEU A 70 2.19 -0.94 -10.02
N MET A 1 -6.35 5.30 -22.88
CA MET A 1 -6.89 6.67 -22.90
C MET A 1 -7.49 6.96 -24.29
N GLY A 2 -6.61 7.06 -25.31
CA GLY A 2 -7.00 7.49 -26.65
C GLY A 2 -7.75 6.43 -27.45
N HIS A 3 -7.00 5.47 -28.00
CA HIS A 3 -7.53 4.48 -28.96
C HIS A 3 -8.33 3.38 -28.23
N HIS A 4 -9.55 3.77 -27.81
CA HIS A 4 -10.54 2.96 -27.08
C HIS A 4 -11.68 3.90 -26.65
N HIS A 5 -11.28 5.04 -26.05
CA HIS A 5 -12.20 6.01 -25.40
C HIS A 5 -13.05 5.32 -24.30
N HIS A 6 -14.23 4.80 -24.70
CA HIS A 6 -15.22 4.13 -23.83
C HIS A 6 -15.70 5.08 -22.69
N HIS A 7 -14.88 5.21 -21.64
CA HIS A 7 -15.12 6.12 -20.51
C HIS A 7 -14.09 7.29 -20.61
N HIS A 8 -12.85 6.92 -20.99
CA HIS A 8 -11.72 7.84 -21.29
C HIS A 8 -11.09 8.45 -20.03
N SER A 9 -11.90 9.20 -19.28
CA SER A 9 -11.44 9.94 -18.09
C SER A 9 -11.20 8.99 -16.91
N HIS A 10 -10.04 8.31 -16.94
CA HIS A 10 -9.63 7.40 -15.87
C HIS A 10 -8.10 7.48 -15.72
N MET A 11 -7.66 8.40 -14.87
CA MET A 11 -6.24 8.61 -14.56
C MET A 11 -5.73 7.45 -13.70
N ILE A 12 -4.40 7.28 -13.59
CA ILE A 12 -3.80 6.19 -12.80
C ILE A 12 -3.90 6.51 -11.29
N ARG A 13 -5.12 6.32 -10.77
CA ARG A 13 -5.46 6.49 -9.36
C ARG A 13 -5.40 5.12 -8.68
N SER A 14 -5.17 5.11 -7.36
CA SER A 14 -5.06 3.86 -6.56
C SER A 14 -3.94 2.94 -7.10
N ARG A 15 -2.71 3.11 -6.57
CA ARG A 15 -1.56 2.29 -6.97
C ARG A 15 -1.69 0.86 -6.42
N LYS A 16 -0.94 -0.06 -7.04
CA LYS A 16 -0.73 -1.40 -6.51
C LYS A 16 0.69 -1.48 -5.94
N ALA A 17 0.96 -2.54 -5.18
CA ALA A 17 2.30 -2.88 -4.71
C ALA A 17 2.37 -4.39 -4.49
N ARG A 18 3.49 -5.01 -4.87
CA ARG A 18 3.77 -6.41 -4.61
C ARG A 18 4.79 -6.50 -3.49
N ALA A 19 4.45 -7.24 -2.43
CA ALA A 19 5.39 -7.56 -1.38
C ALA A 19 6.57 -8.34 -1.97
N VAL A 20 7.76 -7.74 -1.90
CA VAL A 20 9.01 -8.34 -2.39
C VAL A 20 9.93 -8.74 -1.23
N TYR A 21 9.54 -8.32 -0.01
CA TYR A 21 10.14 -8.77 1.26
C TYR A 21 9.00 -8.99 2.27
N PRO A 22 9.09 -10.02 3.16
CA PRO A 22 8.03 -10.28 4.16
C PRO A 22 8.11 -9.31 5.38
N CYS A 23 6.95 -9.07 6.01
CA CYS A 23 6.83 -8.18 7.18
C CYS A 23 5.76 -8.72 8.12
N GLU A 24 5.92 -8.47 9.42
CA GLU A 24 4.92 -8.84 10.44
C GLU A 24 4.34 -7.58 11.11
N ALA A 25 3.23 -7.75 11.84
CA ALA A 25 2.47 -6.65 12.43
C ALA A 25 2.13 -6.97 13.89
N GLU A 26 2.73 -6.23 14.83
CA GLU A 26 2.45 -6.39 16.25
C GLU A 26 1.25 -5.53 16.68
N HIS A 27 1.14 -4.31 16.09
CA HIS A 27 0.12 -3.30 16.45
C HIS A 27 0.33 -2.07 15.53
N SER A 28 -0.06 -0.86 15.99
CA SER A 28 0.25 0.41 15.28
C SER A 28 -0.45 0.50 13.89
N SER A 29 -1.53 -0.30 13.70
CA SER A 29 -2.29 -0.37 12.43
C SER A 29 -1.45 -0.96 11.28
N GLU A 30 -0.37 -1.68 11.62
CA GLU A 30 0.54 -2.32 10.65
C GLU A 30 -0.14 -3.48 9.88
N LEU A 31 0.40 -3.81 8.71
CA LEU A 31 -0.05 -4.98 7.92
C LEU A 31 1.04 -6.05 7.91
N SER A 32 0.60 -7.28 8.20
CA SER A 32 1.43 -8.48 8.13
C SER A 32 1.27 -9.11 6.74
N PHE A 33 2.38 -9.54 6.13
CA PHE A 33 2.40 -10.05 4.74
C PHE A 33 3.68 -10.85 4.43
N GLU A 34 3.62 -11.51 3.27
CA GLU A 34 4.67 -12.39 2.72
C GLU A 34 4.89 -12.02 1.24
N ILE A 35 6.03 -12.45 0.65
CA ILE A 35 6.42 -12.11 -0.74
C ILE A 35 5.36 -12.58 -1.76
N GLY A 36 4.65 -11.61 -2.36
CA GLY A 36 3.64 -11.87 -3.39
C GLY A 36 2.32 -11.18 -3.09
N ALA A 37 2.17 -10.66 -1.85
CA ALA A 37 0.97 -9.96 -1.40
C ALA A 37 0.77 -8.67 -2.20
N ILE A 38 -0.26 -8.67 -3.04
CA ILE A 38 -0.66 -7.47 -3.80
C ILE A 38 -1.54 -6.57 -2.92
N PHE A 39 -1.26 -5.26 -2.93
CA PHE A 39 -1.97 -4.26 -2.13
C PHE A 39 -2.71 -3.32 -3.07
N GLU A 40 -3.98 -3.00 -2.75
CA GLU A 40 -4.79 -2.07 -3.54
C GLU A 40 -4.79 -0.68 -2.92
N ASP A 41 -4.73 0.36 -3.77
CA ASP A 41 -4.73 1.77 -3.36
C ASP A 41 -3.60 2.09 -2.36
N VAL A 42 -2.36 1.94 -2.82
CA VAL A 42 -1.16 2.18 -2.01
C VAL A 42 -0.79 3.68 -2.07
N GLN A 43 -0.77 4.31 -0.89
CA GLN A 43 -0.59 5.77 -0.74
C GLN A 43 0.51 6.06 0.30
N THR A 44 0.89 7.33 0.47
CA THR A 44 1.89 7.74 1.49
C THR A 44 1.18 8.09 2.80
N SER A 45 1.70 7.57 3.92
CA SER A 45 1.12 7.77 5.26
C SER A 45 1.79 8.98 5.96
N ARG A 46 1.35 9.27 7.20
CA ARG A 46 1.99 10.29 8.07
C ARG A 46 3.37 9.77 8.54
N GLU A 47 3.43 8.45 8.76
CA GLU A 47 4.62 7.75 9.25
C GLU A 47 5.70 7.71 8.14
N PRO A 48 6.93 8.26 8.41
CA PRO A 48 8.04 8.26 7.43
C PRO A 48 8.49 6.83 7.06
N GLY A 49 8.41 6.49 5.77
CA GLY A 49 8.80 5.17 5.27
C GLY A 49 7.64 4.17 5.27
N TRP A 50 6.46 4.60 5.71
CA TRP A 50 5.27 3.74 5.77
C TRP A 50 4.21 4.21 4.76
N LEU A 51 3.75 3.26 3.93
CA LEU A 51 2.68 3.46 2.95
C LEU A 51 1.38 2.82 3.47
N GLU A 52 0.21 3.27 3.00
CA GLU A 52 -1.09 2.66 3.35
C GLU A 52 -1.67 1.96 2.13
N GLY A 53 -2.02 0.69 2.29
CA GLY A 53 -2.55 -0.12 1.19
C GLY A 53 -3.54 -1.14 1.72
N THR A 54 -4.38 -1.69 0.82
CA THR A 54 -5.45 -2.62 1.19
C THR A 54 -4.96 -4.07 0.98
N LEU A 55 -4.92 -4.83 2.08
CA LEU A 55 -4.57 -6.26 2.05
C LEU A 55 -5.67 -7.03 2.80
N ASN A 56 -6.35 -7.95 2.07
CA ASN A 56 -7.44 -8.80 2.62
C ASN A 56 -8.68 -7.97 3.02
N GLY A 57 -8.75 -6.73 2.50
CA GLY A 57 -9.82 -5.78 2.81
C GLY A 57 -9.46 -4.85 3.97
N LYS A 58 -8.16 -4.74 4.31
CA LYS A 58 -7.68 -3.94 5.46
C LYS A 58 -6.61 -2.94 5.01
N ARG A 59 -6.85 -1.65 5.29
CA ARG A 59 -5.89 -0.57 5.04
C ARG A 59 -4.99 -0.41 6.28
N GLY A 60 -3.68 -0.27 6.07
CA GLY A 60 -2.75 -0.08 7.19
C GLY A 60 -1.32 0.20 6.77
N LEU A 61 -0.44 0.29 7.78
CA LEU A 61 0.97 0.66 7.60
C LEU A 61 1.78 -0.49 7.00
N ILE A 62 2.39 -0.20 5.86
CA ILE A 62 3.22 -1.12 5.10
C ILE A 62 4.62 -0.50 4.99
N PRO A 63 5.72 -1.27 5.27
CA PRO A 63 7.09 -0.79 5.02
C PRO A 63 7.33 -0.66 3.48
N GLN A 64 7.61 0.59 3.05
CA GLN A 64 7.86 0.97 1.63
C GLN A 64 9.00 0.15 1.00
N ASN A 65 10.06 -0.08 1.79
CA ASN A 65 11.25 -0.85 1.37
C ASN A 65 10.92 -2.35 1.16
N TYR A 66 9.77 -2.83 1.68
CA TYR A 66 9.38 -4.27 1.61
C TYR A 66 8.37 -4.52 0.49
N VAL A 67 7.94 -3.45 -0.21
CA VAL A 67 7.03 -3.55 -1.37
C VAL A 67 7.63 -2.90 -2.61
N LYS A 68 7.07 -3.24 -3.77
CA LYS A 68 7.48 -2.70 -5.06
C LYS A 68 6.21 -2.26 -5.80
N LEU A 69 6.09 -0.94 -6.05
CA LEU A 69 4.87 -0.33 -6.59
C LEU A 69 4.62 -0.79 -8.03
N LEU A 70 3.45 -1.39 -8.25
CA LEU A 70 3.01 -1.85 -9.57
C LEU A 70 2.20 -0.70 -10.23
N MET A 1 -9.34 -3.74 -22.78
CA MET A 1 -10.45 -4.56 -23.33
C MET A 1 -11.76 -3.74 -23.34
N GLY A 2 -12.22 -3.35 -22.14
CA GLY A 2 -13.45 -2.58 -22.01
C GLY A 2 -13.52 -1.83 -20.69
N HIS A 3 -12.64 -0.82 -20.55
CA HIS A 3 -12.72 0.17 -19.45
C HIS A 3 -13.83 1.18 -19.75
N HIS A 4 -14.11 1.41 -21.05
CA HIS A 4 -15.16 2.34 -21.50
C HIS A 4 -16.57 1.76 -21.28
N HIS A 5 -16.65 0.47 -20.87
CA HIS A 5 -17.90 -0.26 -20.57
C HIS A 5 -18.71 0.48 -19.46
N HIS A 6 -19.48 1.50 -19.89
CA HIS A 6 -20.19 2.45 -19.03
C HIS A 6 -19.25 3.02 -17.93
N HIS A 7 -18.19 3.71 -18.40
CA HIS A 7 -17.09 4.22 -17.54
C HIS A 7 -17.55 5.43 -16.71
N HIS A 8 -18.23 5.15 -15.60
CA HIS A 8 -18.65 6.17 -14.62
C HIS A 8 -17.68 6.21 -13.44
N SER A 9 -17.05 5.05 -13.18
CA SER A 9 -15.97 4.94 -12.20
C SER A 9 -14.72 5.66 -12.71
N HIS A 10 -14.00 6.32 -11.81
CA HIS A 10 -12.71 6.96 -12.12
C HIS A 10 -11.61 6.37 -11.23
N MET A 11 -10.90 5.38 -11.79
CA MET A 11 -9.76 4.70 -11.14
C MET A 11 -8.45 5.49 -11.36
N ILE A 12 -8.54 6.84 -11.37
CA ILE A 12 -7.34 7.72 -11.38
C ILE A 12 -6.56 7.57 -10.05
N ARG A 13 -7.34 7.22 -9.00
CA ARG A 13 -6.82 6.80 -7.70
C ARG A 13 -6.40 5.32 -7.75
N SER A 14 -6.06 4.75 -6.58
CA SER A 14 -5.77 3.33 -6.39
C SER A 14 -4.48 2.92 -7.13
N ARG A 15 -3.32 3.11 -6.47
CA ARG A 15 -2.02 2.68 -6.98
C ARG A 15 -1.75 1.28 -6.39
N LYS A 16 -0.88 0.48 -7.01
CA LYS A 16 -0.61 -0.91 -6.59
C LYS A 16 0.81 -1.07 -6.04
N ALA A 17 1.02 -2.19 -5.34
CA ALA A 17 2.34 -2.58 -4.78
C ALA A 17 2.43 -4.10 -4.69
N ARG A 18 3.64 -4.64 -4.82
CA ARG A 18 3.93 -6.07 -4.61
C ARG A 18 4.92 -6.19 -3.46
N ALA A 19 4.54 -6.96 -2.44
CA ALA A 19 5.42 -7.28 -1.32
C ALA A 19 6.61 -8.11 -1.85
N VAL A 20 7.81 -7.55 -1.74
CA VAL A 20 9.06 -8.23 -2.12
C VAL A 20 9.74 -8.84 -0.87
N TYR A 21 9.36 -8.32 0.31
CA TYR A 21 9.71 -8.92 1.60
C TYR A 21 8.41 -9.19 2.39
N PRO A 22 8.40 -10.20 3.31
CA PRO A 22 7.28 -10.41 4.22
C PRO A 22 7.26 -9.38 5.36
N CYS A 23 6.09 -9.14 5.97
CA CYS A 23 5.98 -8.25 7.13
C CYS A 23 5.12 -8.90 8.20
N GLU A 24 5.22 -8.35 9.40
CA GLU A 24 4.51 -8.78 10.59
C GLU A 24 4.08 -7.51 11.34
N ALA A 25 2.82 -7.47 11.79
CA ALA A 25 2.28 -6.30 12.50
C ALA A 25 2.87 -6.24 13.91
N GLU A 26 3.84 -5.32 14.11
CA GLU A 26 4.45 -5.07 15.44
C GLU A 26 3.37 -4.54 16.42
N HIS A 27 2.44 -3.76 15.86
CA HIS A 27 1.24 -3.27 16.52
C HIS A 27 0.07 -3.36 15.52
N SER A 28 -1.18 -3.23 16.02
CA SER A 28 -2.40 -3.35 15.21
C SER A 28 -2.54 -2.26 14.11
N SER A 29 -1.66 -1.25 14.14
CA SER A 29 -1.58 -0.22 13.10
C SER A 29 -1.03 -0.81 11.78
N GLU A 30 -0.03 -1.69 11.91
CA GLU A 30 0.69 -2.30 10.78
C GLU A 30 -0.12 -3.42 10.11
N LEU A 31 0.42 -3.92 8.98
CA LEU A 31 -0.10 -5.13 8.30
C LEU A 31 0.89 -6.31 8.43
N SER A 32 0.35 -7.51 8.18
CA SER A 32 1.08 -8.78 8.20
C SER A 32 0.86 -9.48 6.85
N PHE A 33 1.95 -9.92 6.19
CA PHE A 33 1.91 -10.45 4.82
C PHE A 33 3.21 -11.18 4.47
N GLU A 34 3.27 -11.66 3.22
CA GLU A 34 4.44 -12.37 2.68
C GLU A 34 4.78 -11.84 1.27
N ILE A 35 5.86 -12.37 0.68
CA ILE A 35 6.29 -12.02 -0.69
C ILE A 35 5.24 -12.49 -1.71
N GLY A 36 4.76 -11.55 -2.52
CA GLY A 36 3.73 -11.83 -3.53
C GLY A 36 2.41 -11.17 -3.21
N ALA A 37 2.28 -10.64 -1.97
CA ALA A 37 1.09 -9.93 -1.52
C ALA A 37 0.94 -8.62 -2.30
N ILE A 38 -0.02 -8.60 -3.23
CA ILE A 38 -0.37 -7.39 -3.99
C ILE A 38 -1.36 -6.54 -3.17
N PHE A 39 -1.18 -5.20 -3.21
CA PHE A 39 -2.00 -4.25 -2.45
C PHE A 39 -2.70 -3.27 -3.41
N GLU A 40 -3.94 -2.92 -3.07
CA GLU A 40 -4.75 -1.95 -3.79
C GLU A 40 -4.80 -0.64 -2.99
N ASP A 41 -5.00 0.49 -3.69
CA ASP A 41 -5.17 1.83 -3.07
C ASP A 41 -3.98 2.21 -2.17
N VAL A 42 -2.78 1.88 -2.67
CA VAL A 42 -1.52 2.16 -1.96
C VAL A 42 -1.22 3.67 -2.02
N GLN A 43 -1.12 4.29 -0.84
CA GLN A 43 -0.87 5.73 -0.67
C GLN A 43 0.31 5.92 0.29
N THR A 44 0.82 7.15 0.40
CA THR A 44 1.92 7.45 1.33
C THR A 44 1.36 7.80 2.72
N SER A 45 1.95 7.20 3.76
CA SER A 45 1.56 7.43 5.15
C SER A 45 2.23 8.69 5.69
N ARG A 46 1.61 9.30 6.72
CA ARG A 46 2.17 10.46 7.42
C ARG A 46 3.47 10.09 8.18
N GLU A 47 3.68 8.77 8.34
CA GLU A 47 4.90 8.19 8.89
C GLU A 47 5.98 8.08 7.77
N PRO A 48 7.22 8.63 7.99
CA PRO A 48 8.36 8.50 7.03
C PRO A 48 8.75 7.01 6.77
N GLY A 49 8.65 6.60 5.49
CA GLY A 49 9.04 5.25 5.06
C GLY A 49 7.93 4.21 5.21
N TRP A 50 6.69 4.69 5.44
CA TRP A 50 5.49 3.83 5.53
C TRP A 50 4.48 4.20 4.43
N LEU A 51 3.76 3.18 3.93
CA LEU A 51 2.71 3.32 2.93
C LEU A 51 1.44 2.61 3.45
N GLU A 52 0.25 3.11 3.06
CA GLU A 52 -1.03 2.46 3.42
C GLU A 52 -1.52 1.66 2.21
N GLY A 53 -1.70 0.35 2.39
CA GLY A 53 -2.07 -0.54 1.29
C GLY A 53 -3.19 -1.47 1.72
N THR A 54 -4.09 -1.79 0.80
CA THR A 54 -5.27 -2.61 1.09
C THR A 54 -5.02 -4.06 0.60
N LEU A 55 -5.01 -5.00 1.56
CA LEU A 55 -4.71 -6.42 1.31
C LEU A 55 -6.00 -7.23 1.57
N ASN A 56 -6.65 -7.67 0.46
CA ASN A 56 -7.92 -8.43 0.49
C ASN A 56 -9.06 -7.66 1.18
N GLY A 57 -8.90 -6.33 1.32
CA GLY A 57 -9.89 -5.47 1.97
C GLY A 57 -9.40 -4.85 3.29
N LYS A 58 -8.21 -5.25 3.76
CA LYS A 58 -7.64 -4.76 5.04
C LYS A 58 -6.53 -3.74 4.78
N ARG A 59 -6.71 -2.51 5.23
CA ARG A 59 -5.71 -1.43 5.04
C ARG A 59 -4.96 -1.20 6.36
N GLY A 60 -3.66 -0.89 6.24
CA GLY A 60 -2.81 -0.59 7.38
C GLY A 60 -1.43 -0.13 6.94
N LEU A 61 -0.53 0.01 7.92
CA LEU A 61 0.83 0.51 7.70
C LEU A 61 1.75 -0.60 7.19
N ILE A 62 2.38 -0.30 6.07
CA ILE A 62 3.28 -1.19 5.35
C ILE A 62 4.66 -0.53 5.28
N PRO A 63 5.77 -1.25 5.61
CA PRO A 63 7.12 -0.74 5.36
C PRO A 63 7.36 -0.64 3.83
N GLN A 64 7.65 0.59 3.37
CA GLN A 64 7.89 0.93 1.94
C GLN A 64 9.00 0.04 1.32
N ASN A 65 10.03 -0.22 2.14
CA ASN A 65 11.17 -1.11 1.82
C ASN A 65 10.68 -2.55 1.48
N TYR A 66 9.63 -3.00 2.18
CA TYR A 66 9.10 -4.37 2.05
C TYR A 66 8.19 -4.56 0.82
N VAL A 67 7.86 -3.45 0.13
CA VAL A 67 7.00 -3.50 -1.09
C VAL A 67 7.65 -2.79 -2.28
N LYS A 68 7.05 -3.02 -3.46
CA LYS A 68 7.49 -2.46 -4.74
C LYS A 68 6.28 -1.87 -5.47
N LEU A 69 6.21 -0.54 -5.59
CA LEU A 69 5.07 0.17 -6.17
C LEU A 69 4.94 -0.12 -7.69
N LEU A 70 3.88 -0.88 -8.04
CA LEU A 70 3.63 -1.33 -9.43
C LEU A 70 3.17 -0.13 -10.30
N MET A 1 -10.99 11.25 1.35
CA MET A 1 -10.12 12.46 1.40
C MET A 1 -10.81 13.60 0.63
N GLY A 2 -10.77 14.82 1.19
CA GLY A 2 -11.32 16.00 0.54
C GLY A 2 -12.83 16.08 0.59
N HIS A 3 -13.38 16.22 1.81
CA HIS A 3 -14.84 16.42 2.02
C HIS A 3 -15.22 17.87 1.66
N HIS A 4 -14.44 18.82 2.20
CA HIS A 4 -14.61 20.27 1.94
C HIS A 4 -13.24 20.92 1.68
N HIS A 5 -12.22 20.07 1.47
CA HIS A 5 -10.83 20.52 1.26
C HIS A 5 -10.71 21.35 -0.03
N HIS A 6 -10.52 22.67 0.12
CA HIS A 6 -10.31 23.59 -1.01
C HIS A 6 -8.96 23.28 -1.67
N HIS A 7 -8.93 23.39 -3.01
CA HIS A 7 -7.82 22.99 -3.89
C HIS A 7 -7.66 21.45 -3.93
N HIS A 8 -7.85 20.87 -5.12
CA HIS A 8 -7.55 19.48 -5.43
C HIS A 8 -7.11 19.44 -6.89
N SER A 9 -5.80 19.62 -7.11
CA SER A 9 -5.20 19.65 -8.45
C SER A 9 -5.02 18.23 -9.01
N HIS A 10 -4.58 18.12 -10.27
CA HIS A 10 -4.43 16.82 -10.95
C HIS A 10 -3.30 15.99 -10.29
N MET A 11 -3.70 15.17 -9.32
CA MET A 11 -2.82 14.20 -8.67
C MET A 11 -3.59 12.87 -8.57
N ILE A 12 -3.00 11.80 -9.10
CA ILE A 12 -3.57 10.46 -9.01
C ILE A 12 -3.44 9.90 -7.58
N ARG A 13 -4.17 8.81 -7.32
CA ARG A 13 -4.12 8.09 -6.05
C ARG A 13 -4.11 6.58 -6.33
N SER A 14 -4.13 5.79 -5.25
CA SER A 14 -4.39 4.34 -5.31
C SER A 14 -3.39 3.59 -6.21
N ARG A 15 -2.14 3.52 -5.74
CA ARG A 15 -1.10 2.68 -6.37
C ARG A 15 -1.33 1.21 -5.98
N LYS A 16 -0.61 0.33 -6.67
CA LYS A 16 -0.53 -1.08 -6.29
C LYS A 16 0.84 -1.33 -5.68
N ALA A 17 1.01 -2.49 -5.06
CA ALA A 17 2.30 -2.92 -4.51
C ALA A 17 2.39 -4.44 -4.57
N ARG A 18 3.59 -4.92 -4.83
CA ARG A 18 3.92 -6.34 -4.73
C ARG A 18 4.91 -6.52 -3.60
N ALA A 19 4.56 -7.32 -2.60
CA ALA A 19 5.45 -7.64 -1.50
C ALA A 19 6.66 -8.41 -2.05
N VAL A 20 7.83 -7.79 -1.95
CA VAL A 20 9.11 -8.37 -2.42
C VAL A 20 9.89 -8.96 -1.24
N TYR A 21 9.50 -8.55 -0.02
CA TYR A 21 9.99 -9.12 1.25
C TYR A 21 8.79 -9.39 2.18
N PRO A 22 8.88 -10.41 3.09
CA PRO A 22 7.80 -10.68 4.06
C PRO A 22 7.86 -9.72 5.29
N CYS A 23 6.73 -9.61 6.01
CA CYS A 23 6.63 -8.74 7.21
C CYS A 23 5.47 -9.20 8.09
N GLU A 24 5.77 -9.56 9.34
CA GLU A 24 4.75 -9.79 10.38
C GLU A 24 4.22 -8.42 10.85
N ALA A 25 3.04 -8.43 11.48
CA ALA A 25 2.51 -7.25 12.16
C ALA A 25 2.70 -7.44 13.67
N GLU A 26 3.59 -6.62 14.28
CA GLU A 26 3.78 -6.60 15.75
C GLU A 26 3.06 -5.40 16.37
N HIS A 27 2.69 -4.43 15.52
CA HIS A 27 1.77 -3.33 15.90
C HIS A 27 0.45 -3.56 15.18
N SER A 28 -0.66 -3.17 15.84
CA SER A 28 -2.03 -3.33 15.30
C SER A 28 -2.38 -2.22 14.27
N SER A 29 -1.34 -1.57 13.73
CA SER A 29 -1.45 -0.62 12.62
C SER A 29 -0.87 -1.24 11.32
N GLU A 30 0.15 -2.11 11.50
CA GLU A 30 0.93 -2.69 10.39
C GLU A 30 0.17 -3.83 9.71
N LEU A 31 0.33 -3.97 8.39
CA LEU A 31 -0.21 -5.11 7.64
C LEU A 31 0.77 -6.28 7.73
N SER A 32 0.20 -7.46 7.92
CA SER A 32 0.94 -8.74 7.94
C SER A 32 0.85 -9.37 6.55
N PHE A 33 2.00 -9.78 5.99
CA PHE A 33 2.10 -10.27 4.61
C PHE A 33 3.39 -11.07 4.41
N GLU A 34 3.51 -11.60 3.20
CA GLU A 34 4.68 -12.34 2.73
C GLU A 34 4.91 -12.01 1.25
N ILE A 35 5.98 -12.57 0.67
CA ILE A 35 6.34 -12.30 -0.74
C ILE A 35 5.25 -12.79 -1.70
N GLY A 36 4.73 -11.85 -2.52
CA GLY A 36 3.70 -12.14 -3.52
C GLY A 36 2.41 -11.39 -3.25
N ALA A 37 2.21 -10.99 -1.97
CA ALA A 37 1.02 -10.26 -1.52
C ALA A 37 0.85 -8.95 -2.31
N ILE A 38 -0.20 -8.90 -3.14
CA ILE A 38 -0.55 -7.70 -3.90
C ILE A 38 -1.48 -6.79 -3.07
N PHE A 39 -1.07 -5.51 -2.98
CA PHE A 39 -1.83 -4.46 -2.30
C PHE A 39 -2.45 -3.53 -3.34
N GLU A 40 -3.55 -2.89 -2.94
CA GLU A 40 -4.25 -1.87 -3.74
C GLU A 40 -4.47 -0.63 -2.86
N ASP A 41 -4.67 0.55 -3.49
CA ASP A 41 -4.95 1.83 -2.78
C ASP A 41 -3.71 2.31 -1.97
N VAL A 42 -2.52 1.90 -2.42
CA VAL A 42 -1.27 2.21 -1.71
C VAL A 42 -0.84 3.67 -1.98
N GLN A 43 -0.64 4.39 -0.89
CA GLN A 43 -0.35 5.83 -0.86
C GLN A 43 0.76 6.07 0.18
N THR A 44 1.26 7.31 0.29
CA THR A 44 2.19 7.68 1.37
C THR A 44 1.39 7.97 2.66
N SER A 45 1.97 7.61 3.82
CA SER A 45 1.35 7.83 5.14
C SER A 45 1.64 9.25 5.66
N ARG A 46 1.15 9.54 6.89
CA ARG A 46 1.53 10.74 7.66
C ARG A 46 3.03 10.70 8.01
N GLU A 47 3.56 9.47 8.17
CA GLU A 47 4.95 9.20 8.49
C GLU A 47 5.76 9.03 7.18
N PRO A 48 6.77 9.92 6.89
CA PRO A 48 7.73 9.74 5.77
C PRO A 48 8.61 8.50 6.04
N GLY A 49 8.23 7.37 5.44
CA GLY A 49 8.87 6.07 5.65
C GLY A 49 7.85 4.96 5.78
N TRP A 50 6.58 5.34 5.91
CA TRP A 50 5.43 4.41 5.93
C TRP A 50 4.50 4.68 4.75
N LEU A 51 3.75 3.66 4.38
CA LEU A 51 2.74 3.69 3.31
C LEU A 51 1.39 3.25 3.91
N GLU A 52 0.28 3.57 3.22
CA GLU A 52 -1.06 3.11 3.60
C GLU A 52 -1.73 2.47 2.39
N GLY A 53 -2.27 1.26 2.58
CA GLY A 53 -2.92 0.52 1.50
C GLY A 53 -3.70 -0.66 2.03
N THR A 54 -4.41 -1.36 1.14
CA THR A 54 -5.34 -2.41 1.47
C THR A 54 -4.80 -3.77 0.98
N LEU A 55 -4.84 -4.77 1.87
CA LEU A 55 -4.45 -6.15 1.58
C LEU A 55 -5.69 -7.04 1.82
N ASN A 56 -6.30 -7.52 0.72
CA ASN A 56 -7.56 -8.29 0.69
C ASN A 56 -8.77 -7.37 1.07
N GLY A 57 -8.81 -6.96 2.34
CA GLY A 57 -9.81 -6.01 2.85
C GLY A 57 -9.31 -5.19 4.04
N LYS A 58 -8.10 -5.52 4.52
CA LYS A 58 -7.49 -4.88 5.69
C LYS A 58 -6.60 -3.72 5.22
N ARG A 59 -6.99 -2.49 5.56
CA ARG A 59 -6.24 -1.28 5.20
C ARG A 59 -5.41 -0.83 6.43
N GLY A 60 -4.12 -0.59 6.22
CA GLY A 60 -3.20 -0.20 7.28
C GLY A 60 -1.86 0.23 6.75
N LEU A 61 -0.90 0.39 7.68
CA LEU A 61 0.48 0.77 7.34
C LEU A 61 1.22 -0.39 6.64
N ILE A 62 1.91 -0.04 5.56
CA ILE A 62 2.76 -0.98 4.82
C ILE A 62 4.21 -0.48 4.90
N PRO A 63 5.18 -1.36 5.30
CA PRO A 63 6.62 -1.06 5.22
C PRO A 63 7.08 -0.90 3.75
N GLN A 64 7.56 0.32 3.40
CA GLN A 64 7.84 0.74 2.02
C GLN A 64 8.99 -0.06 1.35
N ASN A 65 9.92 -0.58 2.16
CA ASN A 65 11.09 -1.33 1.67
C ASN A 65 10.72 -2.79 1.35
N TYR A 66 9.71 -3.31 2.06
CA TYR A 66 9.27 -4.71 1.94
C TYR A 66 8.31 -4.92 0.78
N VAL A 67 7.80 -3.82 0.22
CA VAL A 67 6.94 -3.85 -0.97
C VAL A 67 7.55 -3.02 -2.09
N LYS A 68 7.08 -3.25 -3.32
CA LYS A 68 7.48 -2.50 -4.50
C LYS A 68 6.23 -1.92 -5.14
N LEU A 69 6.12 -0.58 -5.18
CA LEU A 69 4.96 0.09 -5.74
C LEU A 69 4.86 -0.12 -7.25
N LEU A 70 3.82 -0.85 -7.65
CA LEU A 70 3.49 -1.06 -9.04
C LEU A 70 2.59 0.10 -9.51
N MET A 1 -16.16 -3.50 -25.85
CA MET A 1 -16.89 -4.79 -25.67
C MET A 1 -16.09 -5.93 -26.32
N GLY A 2 -15.26 -6.63 -25.53
CA GLY A 2 -14.50 -7.79 -26.00
C GLY A 2 -13.13 -7.43 -26.58
N HIS A 3 -13.11 -6.42 -27.46
CA HIS A 3 -11.89 -5.96 -28.14
C HIS A 3 -11.84 -4.42 -28.15
N HIS A 4 -10.62 -3.87 -28.08
CA HIS A 4 -10.38 -2.42 -28.01
C HIS A 4 -9.12 -2.07 -28.83
N HIS A 5 -9.35 -1.55 -30.06
CA HIS A 5 -8.27 -1.08 -30.95
C HIS A 5 -7.89 0.37 -30.60
N HIS A 6 -8.85 1.14 -30.07
CA HIS A 6 -8.58 2.46 -29.49
C HIS A 6 -7.96 2.26 -28.10
N HIS A 7 -7.02 3.15 -27.73
CA HIS A 7 -6.34 3.12 -26.43
C HIS A 7 -7.36 3.39 -25.30
N HIS A 8 -7.88 2.29 -24.73
CA HIS A 8 -8.87 2.29 -23.64
C HIS A 8 -8.14 1.79 -22.38
N SER A 9 -7.66 2.73 -21.57
CA SER A 9 -6.74 2.47 -20.44
C SER A 9 -6.97 3.44 -19.26
N HIS A 10 -8.01 4.30 -19.36
CA HIS A 10 -8.39 5.24 -18.28
C HIS A 10 -8.98 4.45 -17.09
N MET A 11 -8.10 3.93 -16.22
CA MET A 11 -8.48 3.09 -15.07
C MET A 11 -7.44 3.21 -13.94
N ILE A 12 -6.33 3.94 -14.20
CA ILE A 12 -5.26 4.17 -13.21
C ILE A 12 -5.77 5.19 -12.17
N ARG A 13 -6.47 4.66 -11.16
CA ARG A 13 -6.98 5.41 -10.00
C ARG A 13 -6.66 4.63 -8.71
N SER A 14 -5.82 3.60 -8.85
CA SER A 14 -5.43 2.72 -7.78
C SER A 14 -3.97 2.29 -8.01
N ARG A 15 -3.03 3.00 -7.34
CA ARG A 15 -1.63 2.55 -7.26
C ARG A 15 -1.61 1.22 -6.51
N LYS A 16 -0.80 0.28 -6.98
CA LYS A 16 -0.67 -1.03 -6.36
C LYS A 16 0.75 -1.25 -5.87
N ALA A 17 0.95 -2.37 -5.17
CA ALA A 17 2.25 -2.79 -4.64
C ALA A 17 2.25 -4.32 -4.55
N ARG A 18 3.45 -4.90 -4.60
CA ARG A 18 3.68 -6.31 -4.35
C ARG A 18 4.82 -6.43 -3.35
N ALA A 19 4.52 -7.06 -2.22
CA ALA A 19 5.51 -7.37 -1.19
C ALA A 19 6.61 -8.26 -1.80
N VAL A 20 7.82 -7.74 -1.82
CA VAL A 20 9.00 -8.44 -2.34
C VAL A 20 9.76 -9.15 -1.21
N TYR A 21 9.43 -8.80 0.04
CA TYR A 21 9.94 -9.47 1.26
C TYR A 21 8.76 -9.79 2.21
N PRO A 22 8.89 -10.82 3.10
CA PRO A 22 7.90 -11.07 4.17
C PRO A 22 8.13 -10.12 5.38
N CYS A 23 7.03 -9.58 5.92
CA CYS A 23 7.04 -8.61 7.03
C CYS A 23 6.10 -9.08 8.14
N GLU A 24 6.69 -9.70 9.18
CA GLU A 24 5.97 -10.07 10.41
C GLU A 24 5.75 -8.81 11.26
N ALA A 25 4.47 -8.48 11.53
CA ALA A 25 4.09 -7.28 12.29
C ALA A 25 3.62 -7.66 13.70
N GLU A 26 4.13 -6.95 14.72
CA GLU A 26 3.75 -7.17 16.12
C GLU A 26 2.46 -6.40 16.49
N HIS A 27 2.05 -5.42 15.64
CA HIS A 27 0.81 -4.62 15.86
C HIS A 27 -0.20 -4.82 14.72
N SER A 28 -1.44 -4.34 14.94
CA SER A 28 -2.58 -4.47 14.01
C SER A 28 -2.56 -3.35 12.96
N SER A 29 -2.11 -2.14 13.38
CA SER A 29 -1.98 -0.97 12.49
C SER A 29 -0.98 -1.30 11.37
N GLU A 30 0.19 -1.80 11.77
CA GLU A 30 1.21 -2.30 10.85
C GLU A 30 0.70 -3.60 10.22
N LEU A 31 0.44 -3.57 8.89
CA LEU A 31 0.07 -4.76 8.14
C LEU A 31 1.20 -5.78 8.12
N SER A 32 0.84 -6.99 8.51
CA SER A 32 1.69 -8.18 8.41
C SER A 32 1.43 -8.86 7.07
N PHE A 33 2.49 -9.36 6.41
CA PHE A 33 2.38 -9.88 5.03
C PHE A 33 3.59 -10.73 4.64
N GLU A 34 3.52 -11.29 3.42
CA GLU A 34 4.53 -12.19 2.82
C GLU A 34 4.74 -11.79 1.35
N ILE A 35 5.74 -12.40 0.69
CA ILE A 35 6.04 -12.15 -0.74
C ILE A 35 4.83 -12.53 -1.62
N GLY A 36 4.46 -11.62 -2.53
CA GLY A 36 3.31 -11.80 -3.42
C GLY A 36 2.05 -11.12 -2.91
N ALA A 37 2.18 -10.38 -1.78
CA ALA A 37 1.06 -9.61 -1.19
C ALA A 37 0.77 -8.38 -2.05
N ILE A 38 -0.30 -8.47 -2.84
CA ILE A 38 -0.77 -7.37 -3.69
C ILE A 38 -1.61 -6.40 -2.85
N PHE A 39 -1.17 -5.13 -2.81
CA PHE A 39 -1.89 -4.05 -2.14
C PHE A 39 -2.52 -3.17 -3.21
N GLU A 40 -3.75 -2.72 -2.98
CA GLU A 40 -4.52 -1.90 -3.95
C GLU A 40 -4.88 -0.56 -3.30
N ASP A 41 -4.88 0.50 -4.13
CA ASP A 41 -5.03 1.91 -3.71
C ASP A 41 -4.02 2.26 -2.59
N VAL A 42 -2.74 2.22 -3.00
CA VAL A 42 -1.59 2.50 -2.15
C VAL A 42 -1.20 3.97 -2.27
N GLN A 43 -1.03 4.63 -1.13
CA GLN A 43 -0.64 6.05 -1.05
C GLN A 43 0.39 6.20 0.07
N THR A 44 1.07 7.35 0.10
CA THR A 44 2.06 7.66 1.14
C THR A 44 1.31 7.99 2.46
N SER A 45 1.83 7.49 3.58
CA SER A 45 1.26 7.75 4.91
C SER A 45 1.90 9.01 5.52
N ARG A 46 1.31 9.50 6.63
CA ARG A 46 1.90 10.57 7.46
C ARG A 46 3.11 10.03 8.24
N GLU A 47 3.09 8.71 8.47
CA GLU A 47 4.24 7.96 9.01
C GLU A 47 5.43 7.97 8.00
N PRO A 48 6.70 8.22 8.48
CA PRO A 48 7.88 8.41 7.60
C PRO A 48 8.39 7.08 6.98
N GLY A 49 8.29 6.96 5.64
CA GLY A 49 8.70 5.77 4.90
C GLY A 49 7.67 4.64 4.95
N TRP A 50 6.46 4.97 5.40
CA TRP A 50 5.31 4.04 5.44
C TRP A 50 4.30 4.44 4.36
N LEU A 51 3.66 3.45 3.75
CA LEU A 51 2.54 3.63 2.82
C LEU A 51 1.28 3.01 3.45
N GLU A 52 0.10 3.46 3.04
CA GLU A 52 -1.17 2.79 3.36
C GLU A 52 -1.65 2.08 2.09
N GLY A 53 -2.13 0.83 2.21
CA GLY A 53 -2.63 0.08 1.06
C GLY A 53 -3.52 -1.09 1.49
N THR A 54 -4.41 -1.52 0.58
CA THR A 54 -5.49 -2.48 0.89
C THR A 54 -5.09 -3.91 0.49
N LEU A 55 -5.03 -4.81 1.48
CA LEU A 55 -4.70 -6.22 1.30
C LEU A 55 -5.94 -7.04 1.69
N ASN A 56 -6.64 -7.54 0.65
CA ASN A 56 -7.86 -8.40 0.80
C ASN A 56 -8.99 -7.68 1.57
N GLY A 57 -9.06 -6.35 1.40
CA GLY A 57 -10.07 -5.51 2.07
C GLY A 57 -9.63 -4.99 3.42
N LYS A 58 -8.30 -4.99 3.70
CA LYS A 58 -7.74 -4.49 4.97
C LYS A 58 -6.58 -3.51 4.70
N ARG A 59 -6.74 -2.25 5.12
CA ARG A 59 -5.73 -1.20 4.89
C ARG A 59 -5.03 -0.88 6.22
N GLY A 60 -3.76 -0.47 6.12
CA GLY A 60 -2.97 -0.08 7.28
C GLY A 60 -1.58 0.35 6.89
N LEU A 61 -0.72 0.50 7.92
CA LEU A 61 0.67 0.93 7.78
C LEU A 61 1.51 -0.20 7.19
N ILE A 62 2.11 0.09 6.04
CA ILE A 62 2.95 -0.82 5.29
C ILE A 62 4.34 -0.21 5.27
N PRO A 63 5.40 -0.98 5.62
CA PRO A 63 6.78 -0.51 5.44
C PRO A 63 7.15 -0.61 3.95
N GLN A 64 7.38 0.55 3.32
CA GLN A 64 7.67 0.69 1.88
C GLN A 64 8.91 -0.15 1.46
N ASN A 65 9.84 -0.30 2.41
CA ASN A 65 11.08 -1.12 2.27
C ASN A 65 10.79 -2.61 1.92
N TYR A 66 9.64 -3.14 2.37
CA TYR A 66 9.27 -4.56 2.13
C TYR A 66 8.44 -4.76 0.84
N VAL A 67 7.91 -3.66 0.26
CA VAL A 67 7.00 -3.73 -0.91
C VAL A 67 7.58 -2.99 -2.12
N LYS A 68 6.95 -3.21 -3.29
CA LYS A 68 7.41 -2.67 -4.56
C LYS A 68 6.19 -2.25 -5.41
N LEU A 69 6.08 -0.94 -5.67
CA LEU A 69 4.92 -0.32 -6.31
C LEU A 69 4.68 -0.84 -7.74
N LEU A 70 3.47 -1.35 -7.97
CA LEU A 70 2.99 -1.78 -9.29
C LEU A 70 2.30 -0.56 -9.97
N MET A 1 -9.61 1.96 -20.83
CA MET A 1 -9.21 3.38 -20.90
C MET A 1 -10.42 4.29 -21.11
N GLY A 2 -10.24 5.59 -20.84
CA GLY A 2 -11.27 6.60 -21.06
C GLY A 2 -10.64 7.95 -21.23
N HIS A 3 -9.78 8.08 -22.24
CA HIS A 3 -9.11 9.34 -22.59
C HIS A 3 -10.13 10.43 -22.99
N HIS A 4 -10.49 11.25 -22.00
CA HIS A 4 -11.40 12.39 -22.16
C HIS A 4 -10.75 13.59 -21.46
N HIS A 5 -10.39 14.66 -22.21
CA HIS A 5 -9.70 15.83 -21.66
C HIS A 5 -10.67 16.71 -20.82
N HIS A 6 -10.74 16.38 -19.51
CA HIS A 6 -11.70 16.98 -18.55
C HIS A 6 -11.27 16.60 -17.11
N HIS A 7 -10.61 17.53 -16.38
CA HIS A 7 -10.03 17.27 -15.03
C HIS A 7 -11.11 17.42 -13.92
N HIS A 8 -12.11 16.53 -13.98
CA HIS A 8 -13.20 16.41 -12.99
C HIS A 8 -13.63 14.93 -12.97
N SER A 9 -13.37 14.24 -11.83
CA SER A 9 -13.44 12.76 -11.72
C SER A 9 -12.37 12.11 -12.64
N HIS A 10 -12.43 10.75 -12.80
CA HIS A 10 -11.52 9.98 -13.69
C HIS A 10 -10.02 10.12 -13.26
N MET A 11 -9.81 10.53 -12.00
CA MET A 11 -8.46 10.73 -11.44
C MET A 11 -7.81 9.37 -11.21
N ILE A 12 -6.53 9.25 -11.64
CA ILE A 12 -5.80 7.97 -11.66
C ILE A 12 -5.59 7.48 -10.22
N ARG A 13 -6.54 6.67 -9.75
CA ARG A 13 -6.55 6.09 -8.42
C ARG A 13 -6.81 4.60 -8.52
N SER A 14 -5.75 3.82 -8.29
CA SER A 14 -5.79 2.36 -8.09
C SER A 14 -4.34 1.82 -7.97
N ARG A 15 -3.44 2.66 -7.42
CA ARG A 15 -1.99 2.38 -7.37
C ARG A 15 -1.71 1.07 -6.62
N LYS A 16 -0.80 0.25 -7.15
CA LYS A 16 -0.57 -1.11 -6.63
C LYS A 16 0.84 -1.28 -6.11
N ALA A 17 1.04 -2.40 -5.40
CA ALA A 17 2.33 -2.83 -4.85
C ALA A 17 2.37 -4.35 -4.80
N ARG A 18 3.58 -4.89 -4.71
CA ARG A 18 3.81 -6.33 -4.56
C ARG A 18 4.89 -6.50 -3.50
N ALA A 19 4.55 -7.18 -2.42
CA ALA A 19 5.48 -7.44 -1.32
C ALA A 19 6.68 -8.23 -1.82
N VAL A 20 7.85 -7.60 -1.73
CA VAL A 20 9.14 -8.20 -2.12
C VAL A 20 9.87 -8.75 -0.88
N TYR A 21 9.47 -8.28 0.33
CA TYR A 21 9.99 -8.81 1.61
C TYR A 21 8.79 -9.12 2.55
N PRO A 22 8.91 -10.16 3.43
CA PRO A 22 7.84 -10.50 4.42
C PRO A 22 7.82 -9.54 5.63
N CYS A 23 6.71 -9.52 6.36
CA CYS A 23 6.46 -8.56 7.45
C CYS A 23 5.46 -9.13 8.45
N GLU A 24 5.96 -9.67 9.56
CA GLU A 24 5.11 -10.09 10.69
C GLU A 24 4.83 -8.86 11.57
N ALA A 25 3.66 -8.23 11.35
CA ALA A 25 3.23 -7.00 12.03
C ALA A 25 3.14 -7.19 13.54
N GLU A 26 4.04 -6.51 14.27
CA GLU A 26 4.12 -6.53 15.75
C GLU A 26 2.90 -5.80 16.36
N HIS A 27 2.39 -4.76 15.66
CA HIS A 27 1.19 -4.01 16.07
C HIS A 27 0.01 -4.39 15.15
N SER A 28 -1.20 -3.93 15.53
CA SER A 28 -2.44 -4.18 14.79
C SER A 28 -2.58 -3.21 13.59
N SER A 29 -2.09 -1.96 13.77
CA SER A 29 -2.17 -0.90 12.72
C SER A 29 -1.31 -1.27 11.49
N GLU A 30 -0.15 -1.89 11.73
CA GLU A 30 0.71 -2.41 10.66
C GLU A 30 0.07 -3.66 10.00
N LEU A 31 0.23 -3.80 8.67
CA LEU A 31 -0.25 -4.99 7.92
C LEU A 31 0.74 -6.15 8.03
N SER A 32 0.20 -7.35 8.30
CA SER A 32 0.94 -8.61 8.25
C SER A 32 0.86 -9.16 6.81
N PHE A 33 2.02 -9.58 6.26
CA PHE A 33 2.11 -10.03 4.85
C PHE A 33 3.40 -10.81 4.58
N GLU A 34 3.46 -11.41 3.37
CA GLU A 34 4.57 -12.23 2.87
C GLU A 34 4.89 -11.80 1.43
N ILE A 35 5.99 -12.35 0.87
CA ILE A 35 6.44 -12.02 -0.50
C ILE A 35 5.39 -12.49 -1.53
N GLY A 36 4.70 -11.52 -2.15
CA GLY A 36 3.65 -11.79 -3.14
C GLY A 36 2.35 -11.06 -2.82
N ALA A 37 2.28 -10.44 -1.63
CA ALA A 37 1.12 -9.66 -1.19
C ALA A 37 0.86 -8.49 -2.14
N ILE A 38 -0.19 -8.62 -2.95
CA ILE A 38 -0.62 -7.57 -3.88
C ILE A 38 -1.47 -6.56 -3.11
N PHE A 39 -0.95 -5.34 -3.01
CA PHE A 39 -1.65 -4.21 -2.38
C PHE A 39 -2.25 -3.35 -3.49
N GLU A 40 -3.42 -2.78 -3.22
CA GLU A 40 -4.11 -1.89 -4.16
C GLU A 40 -4.57 -0.62 -3.43
N ASP A 41 -4.64 0.50 -4.17
CA ASP A 41 -4.89 1.85 -3.64
C ASP A 41 -3.80 2.23 -2.60
N VAL A 42 -2.54 2.08 -3.01
CA VAL A 42 -1.39 2.38 -2.15
C VAL A 42 -1.18 3.91 -2.06
N GLN A 43 -1.24 4.41 -0.83
CA GLN A 43 -1.13 5.82 -0.46
C GLN A 43 0.11 5.96 0.43
N THR A 44 0.45 7.19 0.84
CA THR A 44 1.54 7.44 1.80
C THR A 44 0.95 7.82 3.18
N SER A 45 1.54 7.24 4.23
CA SER A 45 1.20 7.55 5.64
C SER A 45 1.92 8.85 6.07
N ARG A 46 1.53 9.39 7.23
CA ARG A 46 2.17 10.57 7.83
C ARG A 46 3.66 10.27 8.18
N GLU A 47 3.94 8.99 8.46
CA GLU A 47 5.25 8.49 8.90
C GLU A 47 6.21 8.31 7.72
N PRO A 48 7.56 8.50 7.94
CA PRO A 48 8.57 8.33 6.87
C PRO A 48 8.81 6.85 6.53
N GLY A 49 8.62 6.49 5.26
CA GLY A 49 8.82 5.13 4.76
C GLY A 49 7.66 4.20 5.07
N TRP A 50 6.49 4.77 5.42
CA TRP A 50 5.26 3.99 5.65
C TRP A 50 4.22 4.38 4.59
N LEU A 51 3.68 3.34 3.93
CA LEU A 51 2.60 3.48 2.94
C LEU A 51 1.34 2.85 3.53
N GLU A 52 0.16 3.26 3.06
CA GLU A 52 -1.11 2.64 3.46
C GLU A 52 -1.84 2.10 2.23
N GLY A 53 -2.11 0.80 2.24
CA GLY A 53 -2.63 0.09 1.07
C GLY A 53 -3.60 -1.00 1.51
N THR A 54 -4.46 -1.43 0.58
CA THR A 54 -5.49 -2.42 0.86
C THR A 54 -4.92 -3.83 0.64
N LEU A 55 -5.17 -4.71 1.62
CA LEU A 55 -4.79 -6.13 1.59
C LEU A 55 -5.92 -6.92 2.25
N ASN A 56 -6.61 -7.79 1.48
CA ASN A 56 -7.75 -8.63 1.97
C ASN A 56 -8.95 -7.77 2.42
N GLY A 57 -9.07 -6.56 1.83
CA GLY A 57 -10.10 -5.58 2.21
C GLY A 57 -9.74 -4.84 3.50
N LYS A 58 -8.44 -4.86 3.85
CA LYS A 58 -7.91 -4.31 5.11
C LYS A 58 -6.74 -3.37 4.81
N ARG A 59 -6.81 -2.13 5.28
CA ARG A 59 -5.74 -1.15 5.08
C ARG A 59 -4.94 -1.02 6.38
N GLY A 60 -3.64 -0.78 6.24
CA GLY A 60 -2.77 -0.53 7.37
C GLY A 60 -1.42 0.01 6.95
N LEU A 61 -0.56 0.21 7.95
CA LEU A 61 0.79 0.71 7.77
C LEU A 61 1.68 -0.39 7.20
N ILE A 62 2.29 -0.07 6.07
CA ILE A 62 3.13 -0.99 5.30
C ILE A 62 4.56 -0.42 5.26
N PRO A 63 5.60 -1.22 5.62
CA PRO A 63 6.99 -0.83 5.32
C PRO A 63 7.20 -0.73 3.78
N GLN A 64 7.43 0.51 3.32
CA GLN A 64 7.59 0.89 1.89
C GLN A 64 8.70 0.06 1.19
N ASN A 65 9.78 -0.20 1.92
CA ASN A 65 10.94 -0.99 1.45
C ASN A 65 10.54 -2.44 1.13
N TYR A 66 9.56 -2.96 1.89
CA TYR A 66 9.12 -4.37 1.81
C TYR A 66 8.12 -4.61 0.68
N VAL A 67 7.71 -3.53 -0.01
CA VAL A 67 6.79 -3.61 -1.15
C VAL A 67 7.40 -2.89 -2.36
N LYS A 68 6.97 -3.32 -3.56
CA LYS A 68 7.44 -2.76 -4.83
C LYS A 68 6.22 -2.22 -5.57
N LEU A 69 6.14 -0.89 -5.69
CA LEU A 69 4.97 -0.22 -6.29
C LEU A 69 4.86 -0.60 -7.78
N LEU A 70 3.84 -1.42 -8.08
CA LEU A 70 3.52 -1.87 -9.45
C LEU A 70 2.90 -0.68 -10.23
N MET A 1 -15.23 15.45 -19.46
CA MET A 1 -16.09 14.54 -18.66
C MET A 1 -15.94 13.10 -19.18
N GLY A 2 -15.72 12.14 -18.27
CA GLY A 2 -15.47 10.75 -18.64
C GLY A 2 -15.39 9.82 -17.44
N HIS A 3 -16.49 9.76 -16.67
CA HIS A 3 -16.64 8.82 -15.55
C HIS A 3 -18.04 8.16 -15.57
N HIS A 4 -18.52 7.83 -16.78
CA HIS A 4 -19.87 7.27 -16.99
C HIS A 4 -19.92 5.78 -16.57
N HIS A 5 -18.83 5.02 -16.81
CA HIS A 5 -18.76 3.59 -16.41
C HIS A 5 -18.54 3.50 -14.89
N HIS A 6 -17.48 4.15 -14.40
CA HIS A 6 -17.19 4.23 -12.96
C HIS A 6 -17.64 5.62 -12.47
N HIS A 7 -18.80 5.64 -11.78
CA HIS A 7 -19.54 6.89 -11.43
C HIS A 7 -18.67 7.89 -10.67
N HIS A 8 -17.76 7.37 -9.85
CA HIS A 8 -16.79 8.15 -9.09
C HIS A 8 -15.37 7.69 -9.48
N SER A 9 -14.42 8.63 -9.44
CA SER A 9 -13.00 8.35 -9.65
C SER A 9 -12.35 8.06 -8.27
N HIS A 10 -13.03 7.21 -7.47
CA HIS A 10 -12.63 6.87 -6.08
C HIS A 10 -11.58 5.73 -6.13
N MET A 11 -10.40 6.09 -6.65
CA MET A 11 -9.17 5.28 -6.69
C MET A 11 -8.01 6.26 -6.77
N ILE A 12 -6.88 5.91 -6.13
CA ILE A 12 -5.67 6.75 -6.14
C ILE A 12 -4.88 6.40 -7.42
N ARG A 13 -5.29 7.07 -8.53
CA ARG A 13 -4.79 6.83 -9.91
C ARG A 13 -5.06 5.36 -10.35
N SER A 14 -4.15 4.47 -9.93
CA SER A 14 -4.19 3.02 -10.23
C SER A 14 -3.08 2.34 -9.41
N ARG A 15 -2.86 2.85 -8.19
CA ARG A 15 -1.71 2.48 -7.34
C ARG A 15 -1.80 1.04 -6.82
N LYS A 16 -0.92 0.18 -7.32
CA LYS A 16 -0.73 -1.20 -6.84
C LYS A 16 0.67 -1.37 -6.26
N ALA A 17 0.89 -2.46 -5.52
CA ALA A 17 2.22 -2.82 -4.99
C ALA A 17 2.33 -4.32 -4.84
N ARG A 18 3.57 -4.82 -4.76
CA ARG A 18 3.86 -6.24 -4.56
C ARG A 18 4.95 -6.38 -3.51
N ALA A 19 4.64 -7.12 -2.44
CA ALA A 19 5.61 -7.44 -1.39
C ALA A 19 6.75 -8.28 -1.99
N VAL A 20 7.95 -7.71 -1.99
CA VAL A 20 9.16 -8.40 -2.44
C VAL A 20 9.87 -9.06 -1.24
N TYR A 21 9.49 -8.62 -0.02
CA TYR A 21 9.91 -9.23 1.26
C TYR A 21 8.67 -9.36 2.17
N PRO A 22 8.66 -10.33 3.15
CA PRO A 22 7.54 -10.46 4.12
C PRO A 22 7.66 -9.44 5.28
N CYS A 23 6.51 -9.05 5.87
CA CYS A 23 6.48 -8.16 7.05
C CYS A 23 5.86 -8.88 8.25
N GLU A 24 6.44 -8.64 9.44
CA GLU A 24 5.97 -9.17 10.71
C GLU A 24 5.50 -8.00 11.58
N ALA A 25 4.18 -7.75 11.57
CA ALA A 25 3.54 -6.61 12.27
C ALA A 25 3.64 -6.84 13.80
N GLU A 26 4.35 -5.92 14.48
CA GLU A 26 4.46 -5.91 15.95
C GLU A 26 3.29 -5.13 16.59
N HIS A 27 2.50 -4.41 15.75
CA HIS A 27 1.33 -3.64 16.19
C HIS A 27 0.14 -3.92 15.24
N SER A 28 -1.09 -3.74 15.76
CA SER A 28 -2.36 -4.02 15.06
C SER A 28 -2.61 -3.05 13.89
N SER A 29 -2.08 -1.81 14.01
CA SER A 29 -2.23 -0.76 13.00
C SER A 29 -1.46 -1.13 11.71
N GLU A 30 -0.35 -1.86 11.88
CA GLU A 30 0.53 -2.32 10.79
C GLU A 30 -0.11 -3.48 10.01
N LEU A 31 0.45 -3.80 8.84
CA LEU A 31 0.04 -4.93 8.00
C LEU A 31 1.15 -5.98 7.97
N SER A 32 0.78 -7.17 8.42
CA SER A 32 1.61 -8.38 8.31
C SER A 32 1.27 -9.07 6.98
N PHE A 33 2.30 -9.62 6.29
CA PHE A 33 2.15 -10.19 4.93
C PHE A 33 3.38 -11.02 4.51
N GLU A 34 3.28 -11.60 3.29
CA GLU A 34 4.32 -12.48 2.70
C GLU A 34 4.69 -11.97 1.29
N ILE A 35 5.72 -12.60 0.69
CA ILE A 35 6.27 -12.24 -0.63
C ILE A 35 5.26 -12.56 -1.74
N GLY A 36 4.73 -11.50 -2.36
CA GLY A 36 3.76 -11.61 -3.45
C GLY A 36 2.42 -10.98 -3.11
N ALA A 37 2.29 -10.52 -1.85
CA ALA A 37 1.10 -9.83 -1.36
C ALA A 37 0.91 -8.52 -2.15
N ILE A 38 -0.17 -8.46 -2.92
CA ILE A 38 -0.54 -7.27 -3.70
C ILE A 38 -1.35 -6.31 -2.83
N PHE A 39 -1.12 -5.00 -2.98
CA PHE A 39 -1.81 -3.94 -2.22
C PHE A 39 -2.50 -3.01 -3.22
N GLU A 40 -3.73 -2.58 -2.91
CA GLU A 40 -4.52 -1.68 -3.76
C GLU A 40 -4.61 -0.29 -3.13
N ASP A 41 -4.72 0.73 -4.01
CA ASP A 41 -4.85 2.16 -3.65
C ASP A 41 -3.71 2.58 -2.71
N VAL A 42 -2.47 2.24 -3.13
CA VAL A 42 -1.28 2.41 -2.29
C VAL A 42 -0.91 3.90 -2.21
N GLN A 43 -0.88 4.41 -0.99
CA GLN A 43 -0.64 5.82 -0.67
C GLN A 43 0.54 5.89 0.29
N THR A 44 0.98 7.11 0.59
CA THR A 44 1.98 7.34 1.62
C THR A 44 1.27 7.40 3.00
N SER A 45 1.92 6.86 4.04
CA SER A 45 1.43 6.92 5.42
C SER A 45 1.73 8.29 6.04
N ARG A 46 1.23 8.52 7.27
CA ARG A 46 1.60 9.71 8.05
C ARG A 46 3.10 9.64 8.39
N GLU A 47 3.59 8.40 8.57
CA GLU A 47 5.02 8.10 8.77
C GLU A 47 5.76 8.07 7.41
N PRO A 48 6.81 8.94 7.20
CA PRO A 48 7.72 8.83 6.04
C PRO A 48 8.53 7.51 6.10
N GLY A 49 8.26 6.59 5.16
CA GLY A 49 8.88 5.26 5.14
C GLY A 49 7.85 4.15 5.20
N TRP A 50 6.62 4.52 5.58
CA TRP A 50 5.44 3.62 5.61
C TRP A 50 4.42 4.08 4.55
N LEU A 51 3.46 3.19 4.25
CA LEU A 51 2.45 3.37 3.19
C LEU A 51 1.07 2.96 3.74
N GLU A 52 0.00 3.47 3.12
CA GLU A 52 -1.39 3.07 3.45
C GLU A 52 -1.98 2.37 2.23
N GLY A 53 -2.40 1.12 2.41
CA GLY A 53 -2.88 0.29 1.29
C GLY A 53 -3.84 -0.80 1.76
N THR A 54 -4.61 -1.32 0.80
CA THR A 54 -5.67 -2.30 1.03
C THR A 54 -5.12 -3.71 0.74
N LEU A 55 -5.10 -4.55 1.77
CA LEU A 55 -4.53 -5.91 1.73
C LEU A 55 -5.59 -6.90 2.22
N ASN A 56 -6.18 -7.68 1.28
CA ASN A 56 -7.30 -8.63 1.55
C ASN A 56 -8.55 -7.88 2.05
N GLY A 57 -8.69 -6.61 1.59
CA GLY A 57 -9.77 -5.73 2.06
C GLY A 57 -9.50 -5.14 3.44
N LYS A 58 -8.21 -5.05 3.82
CA LYS A 58 -7.77 -4.57 5.14
C LYS A 58 -6.70 -3.47 4.96
N ARG A 59 -7.05 -2.26 5.39
CA ARG A 59 -6.20 -1.06 5.29
C ARG A 59 -5.32 -0.97 6.54
N GLY A 60 -4.03 -0.67 6.35
CA GLY A 60 -3.12 -0.43 7.45
C GLY A 60 -1.77 0.09 7.00
N LEU A 61 -0.85 0.17 7.96
CA LEU A 61 0.53 0.62 7.73
C LEU A 61 1.35 -0.47 7.02
N ILE A 62 1.98 -0.12 5.91
CA ILE A 62 2.81 -1.02 5.12
C ILE A 62 4.24 -0.48 5.16
N PRO A 63 5.26 -1.31 5.53
CA PRO A 63 6.66 -0.89 5.43
C PRO A 63 7.09 -0.87 3.94
N GLN A 64 7.41 0.34 3.43
CA GLN A 64 7.81 0.57 2.03
C GLN A 64 9.06 -0.25 1.66
N ASN A 65 9.88 -0.57 2.67
CA ASN A 65 11.15 -1.30 2.52
C ASN A 65 10.93 -2.79 2.20
N TYR A 66 9.67 -3.26 2.29
CA TYR A 66 9.32 -4.66 1.97
C TYR A 66 8.52 -4.77 0.67
N VAL A 67 8.07 -3.64 0.11
CA VAL A 67 7.16 -3.63 -1.06
C VAL A 67 7.75 -2.85 -2.24
N LYS A 68 7.25 -3.19 -3.43
CA LYS A 68 7.65 -2.59 -4.71
C LYS A 68 6.39 -2.08 -5.41
N LEU A 69 6.28 -0.76 -5.59
CA LEU A 69 5.12 -0.11 -6.22
C LEU A 69 4.95 -0.55 -7.69
N LEU A 70 3.88 -1.31 -7.97
CA LEU A 70 3.52 -1.73 -9.33
C LEU A 70 2.91 -0.53 -10.09
N MET A 1 -13.40 19.98 -10.85
CA MET A 1 -13.77 19.84 -12.27
C MET A 1 -15.27 20.12 -12.44
N GLY A 2 -15.63 21.41 -12.38
CA GLY A 2 -17.01 21.87 -12.51
C GLY A 2 -17.42 22.15 -13.96
N HIS A 3 -16.48 21.95 -14.89
CA HIS A 3 -16.71 22.09 -16.34
C HIS A 3 -17.86 21.15 -16.77
N HIS A 4 -18.90 21.74 -17.39
CA HIS A 4 -20.18 21.07 -17.74
C HIS A 4 -19.98 19.72 -18.47
N HIS A 5 -18.92 19.66 -19.30
CA HIS A 5 -18.47 18.42 -19.98
C HIS A 5 -17.75 17.50 -18.97
N HIS A 6 -18.55 16.81 -18.14
CA HIS A 6 -18.05 15.86 -17.12
C HIS A 6 -17.91 14.46 -17.75
N HIS A 7 -16.66 14.04 -18.00
CA HIS A 7 -16.33 12.70 -18.52
C HIS A 7 -14.91 12.31 -18.07
N HIS A 8 -14.80 11.15 -17.39
CA HIS A 8 -13.49 10.54 -17.05
C HIS A 8 -13.60 9.02 -17.26
N SER A 9 -12.71 8.49 -18.10
CA SER A 9 -12.68 7.08 -18.50
C SER A 9 -11.21 6.64 -18.62
N HIS A 10 -10.96 5.30 -18.57
CA HIS A 10 -9.61 4.71 -18.42
C HIS A 10 -9.00 5.16 -17.08
N MET A 11 -7.64 5.17 -16.96
CA MET A 11 -6.90 5.72 -15.80
C MET A 11 -7.21 4.96 -14.49
N ILE A 12 -6.24 4.17 -14.00
CA ILE A 12 -6.35 3.52 -12.69
C ILE A 12 -6.18 4.61 -11.62
N ARG A 13 -7.31 4.96 -10.99
CA ARG A 13 -7.47 6.16 -10.15
C ARG A 13 -6.58 6.16 -8.88
N SER A 14 -6.03 4.98 -8.53
CA SER A 14 -5.14 4.81 -7.38
C SER A 14 -4.07 3.77 -7.74
N ARG A 15 -3.17 3.48 -6.79
CA ARG A 15 -1.95 2.68 -7.02
C ARG A 15 -2.06 1.26 -6.44
N LYS A 16 -1.09 0.40 -6.81
CA LYS A 16 -0.89 -0.92 -6.19
C LYS A 16 0.55 -1.04 -5.66
N ALA A 17 0.83 -2.20 -5.03
CA ALA A 17 2.17 -2.58 -4.55
C ALA A 17 2.26 -4.12 -4.47
N ARG A 18 3.46 -4.66 -4.69
CA ARG A 18 3.73 -6.09 -4.52
C ARG A 18 4.85 -6.25 -3.50
N ALA A 19 4.56 -6.98 -2.42
CA ALA A 19 5.51 -7.22 -1.36
C ALA A 19 6.69 -8.07 -1.87
N VAL A 20 7.88 -7.47 -1.86
CA VAL A 20 9.14 -8.12 -2.30
C VAL A 20 9.91 -8.72 -1.10
N TYR A 21 9.44 -8.41 0.14
CA TYR A 21 9.94 -9.00 1.40
C TYR A 21 8.74 -9.27 2.36
N PRO A 22 8.85 -10.29 3.30
CA PRO A 22 7.80 -10.53 4.32
C PRO A 22 7.83 -9.50 5.48
N CYS A 23 6.63 -9.11 5.96
CA CYS A 23 6.47 -8.18 7.09
C CYS A 23 5.60 -8.83 8.16
N GLU A 24 6.26 -9.45 9.13
CA GLU A 24 5.60 -10.01 10.32
C GLU A 24 5.26 -8.87 11.28
N ALA A 25 4.02 -8.36 11.15
CA ALA A 25 3.50 -7.23 11.94
C ALA A 25 3.22 -7.63 13.39
N GLU A 26 3.05 -6.63 14.25
CA GLU A 26 2.77 -6.83 15.69
C GLU A 26 1.72 -5.82 16.19
N HIS A 27 1.69 -4.63 15.56
CA HIS A 27 0.68 -3.59 15.86
C HIS A 27 -0.54 -3.82 14.96
N SER A 28 -1.75 -3.56 15.50
CA SER A 28 -3.02 -3.61 14.75
C SER A 28 -2.99 -2.61 13.58
N SER A 29 -2.31 -1.47 13.80
CA SER A 29 -2.13 -0.41 12.80
C SER A 29 -1.41 -0.89 11.53
N GLU A 30 -0.50 -1.88 11.69
CA GLU A 30 0.35 -2.39 10.59
C GLU A 30 -0.38 -3.47 9.75
N LEU A 31 0.23 -3.83 8.61
CA LEU A 31 -0.20 -4.96 7.75
C LEU A 31 0.80 -6.11 7.87
N SER A 32 0.26 -7.33 8.07
CA SER A 32 1.05 -8.57 8.16
C SER A 32 0.98 -9.29 6.80
N PHE A 33 2.14 -9.61 6.21
CA PHE A 33 2.20 -10.12 4.83
C PHE A 33 3.52 -10.84 4.53
N GLU A 34 3.62 -11.33 3.30
CA GLU A 34 4.78 -12.11 2.80
C GLU A 34 5.09 -11.70 1.36
N ILE A 35 6.14 -12.29 0.78
CA ILE A 35 6.55 -12.07 -0.61
C ILE A 35 5.42 -12.54 -1.57
N GLY A 36 4.85 -11.59 -2.31
CA GLY A 36 3.79 -11.86 -3.28
C GLY A 36 2.53 -11.05 -3.03
N ALA A 37 2.39 -10.56 -1.78
CA ALA A 37 1.20 -9.84 -1.30
C ALA A 37 0.91 -8.60 -2.17
N ILE A 38 -0.15 -8.70 -2.97
CA ILE A 38 -0.65 -7.58 -3.79
C ILE A 38 -1.55 -6.69 -2.93
N PHE A 39 -1.27 -5.39 -2.96
CA PHE A 39 -2.07 -4.36 -2.29
C PHE A 39 -2.72 -3.50 -3.37
N GLU A 40 -3.91 -2.97 -3.08
CA GLU A 40 -4.60 -2.02 -3.97
C GLU A 40 -4.94 -0.74 -3.20
N ASP A 41 -5.08 0.37 -3.97
CA ASP A 41 -5.40 1.71 -3.46
C ASP A 41 -4.27 2.23 -2.51
N VAL A 42 -3.02 1.94 -2.89
CA VAL A 42 -1.83 2.28 -2.09
C VAL A 42 -1.54 3.78 -2.16
N GLN A 43 -1.54 4.44 -0.99
CA GLN A 43 -1.31 5.88 -0.83
C GLN A 43 -0.19 6.09 0.20
N THR A 44 0.67 7.09 -0.03
CA THR A 44 1.86 7.33 0.80
C THR A 44 1.45 7.85 2.18
N SER A 45 1.82 7.12 3.23
CA SER A 45 1.43 7.44 4.62
C SER A 45 2.17 8.70 5.10
N ARG A 46 1.62 9.34 6.13
CA ARG A 46 2.21 10.55 6.74
C ARG A 46 3.40 10.19 7.64
N GLU A 47 3.44 8.92 8.04
CA GLU A 47 4.51 8.35 8.88
C GLU A 47 5.80 8.15 8.06
N PRO A 48 7.02 8.45 8.64
CA PRO A 48 8.29 8.52 7.89
C PRO A 48 8.73 7.14 7.33
N GLY A 49 8.64 7.01 5.99
CA GLY A 49 9.06 5.81 5.28
C GLY A 49 8.00 4.71 5.27
N TRP A 50 6.77 5.04 5.70
CA TRP A 50 5.63 4.11 5.70
C TRP A 50 4.71 4.40 4.51
N LEU A 51 4.14 3.34 3.95
CA LEU A 51 3.09 3.39 2.92
C LEU A 51 1.81 2.80 3.52
N GLU A 52 0.65 3.08 2.93
CA GLU A 52 -0.63 2.44 3.31
C GLU A 52 -1.28 1.84 2.08
N GLY A 53 -1.93 0.69 2.26
CA GLY A 53 -2.61 -0.02 1.19
C GLY A 53 -3.65 -0.98 1.72
N THR A 54 -4.49 -1.51 0.84
CA THR A 54 -5.50 -2.50 1.20
C THR A 54 -4.94 -3.91 0.94
N LEU A 55 -4.85 -4.73 2.00
CA LEU A 55 -4.45 -6.14 1.93
C LEU A 55 -5.67 -6.99 2.32
N ASN A 56 -6.19 -7.77 1.35
CA ASN A 56 -7.47 -8.52 1.44
C ASN A 56 -8.66 -7.54 1.51
N GLY A 57 -8.79 -6.89 2.67
CA GLY A 57 -9.79 -5.84 2.89
C GLY A 57 -9.41 -4.93 4.03
N LYS A 58 -8.11 -4.90 4.39
CA LYS A 58 -7.61 -4.13 5.54
C LYS A 58 -6.64 -3.02 5.08
N ARG A 59 -6.88 -1.80 5.58
CA ARG A 59 -5.99 -0.65 5.40
C ARG A 59 -5.05 -0.57 6.60
N GLY A 60 -3.75 -0.56 6.35
CA GLY A 60 -2.74 -0.47 7.42
C GLY A 60 -1.39 -0.03 6.92
N LEU A 61 -0.47 0.11 7.87
CA LEU A 61 0.91 0.55 7.64
C LEU A 61 1.74 -0.58 7.01
N ILE A 62 2.40 -0.23 5.92
CA ILE A 62 3.27 -1.11 5.14
C ILE A 62 4.70 -0.54 5.22
N PRO A 63 5.72 -1.39 5.54
CA PRO A 63 7.13 -0.99 5.38
C PRO A 63 7.45 -0.86 3.88
N GLN A 64 7.76 0.38 3.45
CA GLN A 64 8.05 0.74 2.04
C GLN A 64 9.14 -0.16 1.42
N ASN A 65 10.16 -0.48 2.24
CA ASN A 65 11.31 -1.32 1.85
C ASN A 65 10.88 -2.78 1.58
N TYR A 66 9.77 -3.22 2.21
CA TYR A 66 9.27 -4.61 2.08
C TYR A 66 8.29 -4.76 0.90
N VAL A 67 7.99 -3.65 0.18
CA VAL A 67 7.14 -3.67 -1.04
C VAL A 67 7.80 -2.92 -2.20
N LYS A 68 7.21 -3.07 -3.39
CA LYS A 68 7.60 -2.32 -4.59
C LYS A 68 6.31 -1.94 -5.36
N LEU A 69 6.05 -0.62 -5.49
CA LEU A 69 4.81 -0.07 -6.06
C LEU A 69 4.56 -0.57 -7.51
N LEU A 70 3.35 -1.10 -7.74
CA LEU A 70 2.87 -1.48 -9.07
C LEU A 70 2.09 -0.30 -9.67
N MET A 1 -13.32 20.43 -15.69
CA MET A 1 -12.83 19.28 -14.88
C MET A 1 -13.67 19.17 -13.60
N GLY A 2 -14.47 18.08 -13.49
CA GLY A 2 -15.35 17.87 -12.32
C GLY A 2 -16.70 17.30 -12.71
N HIS A 3 -17.59 17.16 -11.72
CA HIS A 3 -18.98 16.70 -11.93
C HIS A 3 -19.89 17.25 -10.81
N HIS A 4 -19.50 17.00 -9.54
CA HIS A 4 -20.15 17.58 -8.34
C HIS A 4 -19.15 17.61 -7.18
N HIS A 5 -18.51 16.45 -6.92
CA HIS A 5 -17.49 16.31 -5.85
C HIS A 5 -16.06 16.53 -6.41
N HIS A 6 -15.99 17.13 -7.62
CA HIS A 6 -14.76 17.24 -8.45
C HIS A 6 -14.41 15.86 -9.06
N HIS A 7 -13.49 15.86 -10.03
CA HIS A 7 -13.07 14.64 -10.76
C HIS A 7 -11.54 14.59 -10.76
N HIS A 8 -10.97 13.47 -10.27
CA HIS A 8 -9.52 13.30 -9.99
C HIS A 8 -9.08 14.37 -8.96
N SER A 9 -9.84 14.43 -7.85
CA SER A 9 -9.69 15.46 -6.80
C SER A 9 -8.46 15.19 -5.89
N HIS A 10 -7.88 13.99 -6.01
CA HIS A 10 -6.72 13.56 -5.22
C HIS A 10 -5.86 12.57 -6.02
N MET A 11 -4.61 12.94 -6.27
CA MET A 11 -3.63 12.10 -6.99
C MET A 11 -3.01 11.05 -6.05
N ILE A 12 -2.65 9.88 -6.63
CA ILE A 12 -2.15 8.69 -5.89
C ILE A 12 -3.16 8.27 -4.80
N ARG A 13 -4.15 7.47 -5.20
CA ARG A 13 -5.24 7.02 -4.30
C ARG A 13 -5.68 5.58 -4.62
N SER A 14 -5.15 5.03 -5.71
CA SER A 14 -5.57 3.72 -6.23
C SER A 14 -4.38 3.04 -6.95
N ARG A 15 -3.16 3.25 -6.40
CA ARG A 15 -1.91 2.69 -6.96
C ARG A 15 -1.71 1.28 -6.36
N LYS A 16 -0.90 0.43 -7.01
CA LYS A 16 -0.68 -0.97 -6.57
C LYS A 16 0.77 -1.20 -6.13
N ALA A 17 0.96 -2.20 -5.24
CA ALA A 17 2.28 -2.62 -4.76
C ALA A 17 2.30 -4.15 -4.65
N ARG A 18 3.51 -4.71 -4.54
CA ARG A 18 3.70 -6.14 -4.31
C ARG A 18 4.78 -6.30 -3.25
N ALA A 19 4.44 -7.01 -2.17
CA ALA A 19 5.40 -7.39 -1.14
C ALA A 19 6.49 -8.29 -1.75
N VAL A 20 7.73 -7.80 -1.75
CA VAL A 20 8.90 -8.55 -2.26
C VAL A 20 9.65 -9.20 -1.09
N TYR A 21 9.46 -8.66 0.11
CA TYR A 21 9.94 -9.24 1.37
C TYR A 21 8.73 -9.41 2.30
N PRO A 22 8.67 -10.49 3.13
CA PRO A 22 7.56 -10.69 4.08
C PRO A 22 7.68 -9.76 5.31
N CYS A 23 6.63 -9.71 6.15
CA CYS A 23 6.60 -8.87 7.35
C CYS A 23 5.60 -9.40 8.35
N GLU A 24 5.94 -9.31 9.63
CA GLU A 24 5.04 -9.57 10.75
C GLU A 24 4.78 -8.23 11.46
N ALA A 25 3.50 -7.86 11.57
CA ALA A 25 3.06 -6.58 12.13
C ALA A 25 3.37 -6.50 13.64
N GLU A 26 4.27 -5.57 14.03
CA GLU A 26 4.64 -5.35 15.45
C GLU A 26 3.43 -4.83 16.23
N HIS A 27 2.65 -3.97 15.55
CA HIS A 27 1.41 -3.37 16.08
C HIS A 27 0.23 -3.77 15.18
N SER A 28 -0.98 -3.70 15.75
CA SER A 28 -2.23 -4.04 15.06
C SER A 28 -2.53 -3.09 13.88
N SER A 29 -1.96 -1.86 13.96
CA SER A 29 -2.15 -0.82 12.94
C SER A 29 -1.38 -1.13 11.63
N GLU A 30 -0.39 -2.02 11.72
CA GLU A 30 0.43 -2.47 10.58
C GLU A 30 -0.27 -3.61 9.83
N LEU A 31 0.24 -3.95 8.63
CA LEU A 31 -0.21 -5.14 7.87
C LEU A 31 0.91 -6.19 7.87
N SER A 32 0.51 -7.43 8.13
CA SER A 32 1.40 -8.60 8.04
C SER A 32 1.16 -9.28 6.68
N PHE A 33 2.24 -9.79 6.05
CA PHE A 33 2.17 -10.29 4.65
C PHE A 33 3.35 -11.20 4.31
N GLU A 34 3.29 -11.74 3.08
CA GLU A 34 4.32 -12.61 2.49
C GLU A 34 4.72 -12.06 1.10
N ILE A 35 5.69 -12.72 0.46
CA ILE A 35 6.12 -12.37 -0.91
C ILE A 35 5.02 -12.71 -1.92
N GLY A 36 4.65 -11.73 -2.76
CA GLY A 36 3.60 -11.89 -3.77
C GLY A 36 2.34 -11.12 -3.42
N ALA A 37 2.14 -10.82 -2.11
CA ALA A 37 0.94 -10.16 -1.60
C ALA A 37 0.77 -8.76 -2.22
N ILE A 38 -0.24 -8.64 -3.08
CA ILE A 38 -0.56 -7.40 -3.79
C ILE A 38 -1.39 -6.47 -2.90
N PHE A 39 -1.01 -5.19 -2.89
CA PHE A 39 -1.72 -4.12 -2.19
C PHE A 39 -2.40 -3.21 -3.21
N GLU A 40 -3.58 -2.72 -2.84
CA GLU A 40 -4.34 -1.73 -3.62
C GLU A 40 -4.29 -0.38 -2.88
N ASP A 41 -4.57 0.73 -3.60
CA ASP A 41 -4.80 2.07 -2.99
C ASP A 41 -3.56 2.59 -2.23
N VAL A 42 -2.38 2.16 -2.71
CA VAL A 42 -1.09 2.41 -2.06
C VAL A 42 -0.71 3.89 -2.20
N GLN A 43 -0.53 4.52 -1.03
CA GLN A 43 -0.23 5.94 -0.86
C GLN A 43 0.88 6.06 0.19
N THR A 44 1.37 7.27 0.45
CA THR A 44 2.22 7.52 1.63
C THR A 44 1.31 7.53 2.86
N SER A 45 1.76 6.92 3.96
CA SER A 45 0.94 6.83 5.18
C SER A 45 0.98 8.15 5.97
N ARG A 46 0.44 8.08 7.19
CA ARG A 46 0.62 9.13 8.22
C ARG A 46 2.11 9.35 8.56
N GLU A 47 2.94 8.32 8.28
CA GLU A 47 4.41 8.37 8.36
C GLU A 47 5.01 8.50 6.93
N PRO A 48 6.05 9.36 6.71
CA PRO A 48 6.70 9.51 5.37
C PRO A 48 7.58 8.29 4.99
N GLY A 49 7.85 7.44 5.98
CA GLY A 49 8.66 6.22 5.81
C GLY A 49 7.82 4.99 5.55
N TRP A 50 6.54 5.04 5.93
CA TRP A 50 5.59 3.95 5.71
C TRP A 50 4.62 4.35 4.58
N LEU A 51 3.99 3.35 3.99
CA LEU A 51 2.95 3.53 2.96
C LEU A 51 1.64 2.92 3.50
N GLU A 52 0.48 3.49 3.15
CA GLU A 52 -0.82 2.90 3.55
C GLU A 52 -1.59 2.44 2.31
N GLY A 53 -2.19 1.27 2.44
CA GLY A 53 -2.92 0.62 1.35
C GLY A 53 -3.69 -0.59 1.85
N THR A 54 -4.49 -1.16 0.96
CA THR A 54 -5.40 -2.26 1.27
C THR A 54 -4.73 -3.59 0.93
N LEU A 55 -4.77 -4.52 1.87
CA LEU A 55 -4.34 -5.91 1.70
C LEU A 55 -5.59 -6.77 1.92
N ASN A 56 -6.08 -7.38 0.82
CA ASN A 56 -7.33 -8.18 0.76
C ASN A 56 -8.56 -7.25 0.90
N GLY A 57 -8.76 -6.71 2.11
CA GLY A 57 -9.80 -5.72 2.39
C GLY A 57 -9.49 -4.90 3.63
N LYS A 58 -8.18 -4.83 4.00
CA LYS A 58 -7.72 -4.22 5.27
C LYS A 58 -6.60 -3.21 5.01
N ARG A 59 -6.79 -1.96 5.46
CA ARG A 59 -5.79 -0.89 5.30
C ARG A 59 -4.98 -0.76 6.59
N GLY A 60 -3.67 -0.49 6.44
CA GLY A 60 -2.79 -0.23 7.57
C GLY A 60 -1.40 0.17 7.11
N LEU A 61 -0.48 0.29 8.07
CA LEU A 61 0.92 0.66 7.83
C LEU A 61 1.63 -0.48 7.10
N ILE A 62 2.22 -0.15 5.96
CA ILE A 62 2.97 -1.10 5.13
C ILE A 62 4.43 -0.61 5.10
N PRO A 63 5.42 -1.49 5.43
CA PRO A 63 6.85 -1.16 5.30
C PRO A 63 7.25 -0.93 3.84
N GLN A 64 7.64 0.32 3.54
CA GLN A 64 7.99 0.78 2.17
C GLN A 64 9.06 -0.12 1.51
N ASN A 65 10.10 -0.45 2.28
CA ASN A 65 11.25 -1.27 1.82
C ASN A 65 10.83 -2.72 1.50
N TYR A 66 9.86 -3.25 2.26
CA TYR A 66 9.43 -4.67 2.11
C TYR A 66 8.49 -4.86 0.93
N VAL A 67 8.04 -3.75 0.32
CA VAL A 67 7.18 -3.78 -0.87
C VAL A 67 7.83 -3.05 -2.04
N LYS A 68 7.32 -3.33 -3.24
CA LYS A 68 7.76 -2.71 -4.48
C LYS A 68 6.52 -2.20 -5.22
N LEU A 69 6.47 -0.88 -5.45
CA LEU A 69 5.35 -0.22 -6.11
C LEU A 69 5.24 -0.68 -7.58
N LEU A 70 4.08 -1.24 -7.93
CA LEU A 70 3.80 -1.72 -9.29
C LEU A 70 3.44 -0.52 -10.21
N MET A 1 -24.43 18.48 -11.34
CA MET A 1 -23.10 18.89 -11.87
C MET A 1 -22.34 17.66 -12.39
N GLY A 2 -21.42 17.90 -13.35
CA GLY A 2 -20.58 16.85 -13.91
C GLY A 2 -19.72 17.37 -15.06
N HIS A 3 -19.10 18.54 -14.86
CA HIS A 3 -18.23 19.21 -15.86
C HIS A 3 -16.90 18.46 -16.03
N HIS A 4 -16.44 17.84 -14.93
CA HIS A 4 -15.19 17.05 -14.91
C HIS A 4 -15.40 15.73 -15.65
N HIS A 5 -14.85 15.64 -16.89
CA HIS A 5 -14.94 14.41 -17.73
C HIS A 5 -14.17 13.27 -17.04
N HIS A 6 -12.87 13.53 -16.82
CA HIS A 6 -11.99 12.65 -16.06
C HIS A 6 -11.96 13.16 -14.61
N HIS A 7 -12.21 12.27 -13.64
CA HIS A 7 -12.32 12.63 -12.21
C HIS A 7 -10.99 12.35 -11.47
N HIS A 8 -9.87 12.77 -12.10
CA HIS A 8 -8.50 12.68 -11.54
C HIS A 8 -8.05 11.21 -11.32
N SER A 9 -7.39 10.62 -12.33
CA SER A 9 -6.70 9.31 -12.20
C SER A 9 -5.26 9.55 -11.74
N HIS A 10 -4.74 8.66 -10.87
CA HIS A 10 -3.40 8.79 -10.23
C HIS A 10 -3.34 10.05 -9.33
N MET A 11 -2.17 10.28 -8.67
CA MET A 11 -1.99 11.36 -7.68
C MET A 11 -3.04 11.22 -6.55
N ILE A 12 -2.73 10.31 -5.61
CA ILE A 12 -3.63 9.89 -4.52
C ILE A 12 -5.00 9.40 -5.09
N ARG A 13 -4.94 8.19 -5.71
CA ARG A 13 -6.05 7.54 -6.43
C ARG A 13 -5.56 6.18 -7.00
N SER A 14 -5.90 5.08 -6.29
CA SER A 14 -5.73 3.68 -6.76
C SER A 14 -4.30 3.34 -7.25
N ARG A 15 -3.41 2.97 -6.32
CA ARG A 15 -2.05 2.45 -6.66
C ARG A 15 -1.97 0.95 -6.33
N LYS A 16 -1.01 0.25 -6.94
CA LYS A 16 -0.72 -1.15 -6.63
C LYS A 16 0.69 -1.28 -6.04
N ALA A 17 0.94 -2.36 -5.31
CA ALA A 17 2.26 -2.72 -4.77
C ALA A 17 2.40 -4.24 -4.73
N ARG A 18 3.64 -4.72 -4.70
CA ARG A 18 3.96 -6.15 -4.59
C ARG A 18 4.97 -6.32 -3.47
N ALA A 19 4.62 -7.10 -2.44
CA ALA A 19 5.51 -7.37 -1.32
C ALA A 19 6.71 -8.18 -1.85
N VAL A 20 7.88 -7.57 -1.82
CA VAL A 20 9.13 -8.22 -2.24
C VAL A 20 9.77 -8.89 -1.03
N TYR A 21 9.61 -8.27 0.15
CA TYR A 21 10.03 -8.81 1.45
C TYR A 21 8.77 -9.08 2.32
N PRO A 22 8.76 -10.15 3.18
CA PRO A 22 7.64 -10.40 4.12
C PRO A 22 7.74 -9.50 5.39
N CYS A 23 6.59 -9.30 6.05
CA CYS A 23 6.48 -8.50 7.29
C CYS A 23 5.39 -9.05 8.20
N GLU A 24 5.40 -8.63 9.48
CA GLU A 24 4.43 -9.05 10.51
C GLU A 24 3.60 -7.83 10.97
N ALA A 25 2.62 -8.09 11.86
CA ALA A 25 1.80 -7.03 12.48
C ALA A 25 1.58 -7.36 13.96
N GLU A 26 2.40 -6.76 14.83
CA GLU A 26 2.27 -6.93 16.29
C GLU A 26 1.36 -5.82 16.88
N HIS A 27 1.32 -4.63 16.22
CA HIS A 27 0.57 -3.44 16.70
C HIS A 27 0.75 -2.31 15.68
N SER A 28 0.48 -1.04 16.06
CA SER A 28 0.77 0.17 15.25
C SER A 28 0.03 0.19 13.90
N SER A 29 -1.07 -0.58 13.81
CA SER A 29 -1.91 -0.69 12.59
C SER A 29 -1.13 -1.32 11.40
N GLU A 30 -0.05 -2.04 11.71
CA GLU A 30 0.81 -2.70 10.71
C GLU A 30 0.03 -3.72 9.84
N LEU A 31 0.52 -3.97 8.63
CA LEU A 31 0.06 -5.09 7.80
C LEU A 31 1.06 -6.26 7.87
N SER A 32 0.51 -7.44 8.15
CA SER A 32 1.21 -8.71 8.10
C SER A 32 1.02 -9.30 6.69
N PHE A 33 2.13 -9.66 6.03
CA PHE A 33 2.11 -10.09 4.62
C PHE A 33 3.32 -10.96 4.27
N GLU A 34 3.17 -11.74 3.20
CA GLU A 34 4.20 -12.63 2.66
C GLU A 34 4.66 -12.11 1.28
N ILE A 35 5.71 -12.75 0.73
CA ILE A 35 6.24 -12.42 -0.61
C ILE A 35 5.19 -12.71 -1.70
N GLY A 36 4.83 -11.67 -2.46
CA GLY A 36 3.84 -11.76 -3.54
C GLY A 36 2.59 -10.94 -3.24
N ALA A 37 2.38 -10.62 -1.95
CA ALA A 37 1.18 -9.91 -1.45
C ALA A 37 1.00 -8.56 -2.17
N ILE A 38 -0.01 -8.51 -3.04
CA ILE A 38 -0.38 -7.28 -3.77
C ILE A 38 -1.25 -6.40 -2.87
N PHE A 39 -0.98 -5.08 -2.89
CA PHE A 39 -1.73 -4.07 -2.12
C PHE A 39 -2.45 -3.13 -3.08
N GLU A 40 -3.70 -2.82 -2.76
CA GLU A 40 -4.58 -1.99 -3.59
C GLU A 40 -4.78 -0.61 -2.94
N ASP A 41 -4.90 0.41 -3.79
CA ASP A 41 -5.10 1.83 -3.40
C ASP A 41 -3.99 2.29 -2.41
N VAL A 42 -2.74 1.94 -2.76
CA VAL A 42 -1.56 2.26 -1.92
C VAL A 42 -1.35 3.78 -1.87
N GLN A 43 -1.29 4.35 -0.66
CA GLN A 43 -1.12 5.79 -0.44
C GLN A 43 0.09 6.01 0.49
N THR A 44 0.69 7.21 0.42
CA THR A 44 1.82 7.56 1.28
C THR A 44 1.31 8.01 2.66
N SER A 45 1.79 7.36 3.70
CA SER A 45 1.40 7.66 5.09
C SER A 45 2.14 8.92 5.59
N ARG A 46 1.58 9.55 6.65
CA ARG A 46 2.17 10.73 7.32
C ARG A 46 3.63 10.46 7.75
N GLU A 47 3.91 9.20 8.10
CA GLU A 47 5.25 8.74 8.47
C GLU A 47 6.08 8.46 7.19
N PRO A 48 7.22 9.21 6.97
CA PRO A 48 8.13 8.96 5.82
C PRO A 48 8.72 7.54 5.86
N GLY A 49 8.42 6.75 4.82
CA GLY A 49 8.87 5.35 4.73
C GLY A 49 7.78 4.34 5.09
N TRP A 50 6.60 4.84 5.51
CA TRP A 50 5.41 4.01 5.76
C TRP A 50 4.35 4.32 4.71
N LEU A 51 3.65 3.27 4.27
CA LEU A 51 2.58 3.35 3.26
C LEU A 51 1.30 2.74 3.85
N GLU A 52 0.14 3.11 3.32
CA GLU A 52 -1.15 2.52 3.71
C GLU A 52 -1.81 1.92 2.47
N GLY A 53 -2.05 0.60 2.52
CA GLY A 53 -2.50 -0.18 1.37
C GLY A 53 -3.51 -1.24 1.79
N THR A 54 -4.35 -1.68 0.85
CA THR A 54 -5.42 -2.65 1.13
C THR A 54 -4.92 -4.07 0.88
N LEU A 55 -4.99 -4.92 1.91
CA LEU A 55 -4.58 -6.32 1.86
C LEU A 55 -5.71 -7.18 2.46
N ASN A 56 -6.36 -8.00 1.60
CA ASN A 56 -7.50 -8.86 1.99
C ASN A 56 -8.70 -8.05 2.53
N GLY A 57 -8.81 -6.79 2.05
CA GLY A 57 -9.88 -5.88 2.44
C GLY A 57 -9.55 -5.04 3.67
N LYS A 58 -8.26 -5.05 4.07
CA LYS A 58 -7.79 -4.40 5.32
C LYS A 58 -6.60 -3.47 5.04
N ARG A 59 -6.72 -2.22 5.46
CA ARG A 59 -5.69 -1.18 5.24
C ARG A 59 -4.84 -1.01 6.50
N GLY A 60 -3.55 -0.73 6.31
CA GLY A 60 -2.64 -0.44 7.44
C GLY A 60 -1.25 -0.07 6.98
N LEU A 61 -0.36 0.13 7.97
CA LEU A 61 1.02 0.58 7.74
C LEU A 61 1.89 -0.55 7.14
N ILE A 62 2.49 -0.23 6.02
CA ILE A 62 3.34 -1.12 5.24
C ILE A 62 4.76 -0.52 5.19
N PRO A 63 5.82 -1.33 5.46
CA PRO A 63 7.21 -0.88 5.24
C PRO A 63 7.46 -0.69 3.72
N GLN A 64 7.88 0.53 3.35
CA GLN A 64 8.05 0.97 1.94
C GLN A 64 9.15 0.16 1.22
N ASN A 65 10.26 -0.11 1.92
CA ASN A 65 11.39 -0.92 1.37
C ASN A 65 10.96 -2.40 1.14
N TYR A 66 9.95 -2.86 1.91
CA TYR A 66 9.45 -4.24 1.84
C TYR A 66 8.49 -4.46 0.66
N VAL A 67 8.09 -3.37 -0.02
CA VAL A 67 7.17 -3.43 -1.18
C VAL A 67 7.74 -2.74 -2.42
N LYS A 68 7.16 -3.12 -3.56
CA LYS A 68 7.55 -2.64 -4.89
C LYS A 68 6.32 -1.96 -5.50
N LEU A 69 6.37 -0.63 -5.68
CA LEU A 69 5.21 0.15 -6.15
C LEU A 69 4.98 -0.08 -7.65
N LEU A 70 3.87 -0.75 -7.96
CA LEU A 70 3.48 -1.13 -9.32
C LEU A 70 2.63 0.00 -9.95
N MET A 1 -17.90 4.59 -4.51
CA MET A 1 -18.64 5.85 -4.32
C MET A 1 -17.67 7.02 -4.08
N GLY A 2 -17.95 8.18 -4.68
CA GLY A 2 -17.12 9.39 -4.54
C GLY A 2 -17.50 10.21 -3.30
N HIS A 3 -17.13 9.70 -2.11
CA HIS A 3 -17.36 10.40 -0.82
C HIS A 3 -16.36 11.57 -0.68
N HIS A 4 -16.86 12.75 -0.29
CA HIS A 4 -16.03 13.96 -0.14
C HIS A 4 -16.49 14.80 1.07
N HIS A 5 -16.51 14.16 2.25
CA HIS A 5 -16.67 14.87 3.54
C HIS A 5 -15.50 15.84 3.76
N HIS A 6 -14.35 15.46 3.21
CA HIS A 6 -13.19 16.34 3.07
C HIS A 6 -13.31 17.05 1.71
N HIS A 7 -13.46 18.39 1.72
CA HIS A 7 -13.57 19.20 0.48
C HIS A 7 -12.31 19.01 -0.37
N HIS A 8 -11.15 18.96 0.32
CA HIS A 8 -9.89 18.48 -0.28
C HIS A 8 -9.87 16.94 -0.16
N SER A 9 -10.47 16.29 -1.17
CA SER A 9 -10.47 14.84 -1.32
C SER A 9 -9.07 14.33 -1.73
N HIS A 10 -8.89 13.01 -1.71
CA HIS A 10 -7.63 12.33 -2.03
C HIS A 10 -7.46 12.30 -3.56
N MET A 11 -6.92 13.39 -4.13
CA MET A 11 -6.81 13.61 -5.58
C MET A 11 -5.40 13.29 -6.11
N ILE A 12 -5.37 12.69 -7.33
CA ILE A 12 -4.17 12.31 -8.08
C ILE A 12 -3.17 11.53 -7.20
N ARG A 13 -3.44 10.23 -7.02
CA ARG A 13 -2.62 9.31 -6.21
C ARG A 13 -3.13 7.87 -6.38
N SER A 14 -2.75 6.99 -5.42
CA SER A 14 -3.23 5.61 -5.29
C SER A 14 -2.47 4.67 -6.25
N ARG A 15 -1.90 3.61 -5.68
CA ARG A 15 -1.01 2.65 -6.36
C ARG A 15 -1.42 1.23 -6.01
N LYS A 16 -0.79 0.26 -6.66
CA LYS A 16 -0.73 -1.11 -6.13
C LYS A 16 0.65 -1.30 -5.51
N ALA A 17 0.88 -2.48 -4.96
CA ALA A 17 2.20 -2.90 -4.47
C ALA A 17 2.31 -4.41 -4.52
N ARG A 18 3.54 -4.90 -4.47
CA ARG A 18 3.84 -6.33 -4.36
C ARG A 18 4.86 -6.49 -3.25
N ALA A 19 4.53 -7.28 -2.23
CA ALA A 19 5.44 -7.57 -1.12
C ALA A 19 6.66 -8.33 -1.66
N VAL A 20 7.82 -7.67 -1.63
CA VAL A 20 9.09 -8.25 -2.08
C VAL A 20 9.85 -8.80 -0.87
N TYR A 21 9.52 -8.29 0.34
CA TYR A 21 10.02 -8.82 1.62
C TYR A 21 8.83 -9.24 2.50
N PRO A 22 9.02 -10.28 3.38
CA PRO A 22 8.00 -10.68 4.37
C PRO A 22 7.89 -9.66 5.53
N CYS A 23 6.80 -9.74 6.28
CA CYS A 23 6.48 -8.81 7.36
C CYS A 23 5.50 -9.48 8.32
N GLU A 24 6.05 -10.19 9.31
CA GLU A 24 5.28 -10.73 10.43
C GLU A 24 5.00 -9.57 11.42
N ALA A 25 4.02 -8.72 11.06
CA ALA A 25 3.68 -7.51 11.85
C ALA A 25 2.85 -7.92 13.06
N GLU A 26 3.32 -7.54 14.24
CA GLU A 26 2.62 -7.84 15.52
C GLU A 26 1.87 -6.60 16.01
N HIS A 27 1.96 -5.50 15.25
CA HIS A 27 1.41 -4.20 15.62
C HIS A 27 -0.01 -4.02 15.09
N SER A 28 -0.76 -3.11 15.73
CA SER A 28 -2.15 -2.82 15.39
C SER A 28 -2.24 -2.09 14.04
N SER A 29 -1.46 -1.01 13.94
CA SER A 29 -1.42 -0.13 12.75
C SER A 29 -0.86 -0.87 11.52
N GLU A 30 0.18 -1.70 11.74
CA GLU A 30 0.93 -2.35 10.67
C GLU A 30 0.16 -3.56 10.09
N LEU A 31 0.28 -3.74 8.77
CA LEU A 31 -0.25 -4.92 8.07
C LEU A 31 0.78 -6.03 8.05
N SER A 32 0.30 -7.24 8.26
CA SER A 32 1.09 -8.47 8.13
C SER A 32 1.02 -8.96 6.68
N PHE A 33 2.15 -9.38 6.11
CA PHE A 33 2.22 -9.87 4.72
C PHE A 33 3.47 -10.73 4.47
N GLU A 34 3.45 -11.44 3.34
CA GLU A 34 4.57 -12.28 2.85
C GLU A 34 4.78 -12.01 1.35
N ILE A 35 5.93 -12.46 0.83
CA ILE A 35 6.36 -12.25 -0.56
C ILE A 35 5.31 -12.79 -1.57
N GLY A 36 4.71 -11.88 -2.35
CA GLY A 36 3.70 -12.23 -3.36
C GLY A 36 2.36 -11.57 -3.11
N ALA A 37 2.21 -10.95 -1.91
CA ALA A 37 1.00 -10.22 -1.52
C ALA A 37 0.85 -8.95 -2.37
N ILE A 38 -0.14 -8.95 -3.27
CA ILE A 38 -0.50 -7.75 -4.05
C ILE A 38 -1.45 -6.87 -3.20
N PHE A 39 -1.07 -5.59 -3.05
CA PHE A 39 -1.86 -4.57 -2.34
C PHE A 39 -2.48 -3.63 -3.37
N GLU A 40 -3.56 -2.94 -2.97
CA GLU A 40 -4.28 -1.99 -3.84
C GLU A 40 -4.61 -0.72 -3.03
N ASP A 41 -4.75 0.41 -3.74
CA ASP A 41 -5.05 1.74 -3.15
C ASP A 41 -3.92 2.21 -2.16
N VAL A 42 -2.68 1.83 -2.52
CA VAL A 42 -1.49 2.19 -1.73
C VAL A 42 -1.18 3.70 -1.91
N GLN A 43 -1.17 4.44 -0.80
CA GLN A 43 -1.00 5.91 -0.78
C GLN A 43 0.12 6.26 0.21
N THR A 44 0.61 7.50 0.19
CA THR A 44 1.76 7.92 1.02
C THR A 44 1.28 8.44 2.38
N SER A 45 1.74 7.82 3.45
CA SER A 45 1.37 8.18 4.84
C SER A 45 2.29 9.26 5.38
N ARG A 46 1.84 9.95 6.45
CA ARG A 46 2.57 11.04 7.12
C ARG A 46 3.90 10.53 7.70
N GLU A 47 3.92 9.24 8.10
CA GLU A 47 5.11 8.60 8.67
C GLU A 47 6.18 8.39 7.58
N PRO A 48 7.49 8.55 7.95
CA PRO A 48 8.61 8.44 6.99
C PRO A 48 8.79 7.01 6.45
N GLY A 49 8.49 6.83 5.16
CA GLY A 49 8.64 5.54 4.47
C GLY A 49 7.56 4.53 4.84
N TRP A 50 6.40 5.04 5.27
CA TRP A 50 5.20 4.22 5.51
C TRP A 50 4.12 4.61 4.52
N LEU A 51 3.33 3.61 4.10
CA LEU A 51 2.26 3.76 3.12
C LEU A 51 0.97 3.11 3.69
N GLU A 52 -0.21 3.53 3.24
CA GLU A 52 -1.47 2.81 3.55
C GLU A 52 -1.92 2.05 2.32
N GLY A 53 -2.06 0.74 2.46
CA GLY A 53 -2.44 -0.14 1.36
C GLY A 53 -3.47 -1.13 1.82
N THR A 54 -4.26 -1.66 0.89
CA THR A 54 -5.32 -2.63 1.19
C THR A 54 -4.83 -4.03 0.78
N LEU A 55 -4.80 -4.96 1.76
CA LEU A 55 -4.47 -6.37 1.53
C LEU A 55 -5.73 -7.19 1.77
N ASN A 56 -6.26 -7.79 0.67
CA ASN A 56 -7.50 -8.57 0.61
C ASN A 56 -8.75 -7.67 0.77
N GLY A 57 -8.84 -7.02 1.94
CA GLY A 57 -9.84 -5.99 2.20
C GLY A 57 -9.53 -5.22 3.49
N LYS A 58 -8.23 -5.10 3.83
CA LYS A 58 -7.78 -4.49 5.11
C LYS A 58 -6.72 -3.40 4.84
N ARG A 59 -6.97 -2.18 5.32
CA ARG A 59 -6.05 -1.04 5.16
C ARG A 59 -5.15 -0.92 6.41
N GLY A 60 -3.89 -0.50 6.21
CA GLY A 60 -2.98 -0.21 7.32
C GLY A 60 -1.59 0.18 6.83
N LEU A 61 -0.67 0.38 7.79
CA LEU A 61 0.70 0.81 7.53
C LEU A 61 1.52 -0.34 6.94
N ILE A 62 2.16 -0.04 5.81
CA ILE A 62 3.04 -0.94 5.10
C ILE A 62 4.42 -0.28 5.03
N PRO A 63 5.53 -1.00 5.39
CA PRO A 63 6.89 -0.52 5.14
C PRO A 63 7.16 -0.46 3.62
N GLN A 64 7.46 0.74 3.11
CA GLN A 64 7.64 1.03 1.67
C GLN A 64 8.75 0.15 1.05
N ASN A 65 9.83 -0.02 1.83
CA ASN A 65 11.02 -0.83 1.45
C ASN A 65 10.66 -2.33 1.30
N TYR A 66 9.63 -2.79 2.05
CA TYR A 66 9.16 -4.20 2.01
C TYR A 66 8.30 -4.50 0.78
N VAL A 67 7.86 -3.45 0.08
CA VAL A 67 7.00 -3.58 -1.12
C VAL A 67 7.60 -2.86 -2.32
N LYS A 68 7.03 -3.13 -3.48
CA LYS A 68 7.38 -2.49 -4.75
C LYS A 68 6.08 -1.93 -5.33
N LEU A 69 5.97 -0.59 -5.42
CA LEU A 69 4.75 0.10 -5.88
C LEU A 69 4.50 -0.20 -7.36
N LEU A 70 3.44 -0.99 -7.62
CA LEU A 70 3.03 -1.37 -8.97
C LEU A 70 2.11 -0.26 -9.54
N MET A 1 4.25 30.21 -3.56
CA MET A 1 4.51 29.60 -2.23
C MET A 1 3.66 28.33 -2.12
N GLY A 2 4.31 27.22 -1.73
CA GLY A 2 3.66 25.91 -1.66
C GLY A 2 3.99 25.08 -2.89
N HIS A 3 2.98 24.74 -3.70
CA HIS A 3 3.13 23.91 -4.90
C HIS A 3 2.26 24.48 -6.03
N HIS A 4 2.89 24.79 -7.19
CA HIS A 4 2.17 25.22 -8.42
C HIS A 4 1.42 24.01 -9.00
N HIS A 5 2.13 22.88 -9.05
CA HIS A 5 1.57 21.58 -9.43
C HIS A 5 0.81 20.99 -8.24
N HIS A 6 -0.46 20.63 -8.48
CA HIS A 6 -1.30 19.96 -7.47
C HIS A 6 -0.74 18.55 -7.24
N HIS A 7 -0.98 17.99 -6.04
CA HIS A 7 -0.48 16.66 -5.65
C HIS A 7 -0.97 15.60 -6.67
N HIS A 8 -2.29 15.57 -6.88
CA HIS A 8 -2.93 14.82 -7.96
C HIS A 8 -3.56 15.84 -8.89
N SER A 9 -2.83 16.22 -9.97
CA SER A 9 -3.28 17.22 -10.95
C SER A 9 -4.22 16.57 -11.98
N HIS A 10 -5.35 15.99 -11.48
CA HIS A 10 -6.28 15.14 -12.26
C HIS A 10 -5.58 13.82 -12.69
N MET A 11 -6.30 12.69 -12.57
CA MET A 11 -5.77 11.31 -12.80
C MET A 11 -4.80 10.90 -11.67
N ILE A 12 -4.33 9.62 -11.73
CA ILE A 12 -3.45 9.02 -10.70
C ILE A 12 -4.18 8.92 -9.34
N ARG A 13 -4.95 7.83 -9.19
CA ARG A 13 -5.81 7.58 -8.00
C ARG A 13 -6.11 6.07 -7.83
N SER A 14 -5.31 5.24 -8.49
CA SER A 14 -5.42 3.77 -8.42
C SER A 14 -3.99 3.19 -8.42
N ARG A 15 -3.52 2.78 -7.23
CA ARG A 15 -2.13 2.29 -7.04
C ARG A 15 -2.13 0.80 -6.76
N LYS A 16 -1.04 0.13 -7.14
CA LYS A 16 -0.78 -1.26 -6.76
C LYS A 16 0.61 -1.36 -6.11
N ALA A 17 0.84 -2.48 -5.43
CA ALA A 17 2.14 -2.83 -4.85
C ALA A 17 2.26 -4.35 -4.77
N ARG A 18 3.49 -4.84 -4.72
CA ARG A 18 3.78 -6.27 -4.56
C ARG A 18 4.85 -6.40 -3.49
N ALA A 19 4.52 -7.17 -2.44
CA ALA A 19 5.41 -7.45 -1.31
C ALA A 19 6.64 -8.20 -1.79
N VAL A 20 7.80 -7.56 -1.71
CA VAL A 20 9.09 -8.15 -2.11
C VAL A 20 9.79 -8.78 -0.90
N TYR A 21 9.35 -8.43 0.31
CA TYR A 21 9.83 -9.02 1.57
C TYR A 21 8.62 -9.29 2.48
N PRO A 22 8.66 -10.36 3.34
CA PRO A 22 7.58 -10.63 4.31
C PRO A 22 7.62 -9.65 5.50
N CYS A 23 6.45 -9.35 6.05
CA CYS A 23 6.29 -8.42 7.18
C CYS A 23 5.37 -9.02 8.24
N GLU A 24 5.60 -8.64 9.49
CA GLU A 24 4.72 -8.94 10.62
C GLU A 24 4.31 -7.62 11.27
N ALA A 25 3.00 -7.48 11.51
CA ALA A 25 2.42 -6.26 12.11
C ALA A 25 3.02 -6.00 13.50
N GLU A 26 3.95 -5.04 13.56
CA GLU A 26 4.82 -4.81 14.73
C GLU A 26 4.03 -4.46 16.01
N HIS A 27 2.96 -3.67 15.86
CA HIS A 27 2.15 -3.20 17.01
C HIS A 27 0.66 -3.49 16.76
N SER A 28 0.04 -2.76 15.80
CA SER A 28 -1.41 -2.83 15.61
C SER A 28 -1.81 -2.36 14.19
N SER A 29 -1.49 -1.09 13.87
CA SER A 29 -1.91 -0.44 12.59
C SER A 29 -1.24 -1.06 11.36
N GLU A 30 -0.12 -1.76 11.60
CA GLU A 30 0.72 -2.36 10.57
C GLU A 30 0.02 -3.56 9.91
N LEU A 31 0.45 -3.90 8.68
CA LEU A 31 -0.03 -5.09 7.96
C LEU A 31 1.03 -6.18 7.97
N SER A 32 0.56 -7.41 8.17
CA SER A 32 1.37 -8.64 8.07
C SER A 32 1.13 -9.25 6.67
N PHE A 33 2.21 -9.76 6.05
CA PHE A 33 2.18 -10.28 4.67
C PHE A 33 3.45 -11.08 4.35
N GLU A 34 3.50 -11.63 3.14
CA GLU A 34 4.63 -12.42 2.61
C GLU A 34 4.91 -12.01 1.15
N ILE A 35 6.03 -12.52 0.59
CA ILE A 35 6.49 -12.19 -0.77
C ILE A 35 5.46 -12.61 -1.82
N GLY A 36 4.81 -11.60 -2.44
CA GLY A 36 3.84 -11.79 -3.51
C GLY A 36 2.55 -11.04 -3.26
N ALA A 37 2.30 -10.65 -2.00
CA ALA A 37 1.07 -9.97 -1.55
C ALA A 37 0.87 -8.66 -2.32
N ILE A 38 -0.20 -8.61 -3.12
CA ILE A 38 -0.57 -7.39 -3.88
C ILE A 38 -1.45 -6.50 -2.99
N PHE A 39 -1.19 -5.19 -3.01
CA PHE A 39 -1.93 -4.18 -2.23
C PHE A 39 -2.55 -3.16 -3.19
N GLU A 40 -3.77 -2.71 -2.87
CA GLU A 40 -4.52 -1.75 -3.69
C GLU A 40 -4.58 -0.38 -3.02
N ASP A 41 -4.62 0.65 -3.88
CA ASP A 41 -4.72 2.08 -3.49
C ASP A 41 -3.64 2.49 -2.48
N VAL A 42 -2.41 2.05 -2.75
CA VAL A 42 -1.26 2.32 -1.87
C VAL A 42 -0.85 3.80 -1.99
N GLN A 43 -0.86 4.50 -0.86
CA GLN A 43 -0.59 5.95 -0.78
C GLN A 43 0.43 6.18 0.33
N THR A 44 1.12 7.33 0.29
CA THR A 44 2.14 7.65 1.30
C THR A 44 1.44 8.05 2.61
N SER A 45 1.91 7.50 3.73
CA SER A 45 1.34 7.73 5.06
C SER A 45 2.06 8.91 5.72
N ARG A 46 1.50 9.40 6.84
CA ARG A 46 2.12 10.43 7.68
C ARG A 46 3.36 9.87 8.40
N GLU A 47 3.35 8.55 8.69
CA GLU A 47 4.51 7.84 9.25
C GLU A 47 5.65 7.77 8.20
N PRO A 48 6.92 8.19 8.57
CA PRO A 48 8.06 8.27 7.61
C PRO A 48 8.54 6.87 7.16
N GLY A 49 8.51 6.64 5.83
CA GLY A 49 8.89 5.37 5.24
C GLY A 49 7.75 4.34 5.25
N TRP A 50 6.56 4.76 5.69
CA TRP A 50 5.36 3.90 5.73
C TRP A 50 4.36 4.35 4.64
N LEU A 51 3.77 3.36 3.98
CA LEU A 51 2.70 3.55 2.98
C LEU A 51 1.44 2.86 3.52
N GLU A 52 0.25 3.37 3.22
CA GLU A 52 -1.02 2.68 3.55
C GLU A 52 -1.53 1.99 2.30
N GLY A 53 -2.03 0.78 2.44
CA GLY A 53 -2.56 0.01 1.32
C GLY A 53 -3.54 -1.04 1.79
N THR A 54 -4.33 -1.56 0.84
CA THR A 54 -5.42 -2.48 1.13
C THR A 54 -5.00 -3.93 0.76
N LEU A 55 -5.04 -4.84 1.74
CA LEU A 55 -4.67 -6.25 1.57
C LEU A 55 -5.88 -7.12 1.90
N ASN A 56 -6.51 -7.67 0.84
CA ASN A 56 -7.72 -8.53 0.93
C ASN A 56 -8.93 -7.78 1.54
N GLY A 57 -8.86 -6.43 1.57
CA GLY A 57 -9.88 -5.58 2.19
C GLY A 57 -9.37 -4.82 3.42
N LYS A 58 -8.27 -5.34 4.01
CA LYS A 58 -7.68 -4.81 5.26
C LYS A 58 -6.60 -3.74 4.96
N ARG A 59 -6.88 -2.50 5.32
CA ARG A 59 -5.97 -1.34 5.10
C ARG A 59 -5.15 -1.08 6.38
N GLY A 60 -3.88 -0.68 6.19
CA GLY A 60 -3.03 -0.24 7.30
C GLY A 60 -1.62 0.11 6.84
N LEU A 61 -0.72 0.29 7.81
CA LEU A 61 0.67 0.70 7.57
C LEU A 61 1.50 -0.45 7.01
N ILE A 62 2.19 -0.15 5.92
CA ILE A 62 3.01 -1.08 5.17
C ILE A 62 4.45 -0.54 5.14
N PRO A 63 5.48 -1.38 5.44
CA PRO A 63 6.89 -0.97 5.27
C PRO A 63 7.25 -0.84 3.77
N GLN A 64 7.61 0.39 3.38
CA GLN A 64 7.94 0.79 1.98
C GLN A 64 9.05 -0.10 1.37
N ASN A 65 10.05 -0.44 2.20
CA ASN A 65 11.19 -1.29 1.83
C ASN A 65 10.73 -2.74 1.54
N TYR A 66 9.69 -3.20 2.26
CA TYR A 66 9.17 -4.58 2.15
C TYR A 66 8.21 -4.75 0.97
N VAL A 67 7.87 -3.65 0.27
CA VAL A 67 6.98 -3.69 -0.93
C VAL A 67 7.58 -2.92 -2.10
N LYS A 68 6.96 -3.10 -3.27
CA LYS A 68 7.37 -2.48 -4.53
C LYS A 68 6.11 -2.03 -5.29
N LEU A 69 5.93 -0.71 -5.40
CA LEU A 69 4.77 -0.13 -6.10
C LEU A 69 4.74 -0.57 -7.57
N LEU A 70 3.62 -1.19 -7.98
CA LEU A 70 3.39 -1.60 -9.37
C LEU A 70 2.75 -0.42 -10.13
#